data_5ABE
#
_entry.id   5ABE
#
_cell.length_a   51.572
_cell.length_b   159.605
_cell.length_c   223.121
_cell.angle_alpha   90.00
_cell.angle_beta   90.00
_cell.angle_gamma   90.00
#
_symmetry.space_group_name_H-M   'P 2 21 21'
#
loop_
_entity.id
_entity.type
_entity.pdbx_description
1 polymer 'O-GLCNACASE BT_4395'
2 non-polymer 2-[(2S,3S,4R,5R)-5-(hydroxymethyl)-3,4-bis(oxidanyl)-1-pentyl-pyrrolidin-2-yl]-N-methyl-ethanamide
3 non-polymer 'CALCIUM ION'
4 water water
#
_entity_poly.entity_id   1
_entity_poly.type   'polypeptide(L)'
_entity_poly.pdbx_seq_one_letter_code
;MGSSHHHHHHQNVSLQPPPQQLIVQNKTIDLPAVYQLNGGEEANPHAVKVLKELLSGKQSSKKGMLISIGEKGDKSVRKY
SRQIPDHKEGYYLSVNEKEIVLAGNDERGTYYALQTFAQLLKDGKLPEVEIKDYPSVRYRGVVEGFYGTPWSHQARLSQL
KFYGKNKMNTYIYGPKDDPYHSAPNWRLPYPDKEAAQLQELVAVANENEVDFVWAIHPGQDIKWNKEDRDLLLAKFEKMY
QLGVRSFAVFFDDISGEGTNPQKQAELLNYIDEKFAQVKPDINQLVMCPTEYNKSWSNPNGNYLTTLGDKLNPSIQIMWT
GDRVISDITRDGISWINERIKRPAYIWWNFPVSDYVRDHLLLGPVYGNDTTIAKEMSGFVTNPMEHAESSKIAIYSVASY
AWNPAKYDTWQTWKDAIRTILPSAAEELECFAMHNSDLGPNGHGYRREESMDIQPAAERFLKAFKEGKNYDKADFETLQY
TFERMKESADILLMNTENKPLIVEITPWVHQFKLTAEMGEEVLKMVEGRNESYFLRKYNHVKALQQQMFYIDQTSNQNPY
QPGVKTATRVIKPLIDRTFATVVKFFNQKFNAHLDATTDYMPHKMISNVEQIKNLPLQVKANRVLISPANEVVKWAAGNS
VEIELDAIYPGENIQINFGKDAPCTWGRLEISTDGKEWKTVDLKQKESRLSAGLQKAPVKFVRFTNVSDEEQQVYLRQFV
LTIEKK
;
_entity_poly.pdbx_strand_id   A,B
#
# COMPACT_ATOMS: atom_id res chain seq x y z
N VAL A 13 17.39 -16.14 34.05
CA VAL A 13 16.78 -14.94 33.41
C VAL A 13 17.84 -13.87 33.17
N SER A 14 17.69 -13.09 32.08
CA SER A 14 18.46 -11.85 31.92
C SER A 14 17.67 -10.69 32.59
N LEU A 15 17.91 -10.55 33.89
CA LEU A 15 17.40 -9.47 34.70
C LEU A 15 17.83 -8.15 34.12
N GLN A 16 16.85 -7.25 33.87
CA GLN A 16 17.11 -5.93 33.30
C GLN A 16 16.35 -4.86 34.07
N PRO A 17 17.04 -3.81 34.56
CA PRO A 17 18.52 -3.77 34.62
C PRO A 17 19.16 -4.86 35.54
N PRO A 18 20.47 -5.15 35.30
CA PRO A 18 21.15 -6.18 36.08
C PRO A 18 21.40 -5.68 37.52
N PRO A 19 21.08 -6.50 38.53
CA PRO A 19 21.23 -5.92 39.90
C PRO A 19 22.69 -5.63 40.28
N GLN A 20 22.91 -4.81 41.30
CA GLN A 20 24.29 -4.51 41.75
C GLN A 20 24.98 -5.77 42.28
N GLN A 21 24.26 -6.61 43.00
CA GLN A 21 24.84 -7.80 43.53
C GLN A 21 23.80 -8.87 43.51
N LEU A 22 24.22 -10.03 43.05
CA LEU A 22 23.30 -11.11 42.86
C LEU A 22 24.06 -12.36 43.23
N ILE A 23 23.47 -13.22 44.07
CA ILE A 23 23.97 -14.59 44.31
C ILE A 23 22.82 -15.57 44.09
N VAL A 24 23.04 -16.56 43.21
CA VAL A 24 22.02 -17.57 42.84
C VAL A 24 22.50 -18.98 43.20
N GLN A 25 21.55 -19.82 43.63
CA GLN A 25 21.79 -21.22 44.00
C GLN A 25 21.00 -22.09 43.04
N ASN A 26 21.55 -23.24 42.64
CA ASN A 26 20.83 -24.15 41.73
C ASN A 26 19.66 -24.85 42.42
N LYS A 27 18.60 -24.10 42.70
CA LYS A 27 17.47 -24.58 43.47
C LYS A 27 16.29 -23.66 43.20
N THR A 28 15.19 -24.21 42.72
CA THR A 28 14.01 -23.42 42.44
C THR A 28 12.92 -23.74 43.44
N ILE A 29 12.10 -22.75 43.73
CA ILE A 29 11.03 -22.88 44.70
C ILE A 29 9.76 -22.41 44.04
N ASP A 30 8.73 -23.23 44.08
CA ASP A 30 7.46 -22.87 43.46
C ASP A 30 6.89 -21.63 44.13
N LEU A 31 6.21 -20.82 43.34
CA LEU A 31 5.43 -19.71 43.82
C LEU A 31 4.34 -20.31 44.69
N PRO A 32 4.40 -20.07 46.00
CA PRO A 32 3.61 -20.85 46.94
C PRO A 32 2.09 -20.79 46.67
N ALA A 33 1.45 -21.95 46.64
CA ALA A 33 -0.03 -22.03 46.62
C ALA A 33 -0.65 -21.34 47.84
N VAL A 34 0.08 -21.38 48.98
CA VAL A 34 -0.38 -20.85 50.28
C VAL A 34 0.65 -19.86 50.87
N TYR A 35 0.24 -18.59 51.01
CA TYR A 35 1.14 -17.53 51.48
C TYR A 35 0.56 -16.73 52.67
N GLN A 36 1.43 -16.32 53.59
CA GLN A 36 1.09 -15.32 54.60
C GLN A 36 1.77 -14.04 54.18
N LEU A 37 0.98 -12.99 53.94
CA LEU A 37 1.50 -11.67 53.51
C LEU A 37 1.75 -10.81 54.71
N ASN A 38 3.01 -10.46 54.94
CA ASN A 38 3.36 -9.60 56.04
C ASN A 38 3.73 -8.20 55.55
N GLY A 39 2.89 -7.21 55.86
CA GLY A 39 3.18 -5.81 55.57
C GLY A 39 2.49 -5.16 54.38
N GLY A 40 1.57 -5.87 53.74
CA GLY A 40 0.63 -5.34 52.76
C GLY A 40 -0.11 -4.05 53.11
N GLU A 41 -0.36 -3.80 54.39
CA GLU A 41 -1.02 -2.55 54.78
C GLU A 41 -0.03 -1.36 54.99
N GLU A 42 1.27 -1.61 55.13
CA GLU A 42 2.27 -0.53 55.39
C GLU A 42 3.27 -0.28 54.24
N ALA A 43 3.41 -1.25 53.33
CA ALA A 43 4.37 -1.13 52.23
C ALA A 43 3.80 -0.25 51.14
N ASN A 44 4.69 0.17 50.25
CA ASN A 44 4.33 1.01 49.09
C ASN A 44 3.16 0.36 48.41
N PRO A 45 1.98 1.02 48.39
CA PRO A 45 0.81 0.32 47.83
C PRO A 45 0.91 0.04 46.31
N HIS A 46 1.79 0.72 45.61
CA HIS A 46 2.04 0.40 44.18
C HIS A 46 2.82 -0.90 44.08
N ALA A 47 3.70 -1.14 45.04
CA ALA A 47 4.42 -2.41 45.10
C ALA A 47 3.47 -3.55 45.51
N VAL A 48 2.58 -3.30 46.46
CA VAL A 48 1.65 -4.33 46.92
C VAL A 48 0.69 -4.73 45.80
N LYS A 49 0.15 -3.77 45.07
CA LYS A 49 -0.68 -4.06 43.89
C LYS A 49 0.03 -5.00 42.88
N VAL A 50 1.30 -4.73 42.57
CA VAL A 50 2.07 -5.64 41.71
C VAL A 50 2.19 -7.05 42.31
N LEU A 51 2.45 -7.16 43.61
CA LEU A 51 2.61 -8.48 44.25
C LEU A 51 1.31 -9.29 44.20
N LYS A 52 0.20 -8.61 44.52
CA LYS A 52 -1.13 -9.21 44.51
C LYS A 52 -1.60 -9.67 43.12
N GLU A 53 -1.19 -8.99 42.05
CA GLU A 53 -1.42 -9.51 40.70
C GLU A 53 -0.62 -10.76 40.44
N LEU A 54 0.67 -10.73 40.80
CA LEU A 54 1.52 -11.93 40.68
C LEU A 54 1.06 -13.14 41.50
N LEU A 55 0.26 -12.91 42.54
CA LEU A 55 -0.24 -13.95 43.44
C LEU A 55 -1.73 -14.30 43.28
N SER A 56 -2.41 -13.81 42.24
CA SER A 56 -3.81 -14.21 41.98
C SER A 56 -3.92 -15.71 41.74
N GLY A 57 -4.93 -16.33 42.33
CA GLY A 57 -5.11 -17.78 42.24
C GLY A 57 -4.48 -18.54 43.39
N LYS A 58 -3.49 -17.95 44.05
CA LYS A 58 -2.86 -18.54 45.24
C LYS A 58 -3.65 -18.10 46.48
N GLN A 59 -3.55 -18.87 47.56
CA GLN A 59 -4.35 -18.62 48.76
C GLN A 59 -3.61 -17.77 49.77
N SER A 60 -4.34 -16.79 50.30
CA SER A 60 -3.92 -16.01 51.46
C SER A 60 -4.44 -16.68 52.73
N SER A 61 -3.58 -16.76 53.74
CA SER A 61 -3.97 -17.11 55.11
C SER A 61 -2.73 -16.97 56.00
N LYS A 62 -2.95 -17.10 57.32
CA LYS A 62 -1.84 -17.00 58.28
C LYS A 62 -0.92 -18.24 58.28
N LYS A 63 -1.36 -19.36 57.68
CA LYS A 63 -0.48 -20.51 57.47
C LYS A 63 0.44 -20.28 56.26
N GLY A 64 1.31 -21.26 56.01
CA GLY A 64 2.09 -21.29 54.78
C GLY A 64 3.13 -20.20 54.63
N MET A 65 3.74 -20.16 53.45
CA MET A 65 5.02 -19.45 53.25
C MET A 65 4.93 -17.93 53.43
N LEU A 66 5.81 -17.41 54.28
CA LEU A 66 5.84 -15.98 54.62
C LEU A 66 6.41 -15.19 53.43
N ILE A 67 5.77 -14.06 53.14
CA ILE A 67 6.24 -13.11 52.14
C ILE A 67 6.35 -11.76 52.82
N SER A 68 7.58 -11.28 53.01
CA SER A 68 7.79 -10.05 53.79
C SER A 68 8.04 -8.85 52.87
N ILE A 69 7.11 -7.90 52.86
CA ILE A 69 7.22 -6.70 52.05
C ILE A 69 7.08 -5.44 52.89
N GLY A 70 7.95 -4.47 52.65
CA GLY A 70 7.94 -3.20 53.35
C GLY A 70 9.17 -2.36 53.08
N GLU A 71 9.15 -1.13 53.57
CA GLU A 71 10.27 -0.21 53.52
C GLU A 71 11.03 -0.23 54.84
N LYS A 72 12.36 -0.11 54.78
CA LYS A 72 13.22 -0.12 55.96
C LYS A 72 12.60 0.74 57.06
N GLY A 73 12.45 0.19 58.27
CA GLY A 73 11.78 0.87 59.37
C GLY A 73 10.43 0.25 59.67
N ASP A 74 9.69 -0.15 58.63
CA ASP A 74 8.47 -0.94 58.78
C ASP A 74 8.76 -2.24 59.57
N LYS A 75 7.89 -2.59 60.52
CA LYS A 75 8.05 -3.86 61.30
C LYS A 75 8.15 -5.07 60.39
N SER A 76 7.45 -5.05 59.26
CA SER A 76 7.49 -6.18 58.32
C SER A 76 8.91 -6.64 57.93
N VAL A 77 9.86 -5.70 57.91
CA VAL A 77 11.22 -5.96 57.40
C VAL A 77 12.36 -5.43 58.28
N ARG A 78 12.04 -4.89 59.46
CA ARG A 78 13.06 -4.42 60.40
C ARG A 78 14.08 -5.53 60.67
N LYS A 79 13.59 -6.77 60.63
CA LYS A 79 14.44 -7.95 60.65
C LYS A 79 15.67 -7.82 59.71
N TYR A 80 15.41 -7.39 58.45
CA TYR A 80 16.42 -7.42 57.39
C TYR A 80 17.14 -6.09 57.17
N SER A 81 17.07 -5.19 58.15
CA SER A 81 17.59 -3.82 58.00
C SER A 81 19.04 -3.74 57.49
N ARG A 82 19.97 -4.51 58.04
CA ARG A 82 21.38 -4.40 57.66
C ARG A 82 21.66 -5.05 56.28
N GLN A 83 20.72 -5.85 55.76
CA GLN A 83 20.79 -6.34 54.36
C GLN A 83 20.27 -5.34 53.31
N ILE A 84 19.34 -4.47 53.71
CA ILE A 84 18.76 -3.41 52.87
C ILE A 84 19.81 -2.33 52.55
N PRO A 85 20.17 -2.16 51.25
CA PRO A 85 21.22 -1.17 50.97
C PRO A 85 20.78 0.23 51.32
N ASP A 86 21.75 1.09 51.65
CA ASP A 86 21.47 2.44 52.13
C ASP A 86 21.76 3.43 51.01
N HIS A 87 20.93 3.28 49.97
CA HIS A 87 20.88 4.17 48.82
C HIS A 87 19.42 4.50 48.53
N LYS A 88 19.19 5.70 48.02
CA LYS A 88 17.90 6.03 47.38
C LYS A 88 17.49 4.92 46.39
N GLU A 89 16.26 4.43 46.49
CA GLU A 89 15.68 3.41 45.58
C GLU A 89 16.33 2.04 45.65
N GLY A 90 17.13 1.79 46.69
CA GLY A 90 17.78 0.52 46.90
C GLY A 90 16.78 -0.46 47.46
N TYR A 91 17.08 -1.75 47.31
CA TYR A 91 16.29 -2.80 47.90
C TYR A 91 17.08 -4.06 48.15
N TYR A 92 16.51 -4.87 49.05
CA TYR A 92 16.95 -6.21 49.33
C TYR A 92 15.85 -7.15 48.86
N LEU A 93 16.24 -8.18 48.12
CA LEU A 93 15.31 -9.24 47.70
C LEU A 93 15.98 -10.57 48.00
N SER A 94 15.20 -11.49 48.57
CA SER A 94 15.67 -12.82 48.96
C SER A 94 14.57 -13.83 48.67
N VAL A 95 14.97 -14.94 48.05
CA VAL A 95 14.09 -16.06 47.87
C VAL A 95 14.84 -17.29 48.36
N ASN A 96 14.29 -17.95 49.38
CA ASN A 96 14.69 -19.32 49.73
C ASN A 96 13.41 -20.15 49.95
N GLU A 97 13.57 -21.41 50.38
CA GLU A 97 12.39 -22.27 50.56
C GLU A 97 11.59 -21.91 51.81
N LYS A 98 12.18 -21.13 52.71
CA LYS A 98 11.49 -20.68 53.92
C LYS A 98 10.60 -19.47 53.65
N GLU A 99 11.20 -18.42 53.09
CA GLU A 99 10.44 -17.21 52.83
C GLU A 99 10.99 -16.31 51.72
N ILE A 100 10.15 -15.32 51.37
CA ILE A 100 10.48 -14.29 50.42
C ILE A 100 10.52 -12.94 51.14
N VAL A 101 11.57 -12.18 50.84
CA VAL A 101 11.73 -10.84 51.37
C VAL A 101 11.80 -9.86 50.20
N LEU A 102 11.04 -8.77 50.34
CA LEU A 102 10.92 -7.71 49.36
C LEU A 102 10.98 -6.40 50.12
N ALA A 103 12.19 -5.89 50.37
CA ALA A 103 12.40 -4.82 51.32
C ALA A 103 13.13 -3.66 50.67
N GLY A 104 12.42 -2.53 50.52
CA GLY A 104 12.99 -1.35 49.92
C GLY A 104 13.63 -0.47 50.97
N ASN A 105 14.68 0.26 50.58
CA ASN A 105 15.20 1.30 51.43
C ASN A 105 14.20 2.44 51.53
N ASP A 106 13.38 2.61 50.48
CA ASP A 106 12.29 3.59 50.44
C ASP A 106 11.15 2.98 49.61
N GLU A 107 10.09 3.73 49.39
CA GLU A 107 8.92 3.17 48.75
C GLU A 107 9.18 2.78 47.29
N ARG A 108 9.98 3.60 46.64
CA ARG A 108 10.34 3.33 45.30
C ARG A 108 11.20 2.07 45.23
N GLY A 109 12.16 1.94 46.14
CA GLY A 109 12.94 0.70 46.35
C GLY A 109 12.07 -0.58 46.39
N THR A 110 10.97 -0.51 47.11
CA THR A 110 10.10 -1.66 47.27
C THR A 110 9.41 -1.99 45.97
N TYR A 111 8.95 -0.94 45.28
CA TYR A 111 8.38 -1.06 43.95
C TYR A 111 9.41 -1.68 43.00
N TYR A 112 10.67 -1.25 43.08
CA TYR A 112 11.72 -1.79 42.22
C TYR A 112 12.06 -3.21 42.52
N ALA A 113 11.97 -3.61 43.80
CA ALA A 113 12.13 -5.00 44.17
C ALA A 113 11.07 -5.85 43.49
N LEU A 114 9.85 -5.32 43.40
CA LEU A 114 8.75 -6.07 42.76
C LEU A 114 8.97 -6.23 41.27
N GLN A 115 9.60 -5.23 40.64
CA GLN A 115 9.92 -5.32 39.22
C GLN A 115 11.00 -6.36 38.96
N THR A 116 11.95 -6.49 39.88
CA THR A 116 12.96 -7.54 39.72
C THR A 116 12.28 -8.87 40.01
N PHE A 117 11.53 -8.92 41.10
CA PHE A 117 10.79 -10.12 41.49
C PHE A 117 9.97 -10.67 40.32
N ALA A 118 9.24 -9.81 39.60
CA ALA A 118 8.40 -10.29 38.49
C ALA A 118 9.20 -10.94 37.36
N GLN A 119 10.41 -10.47 37.12
CA GLN A 119 11.29 -11.07 36.11
C GLN A 119 11.83 -12.44 36.54
N LEU A 120 12.10 -12.62 37.83
CA LEU A 120 12.54 -13.90 38.38
C LEU A 120 11.50 -15.00 38.24
N LEU A 121 10.22 -14.63 38.28
CA LEU A 121 9.11 -15.58 38.22
C LEU A 121 8.99 -16.25 36.84
N LYS A 122 8.93 -17.59 36.82
CA LYS A 122 8.91 -18.39 35.58
C LYS A 122 8.09 -19.67 35.78
N ASP A 123 7.02 -19.88 35.00
CA ASP A 123 6.06 -21.02 35.19
C ASP A 123 5.26 -21.04 36.50
N GLY A 124 5.52 -20.12 37.42
CA GLY A 124 5.16 -20.28 38.84
C GLY A 124 6.33 -20.71 39.72
N LYS A 125 7.57 -20.50 39.25
CA LYS A 125 8.79 -20.96 39.94
C LYS A 125 9.86 -19.86 40.03
N LEU A 126 10.52 -19.78 41.19
CA LEU A 126 11.52 -18.76 41.48
C LEU A 126 12.86 -19.40 41.73
N PRO A 127 13.94 -18.76 41.24
CA PRO A 127 15.26 -19.24 41.63
C PRO A 127 15.56 -18.89 43.10
N GLU A 128 16.33 -19.73 43.79
CA GLU A 128 16.82 -19.38 45.12
C GLU A 128 17.90 -18.33 44.90
N VAL A 129 17.68 -17.14 45.41
CA VAL A 129 18.48 -16.00 45.03
C VAL A 129 18.52 -14.93 46.13
N GLU A 130 19.61 -14.18 46.14
CA GLU A 130 19.83 -13.08 47.07
C GLU A 130 20.33 -11.86 46.33
N ILE A 131 19.63 -10.74 46.50
CA ILE A 131 19.89 -9.56 45.70
C ILE A 131 19.98 -8.33 46.56
N LYS A 132 21.06 -7.59 46.41
CA LYS A 132 21.14 -6.25 46.93
C LYS A 132 21.41 -5.33 45.77
N ASP A 133 20.53 -4.32 45.59
CA ASP A 133 20.45 -3.53 44.35
C ASP A 133 20.11 -2.10 44.65
N TYR A 134 20.46 -1.22 43.72
CA TYR A 134 20.24 0.22 43.84
C TYR A 134 20.78 0.80 42.55
N PRO A 135 20.38 2.02 42.19
CA PRO A 135 20.85 2.57 40.92
C PRO A 135 22.16 3.33 41.07
N SER A 136 23.04 3.29 40.09
CA SER A 136 24.30 4.02 40.15
C SER A 136 24.09 5.45 39.76
N VAL A 137 23.01 5.76 39.05
CA VAL A 137 22.70 7.15 38.67
C VAL A 137 21.38 7.52 39.24
N ARG A 138 21.29 8.71 39.83
CA ARG A 138 20.10 9.06 40.64
C ARG A 138 18.78 9.28 39.82
N TYR A 139 18.90 9.98 38.70
CA TYR A 139 17.74 10.26 37.84
C TYR A 139 17.94 9.60 36.48
N ARG A 140 16.97 8.77 36.09
CA ARG A 140 17.12 7.95 34.88
C ARG A 140 15.82 7.98 34.11
N GLY A 141 15.87 8.30 32.83
CA GLY A 141 14.65 8.26 32.09
C GLY A 141 14.70 8.88 30.71
N VAL A 142 13.59 9.51 30.37
CA VAL A 142 13.31 9.99 29.04
C VAL A 142 12.95 11.45 29.10
N VAL A 143 13.52 12.23 28.18
CA VAL A 143 13.01 13.57 27.88
C VAL A 143 12.35 13.53 26.51
N GLU A 144 11.03 13.69 26.49
CA GLU A 144 10.28 13.93 25.24
C GLU A 144 10.60 15.34 24.82
N GLY A 145 11.72 15.50 24.13
CA GLY A 145 12.27 16.80 23.86
C GLY A 145 12.58 17.09 22.40
N PHE A 146 11.96 16.36 21.46
CA PHE A 146 12.29 16.42 20.03
C PHE A 146 11.37 17.39 19.28
N TYR A 147 11.76 17.77 18.07
CA TYR A 147 10.91 18.48 17.07
C TYR A 147 10.13 17.42 16.36
N GLY A 148 8.83 17.64 16.15
CA GLY A 148 8.00 16.72 15.36
C GLY A 148 6.69 16.50 16.05
N THR A 149 5.92 15.57 15.55
CA THR A 149 4.62 15.28 16.15
C THR A 149 4.84 14.70 17.57
N PRO A 150 4.34 15.40 18.60
CA PRO A 150 4.54 14.90 19.96
C PRO A 150 3.81 13.54 20.12
N TRP A 151 4.29 12.78 21.10
CA TRP A 151 3.75 11.51 21.38
C TRP A 151 2.28 11.65 21.67
N SER A 152 1.50 10.72 21.13
CA SER A 152 0.09 10.66 21.46
C SER A 152 -0.10 10.33 22.96
N HIS A 153 -1.28 10.60 23.43
CA HIS A 153 -1.66 10.34 24.78
C HIS A 153 -1.51 8.87 25.11
N GLN A 154 -2.01 8.02 24.21
CA GLN A 154 -1.89 6.55 24.40
C GLN A 154 -0.42 6.11 24.41
N ALA A 155 0.39 6.73 23.58
CA ALA A 155 1.80 6.32 23.55
C ALA A 155 2.44 6.66 24.89
N ARG A 156 2.08 7.82 25.46
CA ARG A 156 2.61 8.29 26.77
C ARG A 156 2.19 7.38 27.91
N LEU A 157 0.92 7.00 27.97
CA LEU A 157 0.43 6.04 28.96
C LEU A 157 1.28 4.76 28.92
N SER A 158 1.55 4.26 27.71
CA SER A 158 2.36 3.05 27.54
C SER A 158 3.82 3.27 27.91
N GLN A 159 4.38 4.43 27.56
CA GLN A 159 5.71 4.75 27.99
C GLN A 159 5.86 4.65 29.49
N LEU A 160 4.93 5.26 30.25
CA LEU A 160 5.09 5.34 31.68
C LEU A 160 5.06 3.96 32.36
N LYS A 161 4.26 3.03 31.84
CA LYS A 161 4.27 1.66 32.34
C LYS A 161 5.58 1.00 32.04
N PHE A 162 6.14 1.26 30.88
CA PHE A 162 7.43 0.73 30.51
C PHE A 162 8.57 1.32 31.38
N TYR A 163 8.48 2.61 31.72
CA TYR A 163 9.54 3.19 32.56
C TYR A 163 9.55 2.51 33.98
N GLY A 164 8.37 2.30 34.58
CA GLY A 164 8.25 1.62 35.86
C GLY A 164 8.84 0.22 35.86
N LYS A 165 8.57 -0.51 34.78
CA LYS A 165 9.13 -1.86 34.63
C LYS A 165 10.64 -1.89 34.54
N ASN A 166 11.27 -0.85 34.01
CA ASN A 166 12.70 -0.79 33.83
C ASN A 166 13.39 0.17 34.74
N LYS A 167 12.66 0.55 35.80
CA LYS A 167 13.16 1.42 36.85
C LYS A 167 13.68 2.75 36.37
N MET A 168 13.02 3.32 35.35
CA MET A 168 13.31 4.68 35.02
C MET A 168 12.39 5.56 35.89
N ASN A 169 12.96 6.50 36.62
CA ASN A 169 12.18 7.31 37.56
C ASN A 169 11.89 8.73 37.02
N THR A 170 12.15 8.98 35.73
CA THR A 170 12.04 10.31 35.22
C THR A 170 11.49 10.38 33.79
N TYR A 171 10.48 11.23 33.61
CA TYR A 171 9.90 11.56 32.35
C TYR A 171 9.81 13.08 32.32
N ILE A 172 10.61 13.71 31.46
CA ILE A 172 10.57 15.12 31.29
C ILE A 172 9.76 15.44 30.02
N TYR A 173 8.62 16.09 30.19
CA TYR A 173 7.72 16.48 29.13
C TYR A 173 8.21 17.78 28.54
N GLY A 174 8.68 17.78 27.29
CA GLY A 174 9.06 19.04 26.64
C GLY A 174 9.04 18.99 25.12
N PRO A 175 7.98 18.44 24.53
CA PRO A 175 7.92 18.36 23.03
C PRO A 175 8.01 19.71 22.43
N LYS A 176 9.05 19.93 21.63
CA LYS A 176 9.31 21.26 21.08
C LYS A 176 8.12 21.86 20.31
N ASP A 177 7.24 21.06 19.69
CA ASP A 177 6.10 21.63 18.95
C ASP A 177 4.75 21.65 19.71
N ASP A 178 4.78 21.42 21.01
CA ASP A 178 3.62 21.69 21.85
C ASP A 178 3.54 23.21 22.09
N PRO A 179 2.53 23.87 21.51
CA PRO A 179 2.53 25.35 21.66
C PRO A 179 2.40 25.87 23.13
N TYR A 180 1.86 25.07 24.06
CA TYR A 180 1.76 25.46 25.47
C TYR A 180 3.04 25.19 26.29
N HIS A 181 4.04 24.56 25.67
CA HIS A 181 5.34 24.36 26.23
C HIS A 181 6.25 25.45 25.77
N SER A 182 6.08 25.93 24.54
CA SER A 182 7.02 26.86 23.95
C SER A 182 6.35 28.20 23.61
N ALA A 183 7.07 29.04 22.86
CA ALA A 183 6.62 30.40 22.48
C ALA A 183 5.60 30.37 21.37
N PRO A 184 4.60 31.26 21.41
CA PRO A 184 4.40 32.26 22.48
C PRO A 184 3.46 31.81 23.59
N ASN A 185 2.80 30.66 23.38
CA ASN A 185 1.73 30.25 24.29
C ASN A 185 2.14 29.50 25.55
N TRP A 186 3.44 29.48 25.81
CA TRP A 186 3.93 29.02 27.13
C TRP A 186 3.27 29.79 28.22
N ARG A 187 2.87 31.05 27.91
CA ARG A 187 2.13 31.89 28.83
C ARG A 187 0.68 31.45 29.10
N LEU A 188 0.11 30.57 28.30
CA LEU A 188 -1.32 30.19 28.44
C LEU A 188 -1.46 28.87 29.17
N PRO A 189 -2.44 28.75 30.06
CA PRO A 189 -2.75 27.44 30.61
C PRO A 189 -3.20 26.50 29.50
N TYR A 190 -2.99 25.20 29.68
CA TYR A 190 -3.48 24.24 28.70
C TYR A 190 -5.01 24.30 28.63
N PRO A 191 -5.61 24.08 27.46
CA PRO A 191 -7.09 23.91 27.41
C PRO A 191 -7.57 22.71 28.20
N ASP A 192 -8.85 22.68 28.50
CA ASP A 192 -9.39 21.72 29.45
C ASP A 192 -9.03 20.28 29.07
N LYS A 193 -9.14 19.98 27.79
CA LYS A 193 -8.97 18.64 27.27
C LYS A 193 -7.51 18.12 27.49
N GLU A 194 -6.54 18.93 27.09
CA GLU A 194 -5.17 18.61 27.28
C GLU A 194 -4.82 18.59 28.78
N ALA A 195 -5.41 19.49 29.56
CA ALA A 195 -5.13 19.56 30.96
C ALA A 195 -5.61 18.32 31.65
N ALA A 196 -6.80 17.87 31.24
CA ALA A 196 -7.34 16.61 31.78
C ALA A 196 -6.43 15.43 31.44
N GLN A 197 -5.90 15.42 30.22
CA GLN A 197 -4.94 14.39 29.81
C GLN A 197 -3.61 14.43 30.58
N LEU A 198 -3.01 15.60 30.74
CA LEU A 198 -1.82 15.76 31.56
C LEU A 198 -2.09 15.28 32.98
N GLN A 199 -3.25 15.58 33.53
CA GLN A 199 -3.59 15.13 34.90
C GLN A 199 -3.61 13.62 34.98
N GLU A 200 -4.12 12.96 33.95
CA GLU A 200 -4.12 11.51 33.92
C GLU A 200 -2.68 11.04 33.81
N LEU A 201 -1.89 11.72 32.97
CA LEU A 201 -0.52 11.30 32.83
C LEU A 201 0.21 11.33 34.15
N VAL A 202 0.01 12.39 34.91
CA VAL A 202 0.70 12.58 36.15
C VAL A 202 0.27 11.46 37.11
N ALA A 203 -1.01 11.20 37.21
CA ALA A 203 -1.51 10.07 38.07
C ALA A 203 -0.89 8.72 37.67
N VAL A 204 -0.87 8.42 36.38
CA VAL A 204 -0.28 7.19 35.89
C VAL A 204 1.21 7.14 36.13
N ALA A 205 1.94 8.24 35.91
CA ALA A 205 3.34 8.29 36.25
C ALA A 205 3.54 7.98 37.76
N ASN A 206 2.72 8.61 38.59
CA ASN A 206 2.76 8.35 40.02
C ASN A 206 2.59 6.86 40.36
N GLU A 207 1.67 6.18 39.69
CA GLU A 207 1.41 4.78 39.94
C GLU A 207 2.61 3.89 39.52
N ASN A 208 3.41 4.36 38.56
CA ASN A 208 4.60 3.63 38.08
C ASN A 208 5.91 4.15 38.62
N GLU A 209 5.84 4.95 39.69
CA GLU A 209 6.97 5.56 40.34
C GLU A 209 7.85 6.39 39.42
N VAL A 210 7.23 7.16 38.52
CA VAL A 210 7.97 8.04 37.65
C VAL A 210 7.69 9.49 38.06
N ASP A 211 8.74 10.30 38.26
CA ASP A 211 8.62 11.74 38.32
C ASP A 211 8.26 12.36 36.97
N PHE A 212 7.08 12.96 36.88
CA PHE A 212 6.64 13.72 35.69
C PHE A 212 7.21 15.12 35.84
N VAL A 213 8.21 15.47 35.05
CA VAL A 213 8.83 16.78 35.09
C VAL A 213 8.24 17.59 33.94
N TRP A 214 7.49 18.65 34.24
CA TRP A 214 6.91 19.45 33.16
C TRP A 214 7.90 20.54 32.83
N ALA A 215 8.35 20.63 31.57
CA ALA A 215 9.29 21.66 31.15
C ALA A 215 8.57 22.80 30.42
N ILE A 216 9.17 23.98 30.43
CA ILE A 216 8.68 25.15 29.73
C ILE A 216 9.86 25.71 28.99
N HIS A 217 9.59 26.35 27.85
CA HIS A 217 10.63 26.76 26.89
C HIS A 217 10.27 28.19 26.48
N PRO A 218 10.51 29.11 27.41
CA PRO A 218 9.96 30.45 27.29
C PRO A 218 10.91 31.38 26.61
N GLY A 219 12.06 30.87 26.23
CA GLY A 219 13.21 31.76 26.06
C GLY A 219 13.22 32.61 24.82
N GLN A 220 12.57 32.16 23.76
CA GLN A 220 12.69 32.87 22.46
C GLN A 220 12.12 34.30 22.52
N ASP A 221 11.08 34.51 23.30
CA ASP A 221 10.41 35.83 23.41
C ASP A 221 10.23 36.28 24.87
N ILE A 222 10.90 35.65 25.82
CA ILE A 222 10.74 36.05 27.22
C ILE A 222 11.20 37.50 27.34
N LYS A 223 10.49 38.30 28.11
CA LYS A 223 11.07 39.56 28.57
C LYS A 223 11.54 39.32 29.99
N TRP A 224 12.64 39.98 30.34
CA TRP A 224 13.16 39.94 31.69
C TRP A 224 12.48 41.02 32.51
N ASN A 225 11.20 40.79 32.81
CA ASN A 225 10.39 41.73 33.58
C ASN A 225 9.44 40.95 34.48
N LYS A 226 8.80 41.72 35.36
CA LYS A 226 7.78 41.24 36.26
C LYS A 226 6.69 40.46 35.54
N GLU A 227 6.24 41.01 34.42
CA GLU A 227 5.08 40.48 33.73
C GLU A 227 5.32 39.03 33.26
N ASP A 228 6.42 38.78 32.57
CA ASP A 228 6.73 37.41 32.09
C ASP A 228 7.15 36.45 33.23
N ARG A 229 7.85 36.99 34.22
CA ARG A 229 8.21 36.22 35.43
C ARG A 229 6.92 35.66 36.06
N ASP A 230 5.97 36.55 36.33
CA ASP A 230 4.72 36.16 36.94
C ASP A 230 3.92 35.17 36.11
N LEU A 231 3.89 35.35 34.78
CA LEU A 231 3.15 34.43 33.92
C LEU A 231 3.83 33.08 33.97
N LEU A 232 5.16 33.05 33.97
CA LEU A 232 5.83 31.76 34.08
C LEU A 232 5.45 31.03 35.40
N LEU A 233 5.48 31.77 36.50
CA LEU A 233 5.08 31.20 37.80
C LEU A 233 3.63 30.80 37.85
N ALA A 234 2.78 31.60 37.20
CA ALA A 234 1.32 31.28 37.11
C ALA A 234 1.09 30.01 36.33
N LYS A 235 1.84 29.84 35.24
CA LYS A 235 1.78 28.61 34.45
C LYS A 235 2.29 27.39 35.28
N PHE A 236 3.42 27.53 35.96
CA PHE A 236 3.90 26.46 36.90
C PHE A 236 2.87 26.10 37.94
N GLU A 237 2.24 27.13 38.49
CA GLU A 237 1.20 27.00 39.49
C GLU A 237 -0.01 26.21 38.95
N LYS A 238 -0.41 26.53 37.72
CA LYS A 238 -1.42 25.71 37.03
C LYS A 238 -1.02 24.25 36.90
N MET A 239 0.23 24.05 36.50
CA MET A 239 0.70 22.67 36.32
C MET A 239 0.68 21.94 37.65
N TYR A 240 1.06 22.66 38.71
CA TYR A 240 1.06 22.07 40.06
C TYR A 240 -0.36 21.63 40.44
N GLN A 241 -1.37 22.44 40.12
CA GLN A 241 -2.73 22.05 40.39
C GLN A 241 -3.15 20.82 39.63
N LEU A 242 -2.56 20.60 38.44
CA LEU A 242 -2.76 19.33 37.71
C LEU A 242 -2.05 18.08 38.27
N GLY A 243 -1.24 18.24 39.30
CA GLY A 243 -0.52 17.16 39.95
C GLY A 243 0.99 17.22 39.74
N VAL A 244 1.49 18.17 38.97
CA VAL A 244 2.91 18.14 38.62
C VAL A 244 3.74 18.54 39.85
N ARG A 245 4.79 17.77 40.14
CA ARG A 245 5.66 18.01 41.32
C ARG A 245 7.16 18.19 40.95
N SER A 246 7.47 18.18 39.65
CA SER A 246 8.80 18.53 39.14
C SER A 246 8.66 19.38 37.90
N PHE A 247 9.66 20.24 37.67
CA PHE A 247 9.62 21.33 36.74
C PHE A 247 11.02 21.57 36.11
N ALA A 248 11.00 22.04 34.86
CA ALA A 248 12.15 22.38 34.10
C ALA A 248 11.91 23.65 33.28
N VAL A 249 12.97 24.44 33.10
CA VAL A 249 13.01 25.58 32.25
C VAL A 249 14.14 25.33 31.24
N PHE A 250 13.81 25.33 29.96
CA PHE A 250 14.73 25.05 28.89
C PHE A 250 15.01 26.35 28.16
N PHE A 251 16.29 26.64 27.94
CA PHE A 251 16.74 27.78 27.16
C PHE A 251 17.56 27.36 25.91
N ASP A 252 17.23 26.20 25.34
CA ASP A 252 17.97 25.66 24.21
C ASP A 252 17.38 26.12 22.86
N ASP A 253 18.29 26.41 21.90
CA ASP A 253 17.95 26.68 20.50
C ASP A 253 17.24 28.01 20.40
N ILE A 254 17.73 29.02 21.11
CA ILE A 254 17.17 30.32 21.08
C ILE A 254 18.23 31.35 20.86
N SER A 255 17.81 32.51 20.38
CA SER A 255 18.67 33.73 20.31
C SER A 255 17.96 34.90 20.98
N GLY A 256 18.71 35.97 21.21
CA GLY A 256 18.17 37.18 21.81
C GLY A 256 18.46 37.23 23.30
N GLU A 257 17.72 38.08 23.99
CA GLU A 257 17.89 38.32 25.42
C GLU A 257 17.76 37.10 26.30
N GLY A 258 16.87 36.19 25.92
CA GLY A 258 16.67 34.92 26.59
C GLY A 258 17.93 34.07 26.80
N THR A 259 19.01 34.35 26.08
CA THR A 259 20.28 33.63 26.26
C THR A 259 21.11 34.14 27.44
N ASN A 260 20.63 35.15 28.17
CA ASN A 260 21.43 35.81 29.17
C ASN A 260 21.64 34.95 30.42
N PRO A 261 22.90 34.51 30.69
CA PRO A 261 23.11 33.55 31.80
C PRO A 261 22.76 34.10 33.17
N GLN A 262 23.10 35.35 33.42
CA GLN A 262 22.73 36.02 34.70
C GLN A 262 21.21 36.00 34.93
N LYS A 263 20.46 36.35 33.91
CA LYS A 263 19.00 36.40 34.01
C LYS A 263 18.35 35.04 34.13
N GLN A 264 18.89 34.06 33.42
CA GLN A 264 18.38 32.69 33.52
C GLN A 264 18.53 32.19 34.97
N ALA A 265 19.75 32.34 35.48
CA ALA A 265 20.07 31.98 36.88
C ALA A 265 19.15 32.69 37.89
N GLU A 266 19.01 33.99 37.74
CA GLU A 266 18.09 34.73 38.61
C GLU A 266 16.65 34.23 38.56
N LEU A 267 16.16 33.90 37.38
CA LEU A 267 14.82 33.36 37.24
C LEU A 267 14.72 31.95 37.84
N LEU A 268 15.67 31.06 37.56
CA LEU A 268 15.59 29.71 38.16
C LEU A 268 15.65 29.77 39.70
N ASN A 269 16.48 30.65 40.22
CA ASN A 269 16.61 30.82 41.68
C ASN A 269 15.35 31.40 42.34
N TYR A 270 14.72 32.33 41.62
CA TYR A 270 13.42 32.86 41.97
C TYR A 270 12.37 31.74 41.97
N ILE A 271 12.28 30.96 40.90
CA ILE A 271 11.39 29.81 40.92
C ILE A 271 11.71 28.92 42.12
N ASP A 272 13.00 28.73 42.35
CA ASP A 272 13.45 27.82 43.42
C ASP A 272 13.00 28.33 44.81
N GLU A 273 13.23 29.60 45.05
CA GLU A 273 12.94 30.16 46.38
C GLU A 273 11.46 30.46 46.62
N LYS A 274 10.77 31.00 45.62
CA LYS A 274 9.37 31.39 45.79
C LYS A 274 8.36 30.29 45.45
N PHE A 275 8.79 29.17 44.91
CA PHE A 275 7.81 28.18 44.45
C PHE A 275 8.28 26.80 44.83
N ALA A 276 9.47 26.38 44.38
CA ALA A 276 9.92 25.00 44.62
C ALA A 276 10.17 24.73 46.11
N GLN A 277 10.68 25.73 46.83
CA GLN A 277 10.97 25.54 48.28
C GLN A 277 9.77 25.95 49.12
N VAL A 278 8.79 26.67 48.56
CA VAL A 278 7.60 27.09 49.29
C VAL A 278 6.51 26.00 49.26
N LYS A 279 6.40 25.23 48.19
CA LYS A 279 5.47 24.07 48.17
C LYS A 279 6.04 22.98 49.04
N PRO A 280 5.20 22.07 49.57
CA PRO A 280 5.76 21.04 50.48
C PRO A 280 6.47 19.84 49.80
N ASP A 281 6.33 19.68 48.46
CA ASP A 281 6.46 18.39 47.82
C ASP A 281 6.93 18.42 46.33
N ILE A 282 7.79 19.39 46.03
CA ILE A 282 8.42 19.52 44.75
C ILE A 282 9.73 18.79 44.75
N ASN A 283 9.96 17.92 43.76
CA ASN A 283 11.14 17.04 43.69
C ASN A 283 12.22 17.66 42.81
N GLN A 284 12.21 17.48 41.49
CA GLN A 284 13.32 17.98 40.66
C GLN A 284 12.99 19.39 40.13
N LEU A 285 14.02 20.24 40.12
CA LEU A 285 14.00 21.47 39.41
C LEU A 285 15.21 21.45 38.49
N VAL A 286 14.99 21.61 37.18
CA VAL A 286 15.99 21.32 36.15
C VAL A 286 16.04 22.42 35.12
N MET A 287 17.21 22.76 34.62
CA MET A 287 17.25 23.69 33.51
C MET A 287 18.12 23.17 32.37
N CYS A 288 17.71 23.52 31.14
CA CYS A 288 18.57 23.29 29.99
C CYS A 288 19.24 24.61 29.62
N PRO A 289 20.57 24.63 29.64
CA PRO A 289 21.24 25.85 29.25
C PRO A 289 21.14 26.12 27.73
N THR A 290 21.48 27.35 27.35
CA THR A 290 21.59 27.74 25.97
C THR A 290 22.85 27.17 25.31
N GLU A 291 24.01 27.28 25.99
CA GLU A 291 25.19 26.49 25.63
C GLU A 291 25.07 25.12 26.29
N TYR A 292 24.48 24.16 25.57
CA TYR A 292 24.17 22.85 26.09
C TYR A 292 25.09 21.67 25.62
N ASN A 293 26.10 22.02 24.85
CA ASN A 293 27.15 21.10 24.50
C ASN A 293 28.46 21.89 24.29
N LYS A 294 29.59 21.19 24.34
CA LYS A 294 30.89 21.85 24.33
C LYS A 294 31.14 22.61 23.05
N SER A 295 30.85 21.98 21.92
CA SER A 295 30.99 22.64 20.64
C SER A 295 30.22 23.96 20.47
N TRP A 296 29.09 24.16 21.14
CA TRP A 296 28.38 25.46 21.09
C TRP A 296 28.73 26.37 22.26
N SER A 297 29.67 25.95 23.09
CA SER A 297 30.10 26.76 24.19
C SER A 297 31.14 27.76 23.70
N ASN A 298 30.96 29.03 24.03
CA ASN A 298 31.82 30.06 23.52
C ASN A 298 32.88 30.45 24.59
N PRO A 299 34.15 30.00 24.43
CA PRO A 299 35.20 30.39 25.39
C PRO A 299 35.51 31.90 25.39
N ASN A 300 35.18 32.62 24.30
CA ASN A 300 35.12 34.10 24.30
C ASN A 300 34.16 34.62 25.42
N GLY A 301 33.00 33.97 25.61
CA GLY A 301 32.08 34.34 26.72
C GLY A 301 32.39 33.65 28.04
N ASN A 302 31.47 33.78 29.02
CA ASN A 302 31.57 33.15 30.37
C ASN A 302 30.25 32.50 30.80
N TYR A 303 29.50 32.03 29.81
CA TYR A 303 28.10 31.61 30.03
C TYR A 303 27.98 30.49 31.08
N LEU A 304 28.83 29.46 30.97
CA LEU A 304 28.66 28.25 31.78
C LEU A 304 29.14 28.47 33.22
N THR A 305 30.25 29.16 33.38
CA THR A 305 30.75 29.45 34.74
C THR A 305 29.82 30.43 35.48
N THR A 306 29.20 31.37 34.77
CA THR A 306 28.16 32.22 35.35
C THR A 306 26.98 31.39 35.87
N LEU A 307 26.48 30.44 35.07
CA LEU A 307 25.43 29.53 35.58
C LEU A 307 25.92 28.73 36.76
N GLY A 308 27.15 28.23 36.64
CA GLY A 308 27.77 27.42 37.66
C GLY A 308 27.86 28.10 39.00
N ASP A 309 28.29 29.36 38.98
CA ASP A 309 28.43 30.14 40.22
C ASP A 309 27.10 30.71 40.70
N LYS A 310 26.21 31.08 39.79
CA LYS A 310 24.98 31.76 40.20
C LYS A 310 23.78 30.82 40.47
N LEU A 311 23.71 29.68 39.83
CA LEU A 311 22.52 28.87 39.96
C LEU A 311 22.53 28.10 41.25
N ASN A 312 21.45 28.16 42.02
CA ASN A 312 21.37 27.42 43.28
C ASN A 312 21.82 25.97 43.01
N PRO A 313 22.65 25.42 43.89
CA PRO A 313 23.29 24.15 43.57
C PRO A 313 22.36 22.93 43.45
N SER A 314 21.19 22.94 44.07
CA SER A 314 20.27 21.80 43.90
C SER A 314 19.60 21.76 42.51
N ILE A 315 19.69 22.84 41.75
CA ILE A 315 19.11 22.92 40.46
C ILE A 315 20.03 22.17 39.47
N GLN A 316 19.42 21.28 38.69
CA GLN A 316 20.18 20.53 37.68
C GLN A 316 20.43 21.36 36.44
N ILE A 317 21.54 21.06 35.81
CA ILE A 317 21.88 21.66 34.53
C ILE A 317 22.13 20.56 33.52
N MET A 318 21.40 20.63 32.42
CA MET A 318 21.45 19.63 31.34
C MET A 318 22.60 19.82 30.36
N TRP A 319 23.01 18.74 29.72
CA TRP A 319 24.19 18.72 28.90
C TRP A 319 24.10 17.56 27.94
N THR A 320 24.38 17.82 26.67
CA THR A 320 24.28 16.79 25.61
C THR A 320 25.63 16.18 25.27
N GLY A 321 26.71 16.76 25.78
CA GLY A 321 28.04 16.20 25.61
C GLY A 321 28.95 17.16 24.89
N ASP A 322 29.93 16.61 24.18
CA ASP A 322 30.86 17.45 23.39
C ASP A 322 30.23 18.12 22.18
N ARG A 323 29.13 17.58 21.67
CA ARG A 323 28.40 18.15 20.52
C ARG A 323 26.91 17.99 20.75
N VAL A 324 26.14 18.58 19.86
CA VAL A 324 24.68 18.52 19.91
C VAL A 324 24.28 17.04 20.02
N ILE A 325 24.86 16.19 19.19
CA ILE A 325 24.69 14.73 19.21
C ILE A 325 26.02 14.14 19.52
N SER A 326 26.14 13.57 20.72
CA SER A 326 27.36 12.93 21.13
C SER A 326 27.14 11.95 22.22
N ASP A 327 28.15 11.11 22.36
CA ASP A 327 28.24 10.16 23.40
C ASP A 327 29.04 10.79 24.54
N ILE A 328 28.81 10.26 25.74
CA ILE A 328 29.33 10.86 26.97
C ILE A 328 30.60 10.11 27.41
N THR A 329 31.70 10.85 27.48
CA THR A 329 33.02 10.37 27.84
C THR A 329 33.47 11.02 29.21
N ARG A 330 34.49 10.39 29.83
CA ARG A 330 35.10 10.86 31.04
C ARG A 330 35.63 12.28 30.87
N ASP A 331 36.40 12.50 29.82
CA ASP A 331 36.93 13.84 29.57
C ASP A 331 35.83 14.88 29.36
N GLY A 332 34.74 14.49 28.67
CA GLY A 332 33.66 15.41 28.38
C GLY A 332 32.86 15.82 29.61
N ILE A 333 32.50 14.84 30.43
CA ILE A 333 31.73 15.11 31.63
C ILE A 333 32.57 15.87 32.66
N SER A 334 33.85 15.54 32.68
CA SER A 334 34.79 16.28 33.52
C SER A 334 34.91 17.74 33.08
N TRP A 335 35.00 17.97 31.77
CA TRP A 335 35.07 19.32 31.20
C TRP A 335 33.89 20.17 31.68
N ILE A 336 32.69 19.60 31.60
CA ILE A 336 31.48 20.38 31.92
C ILE A 336 31.32 20.57 33.43
N ASN A 337 31.43 19.49 34.19
CA ASN A 337 31.26 19.53 35.63
C ASN A 337 32.14 20.58 36.28
N GLU A 338 33.34 20.75 35.77
CA GLU A 338 34.26 21.75 36.32
C GLU A 338 33.69 23.15 36.16
N ARG A 339 33.03 23.41 35.04
CA ARG A 339 32.45 24.74 34.78
C ARG A 339 31.15 24.99 35.52
N ILE A 340 30.24 24.00 35.53
CA ILE A 340 28.92 24.16 36.19
C ILE A 340 28.90 23.83 37.72
N LYS A 341 29.98 23.24 38.22
CA LYS A 341 30.21 23.11 39.70
C LYS A 341 29.18 22.18 40.30
N ARG A 342 28.71 21.25 39.49
CA ARG A 342 27.85 20.17 39.93
C ARG A 342 27.93 19.07 38.87
N PRO A 343 27.52 17.86 39.22
CA PRO A 343 27.47 16.82 38.20
C PRO A 343 26.36 17.10 37.15
N ALA A 344 26.75 17.14 35.87
CA ALA A 344 25.80 17.35 34.74
C ALA A 344 24.71 16.31 34.71
N TYR A 345 23.57 16.76 34.25
CA TYR A 345 22.38 15.93 34.10
C TYR A 345 22.32 15.73 32.59
N ILE A 346 22.65 14.52 32.16
CA ILE A 346 22.91 14.28 30.73
C ILE A 346 21.61 14.22 29.98
N TRP A 347 21.58 15.00 28.91
CA TRP A 347 20.51 14.90 27.87
C TRP A 347 21.15 14.22 26.67
N TRP A 348 20.84 12.95 26.47
CA TRP A 348 21.50 12.18 25.44
C TRP A 348 20.61 12.15 24.20
N ASN A 349 21.10 12.73 23.10
CA ASN A 349 20.32 12.90 21.90
C ASN A 349 20.47 11.70 21.04
N PHE A 350 19.97 10.56 21.54
CA PHE A 350 19.82 9.37 20.81
C PHE A 350 18.67 8.60 21.53
N PRO A 351 17.70 8.06 20.82
CA PRO A 351 17.67 7.89 19.35
C PRO A 351 16.90 8.94 18.57
N VAL A 352 16.71 10.13 19.14
CA VAL A 352 16.07 11.21 18.43
C VAL A 352 16.56 11.29 16.95
N SER A 353 15.59 11.34 16.06
CA SER A 353 15.79 11.29 14.64
C SER A 353 15.17 12.50 13.96
N ASP A 354 14.92 13.58 14.69
CA ASP A 354 14.22 14.77 14.15
C ASP A 354 14.97 15.58 13.09
N TYR A 355 16.22 15.25 12.88
CA TYR A 355 17.06 15.84 11.87
C TYR A 355 17.44 14.80 10.80
N VAL A 356 16.99 13.55 10.92
CA VAL A 356 17.13 12.51 9.89
C VAL A 356 15.81 11.74 9.85
N ARG A 357 14.71 12.46 9.64
CA ARG A 357 13.38 11.91 9.84
C ARG A 357 12.97 10.79 8.92
N ASP A 358 13.76 10.55 7.87
CA ASP A 358 13.56 9.44 6.97
C ASP A 358 14.24 8.14 7.38
N HIS A 359 14.91 8.15 8.53
CA HIS A 359 15.58 6.95 9.08
C HIS A 359 14.96 6.63 10.40
N LEU A 360 14.83 5.33 10.65
CA LEU A 360 14.56 4.85 11.96
C LEU A 360 15.92 4.49 12.58
N LEU A 361 16.04 4.74 13.89
CA LEU A 361 17.24 4.39 14.63
C LEU A 361 16.95 3.35 15.69
N LEU A 362 17.09 2.10 15.29
CA LEU A 362 16.70 0.95 16.09
C LEU A 362 17.91 0.14 16.56
N GLY A 363 19.12 0.68 16.41
CA GLY A 363 20.31 -0.07 16.79
C GLY A 363 20.53 -0.01 18.32
N PRO A 364 21.60 -0.66 18.79
CA PRO A 364 21.91 -0.71 20.21
C PRO A 364 22.39 0.60 20.75
N VAL A 365 22.31 0.73 22.06
CA VAL A 365 22.80 1.93 22.74
C VAL A 365 24.22 1.63 23.14
N TYR A 366 25.12 2.50 22.68
CA TYR A 366 26.53 2.37 22.98
C TYR A 366 27.23 3.71 22.80
N GLY A 367 28.48 3.72 23.27
CA GLY A 367 29.42 4.82 23.15
C GLY A 367 29.60 5.64 24.42
N ASN A 368 28.78 5.40 25.45
CA ASN A 368 28.81 6.20 26.68
C ASN A 368 29.64 5.47 27.72
N ASP A 369 30.63 6.16 28.26
CA ASP A 369 31.52 5.59 29.25
C ASP A 369 30.72 4.95 30.43
N THR A 370 31.11 3.74 30.77
CA THR A 370 30.44 2.94 31.80
C THR A 370 31.05 3.10 33.21
N THR A 371 32.01 4.00 33.38
CA THR A 371 32.63 4.17 34.68
C THR A 371 32.31 5.47 35.41
N ILE A 372 31.47 6.32 34.83
CA ILE A 372 31.36 7.74 35.22
C ILE A 372 30.06 8.05 35.87
N ALA A 373 29.37 7.01 36.35
CA ALA A 373 28.14 7.18 37.11
C ALA A 373 28.17 8.29 38.19
N LYS A 374 29.26 8.35 38.98
CA LYS A 374 29.39 9.38 40.00
C LYS A 374 29.46 10.80 39.47
N GLU A 375 29.83 10.95 38.20
CA GLU A 375 29.99 12.27 37.56
C GLU A 375 28.72 12.81 36.92
N MET A 376 27.59 12.12 37.07
CA MET A 376 26.36 12.61 36.48
C MET A 376 25.19 12.55 37.47
N SER A 377 24.43 13.66 37.50
CA SER A 377 23.22 13.78 38.32
C SER A 377 22.07 13.00 37.75
N GLY A 378 22.05 12.85 36.42
CA GLY A 378 20.94 12.15 35.77
C GLY A 378 21.37 11.82 34.36
N PHE A 379 20.60 10.92 33.76
CA PHE A 379 20.80 10.50 32.37
C PHE A 379 19.46 10.25 31.79
N VAL A 380 19.07 11.08 30.82
CA VAL A 380 17.83 10.86 30.11
C VAL A 380 18.11 10.79 28.64
N THR A 381 17.33 9.96 27.96
CA THR A 381 17.35 9.90 26.51
C THR A 381 16.23 10.73 25.82
N ASN A 382 16.58 11.47 24.77
CA ASN A 382 15.68 12.15 23.82
C ASN A 382 15.38 11.21 22.67
N PRO A 383 14.18 10.66 22.62
CA PRO A 383 13.88 9.58 21.69
C PRO A 383 13.29 10.09 20.36
N MET A 384 12.87 9.15 19.49
CA MET A 384 12.24 9.46 18.20
C MET A 384 10.81 9.83 18.47
N GLU A 385 10.21 10.54 17.55
CA GLU A 385 8.76 10.69 17.62
C GLU A 385 7.99 9.38 17.48
N HIS A 386 8.65 8.31 17.05
CA HIS A 386 8.10 6.96 17.07
C HIS A 386 8.33 6.38 18.49
N ALA A 387 7.27 6.35 19.28
CA ALA A 387 7.37 6.06 20.70
C ALA A 387 7.70 4.62 20.95
N GLU A 388 6.90 3.71 20.36
CA GLU A 388 7.14 2.30 20.60
C GLU A 388 8.51 1.89 20.10
N SER A 389 8.87 2.33 18.88
CA SER A 389 10.18 2.03 18.26
C SER A 389 11.39 2.48 19.12
N SER A 390 11.15 3.52 19.90
CA SER A 390 12.16 4.13 20.77
C SER A 390 12.40 3.28 21.98
N LYS A 391 11.49 2.34 22.25
CA LYS A 391 11.64 1.52 23.42
C LYS A 391 12.90 0.65 23.40
N ILE A 392 13.44 0.36 22.22
CA ILE A 392 14.63 -0.45 22.17
C ILE A 392 15.74 0.33 22.88
N ALA A 393 15.88 1.59 22.52
CA ALA A 393 16.94 2.43 23.06
C ALA A 393 16.64 2.79 24.53
N ILE A 394 15.36 3.02 24.83
CA ILE A 394 14.93 3.39 26.18
C ILE A 394 15.21 2.28 27.21
N TYR A 395 14.78 1.07 26.90
CA TYR A 395 15.06 -0.12 27.68
C TYR A 395 16.54 -0.24 27.97
N SER A 396 17.34 0.05 26.94
CA SER A 396 18.77 -0.03 27.01
C SER A 396 19.39 1.06 27.88
N VAL A 397 18.87 2.29 27.75
CA VAL A 397 19.36 3.43 28.53
C VAL A 397 19.08 3.22 30.04
N ALA A 398 17.96 2.56 30.35
CA ALA A 398 17.56 2.22 31.65
C ALA A 398 18.48 1.19 32.27
N SER A 399 18.83 0.18 31.48
CA SER A 399 19.83 -0.79 31.89
C SER A 399 21.17 -0.09 32.16
N TYR A 400 21.65 0.65 31.18
CA TYR A 400 22.90 1.39 31.33
C TYR A 400 22.85 2.24 32.61
N ALA A 401 21.80 3.06 32.79
CA ALA A 401 21.83 4.07 33.81
C ALA A 401 21.69 3.49 35.22
N TRP A 402 20.99 2.37 35.35
CA TRP A 402 20.87 1.69 36.60
C TRP A 402 22.21 1.01 36.98
N ASN A 403 22.85 0.35 36.02
CA ASN A 403 24.07 -0.38 36.33
C ASN A 403 25.05 -0.25 35.21
N PRO A 404 25.72 0.89 35.11
CA PRO A 404 26.62 1.07 34.00
C PRO A 404 27.77 0.12 34.00
N ALA A 405 28.30 -0.22 35.20
CA ALA A 405 29.49 -1.07 35.28
C ALA A 405 29.28 -2.41 34.59
N LYS A 406 28.08 -2.97 34.65
CA LYS A 406 27.75 -4.23 33.94
C LYS A 406 26.99 -4.03 32.62
N TYR A 407 27.07 -2.87 32.00
CA TYR A 407 26.23 -2.60 30.81
C TYR A 407 26.72 -3.42 29.61
N ASP A 408 25.87 -4.33 29.14
CA ASP A 408 26.20 -5.17 27.99
C ASP A 408 25.33 -4.70 26.83
N THR A 409 25.90 -3.95 25.91
CA THR A 409 25.20 -3.36 24.80
C THR A 409 24.28 -4.32 23.99
N TRP A 410 24.88 -5.41 23.49
CA TRP A 410 24.25 -6.31 22.56
C TRP A 410 23.22 -7.16 23.26
N GLN A 411 23.54 -7.70 24.41
CA GLN A 411 22.55 -8.49 25.15
C GLN A 411 21.31 -7.67 25.60
N THR A 412 21.54 -6.39 25.91
CA THR A 412 20.45 -5.51 26.34
C THR A 412 19.55 -5.17 25.13
N TRP A 413 20.16 -4.92 23.98
CA TRP A 413 19.44 -4.74 22.70
C TRP A 413 18.52 -5.92 22.42
N LYS A 414 19.05 -7.13 22.52
CA LYS A 414 18.29 -8.35 22.32
C LYS A 414 17.18 -8.53 23.33
N ASP A 415 17.48 -8.30 24.62
CA ASP A 415 16.48 -8.37 25.65
C ASP A 415 15.42 -7.33 25.39
N ALA A 416 15.81 -6.11 25.03
CA ALA A 416 14.80 -5.06 24.64
C ALA A 416 13.85 -5.56 23.56
N ILE A 417 14.41 -6.07 22.47
CA ILE A 417 13.61 -6.52 21.36
C ILE A 417 12.70 -7.69 21.76
N ARG A 418 13.24 -8.63 22.51
CA ARG A 418 12.45 -9.77 23.04
C ARG A 418 11.34 -9.35 24.04
N THR A 419 11.55 -8.24 24.72
CA THR A 419 10.53 -7.69 25.57
C THR A 419 9.44 -6.96 24.81
N ILE A 420 9.85 -6.17 23.84
CA ILE A 420 8.95 -5.33 23.09
C ILE A 420 8.09 -6.19 22.16
N LEU A 421 8.66 -7.27 21.60
CA LEU A 421 7.95 -8.06 20.62
C LEU A 421 8.27 -9.55 20.73
N PRO A 422 7.81 -10.19 21.80
CA PRO A 422 8.21 -11.61 22.01
C PRO A 422 7.82 -12.56 20.86
N SER A 423 6.67 -12.35 20.22
CA SER A 423 6.20 -13.25 19.14
C SER A 423 7.05 -13.16 17.88
N ALA A 424 7.86 -12.14 17.71
CA ALA A 424 8.60 -11.98 16.48
C ALA A 424 9.93 -11.29 16.73
N ALA A 425 10.60 -11.74 17.78
CA ALA A 425 11.85 -11.16 18.23
C ALA A 425 12.95 -11.28 17.23
N GLU A 426 13.13 -12.47 16.67
CA GLU A 426 14.18 -12.62 15.66
C GLU A 426 13.90 -11.77 14.41
N GLU A 427 12.63 -11.64 14.02
CA GLU A 427 12.28 -10.77 12.86
C GLU A 427 12.54 -9.27 13.15
N LEU A 428 12.29 -8.83 14.40
CA LEU A 428 12.56 -7.44 14.75
C LEU A 428 14.05 -7.18 14.84
N GLU A 429 14.80 -8.19 15.28
CA GLU A 429 16.25 -8.10 15.34
C GLU A 429 16.79 -7.89 13.98
N CYS A 430 16.30 -8.73 13.05
CA CYS A 430 16.69 -8.63 11.62
C CYS A 430 16.43 -7.21 11.10
N PHE A 431 15.22 -6.75 11.30
CA PHE A 431 14.85 -5.42 10.82
C PHE A 431 15.71 -4.32 11.49
N ALA A 432 15.82 -4.41 12.82
CA ALA A 432 16.51 -3.40 13.56
C ALA A 432 18.00 -3.32 13.23
N MET A 433 18.66 -4.44 12.97
N MET A 433 18.59 -4.48 12.96
CA MET A 433 20.12 -4.37 12.76
CA MET A 433 20.01 -4.64 12.66
C MET A 433 20.46 -3.72 11.42
C MET A 433 20.44 -3.84 11.43
N HIS A 434 19.50 -3.67 10.50
CA HIS A 434 19.67 -2.96 9.23
C HIS A 434 18.97 -1.60 9.20
N ASN A 435 18.62 -1.08 10.38
CA ASN A 435 17.93 0.19 10.49
C ASN A 435 18.39 0.88 11.75
N SER A 436 19.65 1.28 11.71
CA SER A 436 20.35 1.84 12.87
C SER A 436 21.24 3.03 12.53
N ASP A 437 21.73 3.13 11.31
CA ASP A 437 22.58 4.24 10.97
C ASP A 437 21.69 5.41 10.56
N LEU A 438 22.22 6.63 10.68
CA LEU A 438 21.48 7.83 10.44
C LEU A 438 21.66 8.34 9.02
N GLY A 439 22.73 7.90 8.37
CA GLY A 439 23.18 8.44 7.12
C GLY A 439 23.82 9.80 7.31
N PRO A 440 24.32 10.39 6.23
CA PRO A 440 24.97 11.71 6.36
C PRO A 440 24.02 12.76 6.91
N ASN A 441 24.54 13.60 7.79
CA ASN A 441 23.76 14.62 8.43
C ASN A 441 24.67 15.70 8.91
N GLY A 442 24.11 16.88 9.11
CA GLY A 442 24.86 18.05 9.54
C GLY A 442 25.61 17.92 10.87
N HIS A 443 25.13 17.05 11.77
CA HIS A 443 25.78 16.85 13.08
C HIS A 443 26.93 15.87 13.03
N GLY A 444 27.13 15.16 11.91
CA GLY A 444 28.23 14.19 11.79
C GLY A 444 28.09 12.91 12.61
N TYR A 445 26.90 12.60 13.09
CA TYR A 445 26.77 11.49 13.97
C TYR A 445 26.28 10.28 13.23
N ARG A 446 26.97 9.18 13.44
CA ARG A 446 26.73 7.94 12.72
C ARG A 446 26.65 6.81 13.69
N ARG A 447 25.95 5.74 13.31
CA ARG A 447 25.93 4.51 14.05
C ARG A 447 26.25 3.35 13.10
N GLU A 448 26.75 2.26 13.67
CA GLU A 448 27.01 1.04 12.92
C GLU A 448 25.74 0.45 12.40
N GLU A 449 25.85 -0.37 11.34
CA GLU A 449 24.69 -1.05 10.77
C GLU A 449 25.14 -2.23 9.98
N SER A 450 24.37 -3.32 10.03
CA SER A 450 24.62 -4.43 9.12
C SER A 450 26.05 -4.95 9.25
N MET A 451 26.55 -4.97 10.47
CA MET A 451 27.95 -5.26 10.69
C MET A 451 28.34 -6.73 10.42
N ASP A 452 27.42 -7.65 10.72
CA ASP A 452 27.67 -9.07 10.50
C ASP A 452 27.94 -9.35 9.01
N ILE A 453 27.22 -8.68 8.10
CA ILE A 453 27.41 -8.99 6.69
C ILE A 453 28.35 -8.02 5.94
N GLN A 454 28.85 -6.98 6.62
CA GLN A 454 29.69 -5.93 5.98
C GLN A 454 31.00 -6.47 5.31
N PRO A 455 31.73 -7.40 5.98
CA PRO A 455 32.91 -7.96 5.33
C PRO A 455 32.61 -8.82 4.07
N ALA A 456 31.61 -9.72 4.13
CA ALA A 456 31.21 -10.50 2.95
C ALA A 456 30.79 -9.53 1.79
N ALA A 457 30.04 -8.50 2.12
CA ALA A 457 29.62 -7.50 1.19
C ALA A 457 30.81 -6.74 0.55
N GLU A 458 31.76 -6.32 1.37
CA GLU A 458 32.95 -5.63 0.88
C GLU A 458 33.85 -6.55 -0.01
N ARG A 459 34.05 -7.80 0.38
CA ARG A 459 34.89 -8.71 -0.44
C ARG A 459 34.22 -9.06 -1.77
N PHE A 460 32.93 -9.33 -1.70
CA PHE A 460 32.17 -9.64 -2.92
C PHE A 460 32.23 -8.50 -3.93
N LEU A 461 31.97 -7.29 -3.48
CA LEU A 461 31.89 -6.16 -4.38
C LEU A 461 33.26 -5.81 -5.02
N LYS A 462 34.35 -5.92 -4.25
CA LYS A 462 35.69 -5.60 -4.76
C LYS A 462 36.16 -6.63 -5.76
N ALA A 463 35.95 -7.91 -5.43
CA ALA A 463 36.16 -9.01 -6.38
C ALA A 463 35.35 -8.85 -7.69
N PHE A 464 34.05 -8.62 -7.53
CA PHE A 464 33.15 -8.56 -8.68
C PHE A 464 33.53 -7.35 -9.56
N LYS A 465 33.67 -6.17 -8.94
CA LYS A 465 34.15 -4.97 -9.64
C LYS A 465 35.44 -5.18 -10.42
N GLU A 466 36.36 -5.98 -9.87
CA GLU A 466 37.67 -6.25 -10.50
C GLU A 466 37.75 -7.45 -11.45
N GLY A 467 36.65 -8.15 -11.73
CA GLY A 467 36.70 -9.37 -12.55
C GLY A 467 37.32 -10.61 -11.90
N LYS A 468 37.62 -10.53 -10.60
CA LYS A 468 38.11 -11.68 -9.83
C LYS A 468 36.91 -12.48 -9.35
N ASN A 469 37.14 -13.76 -9.08
CA ASN A 469 36.08 -14.62 -8.55
C ASN A 469 35.72 -14.29 -7.13
N TYR A 470 34.48 -13.87 -6.90
CA TYR A 470 33.98 -13.69 -5.52
C TYR A 470 33.93 -15.05 -4.79
N ASP A 471 34.15 -15.00 -3.48
CA ASP A 471 33.99 -16.19 -2.65
C ASP A 471 32.52 -16.61 -2.56
N LYS A 472 32.28 -17.89 -2.88
CA LYS A 472 30.93 -18.46 -2.92
C LYS A 472 30.15 -18.25 -1.61
N ALA A 473 30.88 -18.42 -0.50
CA ALA A 473 30.36 -18.21 0.85
C ALA A 473 29.82 -16.81 1.03
N ASP A 474 30.61 -15.83 0.60
CA ASP A 474 30.14 -14.44 0.57
C ASP A 474 28.84 -14.26 -0.24
N PHE A 475 28.77 -14.84 -1.43
CA PHE A 475 27.54 -14.76 -2.26
C PHE A 475 26.32 -15.38 -1.57
N GLU A 476 26.51 -16.50 -0.89
CA GLU A 476 25.40 -17.17 -0.18
C GLU A 476 24.96 -16.43 1.07
N THR A 477 25.89 -15.71 1.71
CA THR A 477 25.59 -14.89 2.88
C THR A 477 24.65 -13.73 2.49
N LEU A 478 24.98 -13.10 1.36
CA LEU A 478 24.18 -12.03 0.83
C LEU A 478 22.78 -12.57 0.45
N GLN A 479 22.73 -13.71 -0.24
CA GLN A 479 21.47 -14.43 -0.53
C GLN A 479 20.62 -14.70 0.70
N TYR A 480 21.22 -15.35 1.71
CA TYR A 480 20.58 -15.66 2.99
C TYR A 480 19.94 -14.42 3.62
N THR A 481 20.72 -13.34 3.62
CA THR A 481 20.36 -12.12 4.27
C THR A 481 19.14 -11.51 3.59
N PHE A 482 19.11 -11.47 2.25
CA PHE A 482 17.94 -10.93 1.55
C PHE A 482 16.73 -11.81 1.80
N GLU A 483 16.92 -13.11 1.83
CA GLU A 483 15.80 -13.99 2.14
C GLU A 483 15.24 -13.71 3.54
N ARG A 484 16.14 -13.57 4.51
CA ARG A 484 15.76 -13.36 5.88
C ARG A 484 15.01 -12.03 6.08
N MET A 485 15.54 -11.00 5.45
CA MET A 485 14.94 -9.69 5.34
C MET A 485 13.47 -9.73 4.88
N LYS A 486 13.13 -10.57 3.91
CA LYS A 486 11.75 -10.64 3.41
C LYS A 486 10.88 -11.35 4.39
N GLU A 487 11.38 -12.43 4.92
CA GLU A 487 10.59 -13.12 5.93
C GLU A 487 10.28 -12.17 7.11
N SER A 488 11.24 -11.34 7.50
CA SER A 488 11.07 -10.52 8.67
C SER A 488 10.03 -9.47 8.39
N ALA A 489 10.14 -8.83 7.23
CA ALA A 489 9.16 -7.78 6.80
C ALA A 489 7.75 -8.31 6.81
N ASP A 490 7.59 -9.45 6.21
CA ASP A 490 6.27 -9.99 6.04
C ASP A 490 5.65 -10.34 7.36
N ILE A 491 6.39 -10.99 8.23
CA ILE A 491 5.93 -11.33 9.57
C ILE A 491 5.67 -10.09 10.44
N LEU A 492 6.53 -9.09 10.36
CA LEU A 492 6.34 -7.92 11.12
C LEU A 492 5.08 -7.15 10.72
N LEU A 493 4.78 -7.09 9.40
CA LEU A 493 3.59 -6.38 8.94
C LEU A 493 2.32 -6.90 9.56
N MET A 494 2.24 -8.20 9.79
CA MET A 494 1.02 -8.83 10.28
C MET A 494 1.02 -9.06 11.79
N ASN A 495 2.04 -8.61 12.51
CA ASN A 495 2.14 -8.98 13.92
C ASN A 495 1.11 -8.17 14.67
N THR A 496 0.32 -8.79 15.54
CA THR A 496 -0.75 -8.11 16.24
C THR A 496 -0.49 -7.98 17.75
N GLU A 497 0.68 -8.35 18.22
CA GLU A 497 1.01 -8.24 19.64
C GLU A 497 1.31 -6.79 20.05
N ASN A 498 2.01 -6.07 19.21
CA ASN A 498 2.25 -4.69 19.42
C ASN A 498 1.86 -3.90 18.17
N LYS A 499 0.56 -3.67 18.03
CA LYS A 499 0.01 -2.93 16.91
C LYS A 499 0.57 -1.52 16.79
N PRO A 500 0.69 -0.79 17.92
CA PRO A 500 1.23 0.57 17.70
C PRO A 500 2.67 0.59 17.16
N LEU A 501 3.52 -0.37 17.55
CA LEU A 501 4.86 -0.48 16.99
C LEU A 501 4.80 -0.69 15.45
N ILE A 502 3.95 -1.60 15.04
CA ILE A 502 3.82 -1.95 13.64
C ILE A 502 3.27 -0.78 12.81
N VAL A 503 2.36 0.02 13.35
CA VAL A 503 1.91 1.23 12.67
C VAL A 503 3.11 2.16 12.43
N GLU A 504 3.90 2.38 13.46
CA GLU A 504 5.06 3.33 13.32
C GLU A 504 6.05 2.89 12.25
N ILE A 505 6.42 1.61 12.23
CA ILE A 505 7.52 1.13 11.36
C ILE A 505 7.08 0.67 9.95
N THR A 506 5.77 0.36 9.76
CA THR A 506 5.24 -0.14 8.50
C THR A 506 5.81 0.49 7.21
N PRO A 507 5.88 1.82 7.12
CA PRO A 507 6.42 2.30 5.80
C PRO A 507 7.85 1.83 5.55
N TRP A 508 8.64 1.75 6.60
CA TRP A 508 10.02 1.23 6.53
C TRP A 508 10.04 -0.28 6.31
N VAL A 509 9.12 -1.03 6.92
CA VAL A 509 9.00 -2.45 6.66
C VAL A 509 8.73 -2.70 5.15
N HIS A 510 7.86 -1.91 4.53
CA HIS A 510 7.58 -2.07 3.11
C HIS A 510 8.84 -1.80 2.31
N GLN A 511 9.55 -0.73 2.66
CA GLN A 511 10.72 -0.35 1.92
C GLN A 511 11.91 -1.32 2.06
N PHE A 512 11.97 -1.98 3.22
CA PHE A 512 12.94 -2.95 3.58
C PHE A 512 12.69 -4.21 2.80
N LYS A 513 11.42 -4.59 2.68
CA LYS A 513 11.06 -5.74 1.89
C LYS A 513 11.46 -5.57 0.41
N LEU A 514 11.20 -4.39 -0.13
CA LEU A 514 11.54 -4.08 -1.48
C LEU A 514 13.05 -4.09 -1.70
N THR A 515 13.78 -3.53 -0.72
CA THR A 515 15.24 -3.55 -0.74
C THR A 515 15.76 -5.00 -0.86
N ALA A 516 15.12 -5.88 -0.11
CA ALA A 516 15.53 -7.29 -0.12
C ALA A 516 15.21 -7.97 -1.45
N GLU A 517 14.05 -7.68 -1.99
CA GLU A 517 13.64 -8.23 -3.30
C GLU A 517 14.60 -7.73 -4.37
N MET A 518 14.89 -6.43 -4.36
CA MET A 518 15.86 -5.88 -5.31
C MET A 518 17.22 -6.59 -5.20
N GLY A 519 17.69 -6.80 -4.00
CA GLY A 519 18.90 -7.55 -3.77
C GLY A 519 18.91 -8.95 -4.31
N GLU A 520 17.81 -9.70 -4.09
CA GLU A 520 17.73 -11.02 -4.66
C GLU A 520 17.89 -10.98 -6.22
N GLU A 521 17.12 -10.10 -6.86
CA GLU A 521 17.08 -10.01 -8.31
C GLU A 521 18.41 -9.56 -8.87
N VAL A 522 19.12 -8.70 -8.13
CA VAL A 522 20.47 -8.31 -8.56
C VAL A 522 21.46 -9.49 -8.48
N LEU A 523 21.37 -10.29 -7.42
CA LEU A 523 22.23 -11.48 -7.31
C LEU A 523 21.90 -12.49 -8.44
N LYS A 524 20.63 -12.58 -8.82
CA LYS A 524 20.30 -13.40 -10.00
C LYS A 524 20.86 -12.85 -11.28
N MET A 525 20.89 -11.53 -11.41
CA MET A 525 21.58 -10.93 -12.55
C MET A 525 23.08 -11.27 -12.56
N VAL A 526 23.73 -11.29 -11.39
CA VAL A 526 25.17 -11.69 -11.31
C VAL A 526 25.39 -13.14 -11.75
N GLU A 527 24.55 -14.05 -11.28
CA GLU A 527 24.68 -15.47 -11.61
C GLU A 527 24.13 -15.81 -12.96
N GLY A 528 23.23 -14.97 -13.47
CA GLY A 528 22.48 -15.18 -14.70
C GLY A 528 23.31 -15.67 -15.86
N ARG A 529 22.81 -16.71 -16.51
CA ARG A 529 23.57 -17.43 -17.51
C ARG A 529 23.00 -17.27 -18.92
N ASN A 530 21.85 -16.62 -19.10
CA ASN A 530 21.44 -16.17 -20.45
C ASN A 530 20.84 -14.79 -20.49
N GLU A 531 20.86 -14.26 -21.70
CA GLU A 531 20.46 -12.89 -21.97
C GLU A 531 19.01 -12.60 -21.55
N SER A 532 18.15 -13.52 -21.95
CA SER A 532 16.74 -13.38 -21.77
C SER A 532 16.35 -13.31 -20.29
N TYR A 533 16.93 -14.20 -19.49
CA TYR A 533 16.70 -14.26 -18.08
C TYR A 533 17.26 -13.00 -17.40
N PHE A 534 18.47 -12.60 -17.82
CA PHE A 534 19.10 -11.39 -17.30
C PHE A 534 18.17 -10.19 -17.51
N LEU A 535 17.57 -10.10 -18.71
CA LEU A 535 16.64 -9.02 -19.06
C LEU A 535 15.38 -9.00 -18.22
N ARG A 536 14.80 -10.17 -17.97
CA ARG A 536 13.65 -10.23 -17.09
C ARG A 536 14.00 -9.66 -15.69
N LYS A 537 15.19 -9.95 -15.19
CA LYS A 537 15.59 -9.53 -13.85
C LYS A 537 15.90 -8.06 -13.85
N TYR A 538 16.59 -7.60 -14.89
CA TYR A 538 16.80 -6.16 -15.07
C TYR A 538 15.48 -5.37 -15.00
N ASN A 539 14.48 -5.83 -15.77
CA ASN A 539 13.22 -5.09 -15.81
C ASN A 539 12.51 -5.15 -14.48
N HIS A 540 12.61 -6.30 -13.83
CA HIS A 540 12.08 -6.45 -12.48
C HIS A 540 12.73 -5.49 -11.50
N VAL A 541 14.05 -5.38 -11.55
CA VAL A 541 14.76 -4.45 -10.68
C VAL A 541 14.26 -3.00 -10.91
N LYS A 542 14.11 -2.60 -12.16
CA LYS A 542 13.67 -1.23 -12.47
C LYS A 542 12.31 -0.94 -11.90
N ALA A 543 11.42 -1.93 -11.97
CA ALA A 543 10.10 -1.80 -11.41
C ALA A 543 10.16 -1.67 -9.89
N LEU A 544 11.02 -2.47 -9.26
CA LEU A 544 11.22 -2.37 -7.81
C LEU A 544 11.82 -1.00 -7.40
N GLN A 545 12.72 -0.47 -8.22
CA GLN A 545 13.22 0.88 -7.98
C GLN A 545 12.10 1.90 -7.97
N GLN A 546 11.22 1.78 -8.98
CA GLN A 546 10.08 2.68 -9.07
C GLN A 546 9.13 2.51 -7.88
N GLN A 547 8.86 1.29 -7.47
CA GLN A 547 8.09 1.09 -6.24
C GLN A 547 8.74 1.76 -4.99
N MET A 548 10.05 1.65 -4.86
CA MET A 548 10.75 2.27 -3.74
C MET A 548 10.55 3.77 -3.77
N PHE A 549 10.60 4.37 -4.95
CA PHE A 549 10.35 5.79 -5.12
C PHE A 549 8.92 6.15 -4.72
N TYR A 550 7.94 5.35 -5.15
CA TYR A 550 6.55 5.58 -4.76
C TYR A 550 6.39 5.63 -3.23
N ILE A 551 6.88 4.61 -2.55
CA ILE A 551 6.85 4.63 -1.08
C ILE A 551 7.57 5.87 -0.53
N ASP A 552 8.71 6.19 -1.14
CA ASP A 552 9.46 7.39 -0.73
C ASP A 552 8.67 8.69 -0.84
N GLN A 553 7.76 8.79 -1.81
CA GLN A 553 6.99 9.99 -2.07
C GLN A 553 5.62 9.98 -1.40
N THR A 554 5.14 8.84 -0.94
CA THR A 554 3.80 8.77 -0.34
C THR A 554 3.79 8.42 1.16
N SER A 555 4.91 8.00 1.73
CA SER A 555 4.97 7.71 3.14
C SER A 555 5.83 8.76 3.85
N ASN A 556 5.47 9.05 5.10
CA ASN A 556 6.32 9.86 5.99
C ASN A 556 6.69 11.17 5.30
N GLN A 557 5.68 11.87 4.81
CA GLN A 557 5.88 13.14 4.09
C GLN A 557 5.92 14.39 5.02
N ASN A 558 6.83 14.38 5.97
CA ASN A 558 7.10 15.51 6.80
C ASN A 558 7.85 16.59 6.00
N PRO A 559 7.95 17.83 6.51
CA PRO A 559 8.59 18.91 5.72
C PRO A 559 10.09 18.94 5.64
N TYR A 560 10.80 18.09 6.36
CA TYR A 560 12.21 18.26 6.54
C TYR A 560 13.07 17.19 5.85
N GLN A 561 12.82 15.93 6.16
CA GLN A 561 13.46 14.80 5.49
C GLN A 561 12.32 13.83 5.19
N PRO A 562 11.50 14.15 4.16
CA PRO A 562 10.38 13.25 3.84
C PRO A 562 10.86 11.91 3.31
N GLY A 563 10.03 10.90 3.46
CA GLY A 563 10.31 9.64 2.87
C GLY A 563 10.82 8.57 3.81
N VAL A 564 11.33 7.52 3.20
CA VAL A 564 11.59 6.31 3.90
C VAL A 564 12.86 5.73 3.38
N LYS A 565 13.89 5.75 4.20
CA LYS A 565 15.18 5.17 3.88
C LYS A 565 15.46 4.04 4.86
N THR A 566 16.09 2.98 4.36
CA THR A 566 16.32 1.80 5.14
C THR A 566 17.54 1.04 4.61
N ALA A 567 18.22 0.30 5.49
CA ALA A 567 19.47 -0.42 5.15
C ALA A 567 20.45 0.43 4.33
N THR A 568 20.60 1.69 4.71
CA THR A 568 21.45 2.62 3.94
C THR A 568 22.95 2.44 4.02
N ARG A 569 23.46 1.95 5.15
CA ARG A 569 24.89 2.00 5.36
C ARG A 569 25.65 1.03 4.43
N VAL A 570 25.18 -0.20 4.39
CA VAL A 570 25.88 -1.28 3.70
C VAL A 570 25.03 -1.90 2.56
N ILE A 571 23.79 -2.26 2.86
CA ILE A 571 23.02 -3.09 1.95
C ILE A 571 22.62 -2.39 0.64
N LYS A 572 22.09 -1.18 0.73
CA LYS A 572 21.66 -0.42 -0.43
C LYS A 572 22.85 -0.05 -1.36
N PRO A 573 23.94 0.55 -0.81
CA PRO A 573 25.13 0.77 -1.66
C PRO A 573 25.67 -0.50 -2.33
N LEU A 574 25.58 -1.65 -1.65
CA LEU A 574 26.02 -2.90 -2.23
C LEU A 574 25.14 -3.32 -3.45
N ILE A 575 23.84 -3.21 -3.29
CA ILE A 575 22.88 -3.58 -4.33
C ILE A 575 23.04 -2.57 -5.48
N ASP A 576 23.08 -1.27 -5.15
CA ASP A 576 23.25 -0.24 -6.16
C ASP A 576 24.52 -0.46 -7.03
N ARG A 577 25.65 -0.68 -6.37
CA ARG A 577 26.93 -0.78 -7.05
C ARG A 577 27.07 -2.11 -7.76
N THR A 578 26.52 -3.17 -7.18
CA THR A 578 26.44 -4.46 -7.85
C THR A 578 25.59 -4.36 -9.13
N PHE A 579 24.41 -3.75 -9.04
CA PHE A 579 23.56 -3.54 -10.21
C PHE A 579 24.26 -2.70 -11.27
N ALA A 580 24.94 -1.63 -10.88
CA ALA A 580 25.64 -0.77 -11.86
C ALA A 580 26.70 -1.56 -12.59
N THR A 581 27.50 -2.30 -11.81
CA THR A 581 28.57 -3.10 -12.33
C THR A 581 28.09 -4.18 -13.29
N VAL A 582 27.08 -4.95 -12.89
CA VAL A 582 26.66 -6.07 -13.71
C VAL A 582 25.97 -5.59 -15.03
N VAL A 583 25.29 -4.46 -14.97
CA VAL A 583 24.72 -3.86 -16.17
C VAL A 583 25.85 -3.33 -17.08
N LYS A 584 26.90 -2.77 -16.50
CA LYS A 584 28.07 -2.32 -17.29
C LYS A 584 28.70 -3.51 -18.00
N PHE A 585 28.94 -4.60 -17.26
CA PHE A 585 29.43 -5.85 -17.83
C PHE A 585 28.54 -6.43 -18.94
N PHE A 586 27.23 -6.35 -18.73
CA PHE A 586 26.27 -6.88 -19.71
C PHE A 586 26.31 -6.04 -20.99
N ASN A 587 26.37 -4.71 -20.83
CA ASN A 587 26.49 -3.78 -21.97
C ASN A 587 27.76 -4.00 -22.80
N GLN A 588 28.87 -4.26 -22.13
CA GLN A 588 30.14 -4.51 -22.84
C GLN A 588 30.03 -5.79 -23.58
N LYS A 589 29.45 -6.79 -22.93
CA LYS A 589 29.35 -8.11 -23.50
C LYS A 589 28.42 -8.15 -24.71
N PHE A 590 27.22 -7.61 -24.58
CA PHE A 590 26.21 -7.71 -25.64
C PHE A 590 26.11 -6.42 -26.47
N ASN A 591 27.10 -5.53 -26.36
CA ASN A 591 27.09 -4.26 -27.05
C ASN A 591 25.70 -3.59 -26.87
N ALA A 592 25.23 -3.57 -25.62
CA ALA A 592 23.91 -3.10 -25.30
C ALA A 592 24.05 -1.77 -24.60
N HIS A 593 22.93 -1.10 -24.38
CA HIS A 593 22.89 0.26 -23.80
C HIS A 593 21.83 0.32 -22.71
N LEU A 594 21.79 -0.71 -21.87
CA LEU A 594 20.94 -0.69 -20.68
C LEU A 594 21.35 0.43 -19.72
N ASP A 595 20.35 1.01 -19.10
CA ASP A 595 20.53 2.12 -18.20
C ASP A 595 20.89 1.50 -16.84
N ALA A 596 21.98 2.01 -16.24
CA ALA A 596 22.53 1.55 -14.94
C ALA A 596 22.21 2.44 -13.72
N THR A 597 21.34 3.42 -13.92
CA THR A 597 20.79 4.22 -12.82
C THR A 597 20.17 3.36 -11.72
N THR A 598 20.45 3.72 -10.48
CA THR A 598 20.07 2.91 -9.34
C THR A 598 18.84 3.43 -8.57
N ASP A 599 18.51 4.72 -8.70
CA ASP A 599 17.31 5.32 -8.12
C ASP A 599 16.46 5.91 -9.24
N TYR A 600 15.18 5.56 -9.22
CA TYR A 600 14.24 5.96 -10.22
C TYR A 600 14.00 7.43 -10.09
N MET A 601 14.05 8.12 -11.22
CA MET A 601 13.76 9.52 -11.27
C MET A 601 12.90 9.79 -12.51
N PRO A 602 11.62 10.20 -12.35
CA PRO A 602 10.78 10.45 -13.53
C PRO A 602 11.18 11.70 -14.32
N HIS A 603 11.84 12.66 -13.68
CA HIS A 603 12.30 13.89 -14.33
C HIS A 603 13.74 13.75 -14.77
N LYS A 604 14.19 14.52 -15.77
CA LYS A 604 15.56 14.40 -16.30
C LYS A 604 16.34 15.71 -16.12
N MET A 605 17.67 15.60 -16.03
CA MET A 605 18.55 16.78 -15.96
C MET A 605 19.83 16.61 -16.76
N ILE A 606 20.13 17.57 -17.63
CA ILE A 606 21.35 17.56 -18.45
C ILE A 606 22.21 18.81 -18.22
N SER A 607 23.52 18.66 -18.39
CA SER A 607 24.44 19.78 -18.16
C SER A 607 25.82 19.60 -18.77
N ASN A 608 26.66 20.62 -18.58
CA ASN A 608 28.08 20.59 -18.93
C ASN A 608 28.91 21.29 -17.82
N ILE A 612 28.10 18.60 -11.95
CA ILE A 612 26.64 18.82 -12.12
C ILE A 612 26.02 17.69 -12.95
N LYS A 613 26.59 17.41 -14.13
CA LYS A 613 26.10 16.35 -15.05
C LYS A 613 25.49 15.13 -14.34
N ASN A 614 26.21 14.63 -13.34
CA ASN A 614 25.82 13.40 -12.61
C ASN A 614 25.43 13.59 -11.13
N LEU A 615 25.27 14.84 -10.69
CA LEU A 615 24.50 15.12 -9.51
C LEU A 615 23.04 14.71 -9.82
N PRO A 616 22.52 13.66 -9.16
CA PRO A 616 21.16 13.26 -9.54
C PRO A 616 20.11 14.27 -9.07
N LEU A 617 18.97 14.23 -9.76
CA LEU A 617 17.81 14.98 -9.31
C LEU A 617 17.16 14.25 -8.15
N GLN A 618 16.47 14.99 -7.30
CA GLN A 618 15.64 14.37 -6.26
C GLN A 618 14.28 15.00 -6.26
N VAL A 619 13.28 14.21 -5.86
CA VAL A 619 11.96 14.74 -5.68
C VAL A 619 11.72 14.70 -4.19
N LYS A 620 11.27 15.84 -3.65
CA LYS A 620 10.94 16.01 -2.23
C LYS A 620 9.66 16.81 -2.14
N ALA A 621 8.56 16.15 -1.76
CA ALA A 621 7.25 16.78 -1.74
C ALA A 621 6.97 17.34 -3.16
N ASN A 622 6.58 18.60 -3.29
CA ASN A 622 6.42 19.32 -4.55
C ASN A 622 7.67 20.08 -5.02
N ARG A 623 8.86 19.61 -4.63
CA ARG A 623 10.10 20.22 -5.05
C ARG A 623 10.84 19.24 -5.91
N VAL A 624 11.58 19.77 -6.88
CA VAL A 624 12.44 19.00 -7.75
C VAL A 624 13.75 19.75 -7.69
N LEU A 625 14.78 19.07 -7.21
CA LEU A 625 16.05 19.72 -6.86
C LEU A 625 17.20 18.89 -7.36
N ILE A 626 18.30 19.59 -7.62
CA ILE A 626 19.58 18.96 -7.92
C ILE A 626 20.27 18.72 -6.60
N SER A 627 20.78 17.49 -6.40
CA SER A 627 21.59 17.18 -5.18
C SER A 627 22.77 18.16 -5.07
N PRO A 628 22.87 18.91 -3.95
CA PRO A 628 23.93 19.94 -3.65
C PRO A 628 25.41 19.56 -3.87
N LYS A 634 32.97 23.11 -7.71
CA LYS A 634 31.95 23.03 -8.77
C LYS A 634 31.38 24.41 -9.12
N TRP A 635 32.24 25.41 -9.30
CA TRP A 635 31.82 26.75 -9.74
C TRP A 635 32.59 27.12 -11.01
N ALA A 636 32.58 26.15 -11.93
CA ALA A 636 33.18 26.29 -13.23
C ALA A 636 32.06 26.72 -14.18
N ALA A 637 32.31 27.69 -15.06
CA ALA A 637 31.36 28.01 -16.14
C ALA A 637 31.62 27.11 -17.38
N GLY A 638 31.18 25.85 -17.27
CA GLY A 638 31.05 24.89 -18.39
C GLY A 638 29.91 25.24 -19.35
N ASN A 639 28.87 25.90 -18.80
CA ASN A 639 27.96 26.90 -19.46
C ASN A 639 26.45 26.81 -19.10
N SER A 640 25.84 25.61 -19.11
CA SER A 640 24.38 25.51 -18.88
C SER A 640 23.87 24.28 -18.08
N VAL A 641 22.66 24.40 -17.52
CA VAL A 641 21.91 23.27 -16.94
C VAL A 641 20.41 23.32 -17.30
N GLU A 642 19.87 22.18 -17.73
CA GLU A 642 18.45 22.04 -18.01
C GLU A 642 17.81 20.89 -17.20
N ILE A 643 16.64 21.16 -16.62
CA ILE A 643 15.74 20.13 -16.03
C ILE A 643 14.50 19.96 -16.90
N GLU A 644 14.18 18.72 -17.25
CA GLU A 644 12.89 18.34 -17.87
C GLU A 644 11.98 17.51 -16.93
N LEU A 645 10.83 18.07 -16.55
CA LEU A 645 9.84 17.29 -15.78
C LEU A 645 9.10 16.33 -16.69
N ASP A 646 8.35 15.41 -16.09
CA ASP A 646 7.60 14.37 -16.82
C ASP A 646 6.20 14.81 -17.30
N ALA A 647 5.82 16.05 -17.01
CA ALA A 647 4.55 16.65 -17.40
C ALA A 647 4.66 18.17 -17.22
N ILE A 648 3.59 18.87 -17.61
CA ILE A 648 3.44 20.30 -17.37
C ILE A 648 2.81 20.48 -16.00
N TYR A 649 3.40 21.35 -15.15
CA TYR A 649 2.83 21.71 -13.83
C TYR A 649 2.82 23.21 -13.68
N PRO A 650 1.92 23.76 -12.82
CA PRO A 650 2.04 25.18 -12.46
C PRO A 650 3.25 25.38 -11.57
N GLY A 651 4.07 26.39 -11.89
CA GLY A 651 5.33 26.65 -11.15
C GLY A 651 5.11 27.60 -9.98
N GLU A 652 5.83 27.39 -8.87
CA GLU A 652 5.73 28.28 -7.70
C GLU A 652 6.95 29.20 -7.67
N ASN A 653 8.14 28.61 -7.64
CA ASN A 653 9.40 29.39 -7.65
C ASN A 653 10.59 28.52 -8.01
N ILE A 654 11.72 29.18 -8.22
CA ILE A 654 13.02 28.54 -8.36
C ILE A 654 13.98 29.16 -7.35
N GLN A 655 14.63 28.33 -6.53
CA GLN A 655 15.55 28.80 -5.49
C GLN A 655 16.97 28.30 -5.72
N ILE A 656 17.96 29.18 -5.48
CA ILE A 656 19.35 28.92 -5.83
C ILE A 656 20.29 29.54 -4.80
N ASN A 657 21.34 28.79 -4.40
CA ASN A 657 22.43 29.29 -3.53
C ASN A 657 23.77 28.77 -4.07
N PHE A 658 24.66 29.73 -4.34
CA PHE A 658 25.99 29.50 -4.84
C PHE A 658 27.00 29.87 -3.75
N LEU A 669 18.35 32.44 -16.29
CA LEU A 669 17.28 31.55 -15.81
C LEU A 669 15.98 31.69 -16.62
N GLU A 670 15.57 30.59 -17.28
CA GLU A 670 14.38 30.57 -18.13
C GLU A 670 13.49 29.32 -17.89
N ILE A 671 12.24 29.41 -18.36
CA ILE A 671 11.16 28.39 -18.21
C ILE A 671 10.61 28.05 -19.59
N SER A 672 10.04 26.85 -19.76
CA SER A 672 9.31 26.52 -21.00
C SER A 672 8.36 25.37 -20.75
N THR A 673 7.40 25.19 -21.64
CA THR A 673 6.51 24.01 -21.60
C THR A 673 6.76 22.99 -22.71
N ASP A 674 7.57 23.37 -23.69
CA ASP A 674 7.86 22.51 -24.84
C ASP A 674 9.33 22.39 -25.25
N GLY A 675 10.20 23.26 -24.71
CA GLY A 675 11.63 23.28 -25.06
C GLY A 675 11.97 24.38 -26.04
N LYS A 676 10.95 24.94 -26.69
CA LYS A 676 11.13 25.71 -27.91
C LYS A 676 10.85 27.18 -27.59
N GLU A 677 9.68 27.48 -27.06
CA GLU A 677 9.38 28.83 -26.55
C GLU A 677 9.90 28.95 -25.10
N TRP A 678 10.73 29.96 -24.84
CA TRP A 678 11.31 30.22 -23.51
C TRP A 678 10.79 31.52 -22.90
N LYS A 679 11.06 31.72 -21.61
CA LYS A 679 10.62 32.89 -20.87
C LYS A 679 11.57 33.14 -19.69
N THR A 680 12.35 34.22 -19.76
CA THR A 680 13.32 34.57 -18.71
C THR A 680 12.61 34.86 -17.39
N VAL A 681 13.25 34.53 -16.27
CA VAL A 681 12.79 34.94 -14.94
C VAL A 681 13.95 35.54 -14.14
N ASP A 682 13.66 36.58 -13.37
CA ASP A 682 14.70 37.33 -12.67
C ASP A 682 14.89 36.86 -11.20
N LEU A 683 16.14 36.62 -10.82
CA LEU A 683 16.53 36.19 -9.46
C LEU A 683 16.57 37.40 -8.48
N LYS A 684 17.08 37.24 -7.25
CA LYS A 684 17.08 38.30 -6.20
C LYS A 684 18.35 38.30 -5.32
N LEU A 690 19.16 33.82 -3.62
CA LEU A 690 18.57 33.94 -4.96
C LEU A 690 17.23 33.20 -5.10
N SER A 691 16.22 33.90 -5.63
CA SER A 691 14.85 33.41 -5.70
C SER A 691 14.01 34.11 -6.78
N ALA A 692 13.53 33.32 -7.75
CA ALA A 692 12.58 33.76 -8.80
C ALA A 692 11.17 33.20 -8.55
N GLY A 693 10.17 34.06 -8.39
CA GLY A 693 8.76 33.64 -8.44
C GLY A 693 8.32 33.27 -9.86
N LEU A 694 7.50 32.22 -9.99
CA LEU A 694 6.95 31.78 -11.31
C LEU A 694 5.48 32.11 -11.52
N GLN A 695 4.73 32.32 -10.43
CA GLN A 695 3.34 32.81 -10.50
C GLN A 695 2.39 31.87 -11.25
N LYS A 696 2.59 30.58 -11.03
CA LYS A 696 1.77 29.48 -11.60
C LYS A 696 1.95 29.29 -13.09
N ALA A 697 2.98 29.94 -13.66
CA ALA A 697 3.30 29.78 -15.09
C ALA A 697 3.48 28.28 -15.33
N PRO A 698 2.77 27.71 -16.33
CA PRO A 698 3.03 26.31 -16.71
C PRO A 698 4.53 26.02 -16.91
N VAL A 699 5.05 24.95 -16.29
CA VAL A 699 6.46 24.56 -16.45
C VAL A 699 6.57 23.09 -16.73
N LYS A 700 7.43 22.80 -17.71
CA LYS A 700 7.98 21.48 -17.97
C LYS A 700 9.52 21.49 -17.95
N PHE A 701 10.15 22.50 -18.56
CA PHE A 701 11.60 22.61 -18.66
C PHE A 701 12.08 23.84 -17.92
N VAL A 702 13.25 23.74 -17.26
CA VAL A 702 13.91 24.85 -16.59
C VAL A 702 15.37 24.89 -17.00
N ARG A 703 15.86 26.06 -17.45
CA ARG A 703 17.25 26.24 -17.89
C ARG A 703 17.91 27.40 -17.13
N PHE A 704 19.20 27.26 -16.81
CA PHE A 704 19.95 28.34 -16.20
C PHE A 704 21.29 28.51 -16.91
N THR A 705 21.57 29.74 -17.34
CA THR A 705 22.81 30.06 -18.07
C THR A 705 23.45 31.42 -17.58
N ASN A 706 24.79 31.47 -17.50
CA ASN A 706 25.61 32.72 -17.28
C ASN A 706 25.52 33.41 -15.91
N LEU A 716 27.39 24.66 -5.77
CA LEU A 716 25.95 24.89 -5.59
C LEU A 716 25.33 24.20 -4.36
N ARG A 717 24.88 25.04 -3.43
CA ARG A 717 24.17 24.67 -2.18
C ARG A 717 22.70 24.33 -2.39
N GLN A 718 22.07 25.00 -3.35
CA GLN A 718 20.65 24.88 -3.64
C GLN A 718 20.36 25.14 -5.12
N PHE A 719 19.47 24.34 -5.70
CA PHE A 719 18.92 24.55 -7.04
C PHE A 719 17.60 23.77 -7.11
N VAL A 720 16.50 24.44 -6.81
CA VAL A 720 15.24 23.77 -6.49
C VAL A 720 14.04 24.41 -7.21
N LEU A 721 13.34 23.62 -8.02
CA LEU A 721 12.07 24.06 -8.62
C LEU A 721 10.93 23.60 -7.72
N THR A 722 10.10 24.53 -7.24
CA THR A 722 8.87 24.19 -6.57
C THR A 722 7.69 24.34 -7.58
N ILE A 723 6.84 23.31 -7.67
CA ILE A 723 5.67 23.27 -8.52
C ILE A 723 4.43 23.02 -7.68
N GLU A 724 3.26 23.27 -8.25
CA GLU A 724 2.02 23.04 -7.54
C GLU A 724 1.64 21.59 -7.82
N LYS A 725 1.56 20.76 -6.78
CA LYS A 725 1.08 19.37 -6.93
C LYS A 725 -0.35 19.31 -7.50
N ASN B 12 3.73 -11.18 -41.60
CA ASN B 12 4.52 -10.62 -40.46
C ASN B 12 3.66 -9.80 -39.47
N VAL B 13 2.68 -9.05 -39.99
CA VAL B 13 1.67 -8.31 -39.17
C VAL B 13 0.39 -9.13 -38.92
N SER B 14 -0.03 -9.27 -37.65
CA SER B 14 -1.36 -9.83 -37.34
C SER B 14 -2.47 -8.72 -37.44
N LEU B 15 -2.98 -8.53 -38.66
CA LEU B 15 -4.13 -7.67 -38.86
C LEU B 15 -5.35 -8.06 -38.01
N GLN B 16 -5.91 -7.06 -37.30
CA GLN B 16 -7.08 -7.28 -36.45
C GLN B 16 -8.16 -6.22 -36.67
N PRO B 17 -9.39 -6.64 -37.00
CA PRO B 17 -9.77 -8.00 -37.41
C PRO B 17 -9.08 -8.45 -38.71
N PRO B 18 -8.97 -9.77 -38.95
CA PRO B 18 -8.31 -10.19 -40.18
C PRO B 18 -9.19 -9.97 -41.41
N PRO B 19 -8.59 -9.55 -42.50
CA PRO B 19 -9.45 -9.19 -43.64
C PRO B 19 -10.14 -10.40 -44.27
N GLN B 20 -11.20 -10.19 -45.02
CA GLN B 20 -11.88 -11.33 -45.68
C GLN B 20 -10.95 -11.94 -46.72
N GLN B 21 -10.13 -11.11 -47.36
CA GLN B 21 -9.28 -11.57 -48.44
C GLN B 21 -7.98 -10.76 -48.48
N LEU B 22 -6.86 -11.44 -48.51
CA LEU B 22 -5.59 -10.80 -48.30
C LEU B 22 -4.56 -11.54 -49.15
N ILE B 23 -3.84 -10.82 -50.01
CA ILE B 23 -2.73 -11.39 -50.77
C ILE B 23 -1.55 -10.49 -50.51
N VAL B 24 -0.48 -11.11 -50.01
CA VAL B 24 0.75 -10.42 -49.64
C VAL B 24 1.86 -10.80 -50.63
N GLN B 25 2.79 -9.89 -50.86
CA GLN B 25 3.81 -10.07 -51.90
C GLN B 25 5.19 -10.38 -51.38
N ASN B 26 5.40 -10.34 -50.08
CA ASN B 26 6.71 -10.57 -49.49
C ASN B 26 7.75 -9.65 -50.13
N LYS B 27 7.36 -8.39 -50.20
CA LYS B 27 8.16 -7.33 -50.72
C LYS B 27 7.74 -6.16 -49.87
N THR B 28 8.65 -5.23 -49.63
CA THR B 28 8.38 -4.11 -48.78
C THR B 28 8.64 -2.80 -49.53
N ILE B 29 7.83 -1.78 -49.25
CA ILE B 29 8.12 -0.42 -49.68
C ILE B 29 8.26 0.50 -48.47
N ASP B 30 9.01 1.57 -48.68
CA ASP B 30 9.05 2.65 -47.72
C ASP B 30 7.77 3.47 -47.82
N LEU B 31 7.28 3.93 -46.67
CA LEU B 31 6.29 5.00 -46.60
C LEU B 31 6.92 6.19 -47.30
N PRO B 32 6.23 6.80 -48.25
CA PRO B 32 6.90 7.83 -49.07
C PRO B 32 7.15 9.17 -48.34
N ALA B 33 8.41 9.59 -48.26
CA ALA B 33 8.77 10.94 -47.77
C ALA B 33 7.92 12.01 -48.45
N VAL B 34 7.80 11.90 -49.77
CA VAL B 34 7.02 12.83 -50.59
C VAL B 34 5.94 12.03 -51.31
N TYR B 35 4.69 12.48 -51.21
CA TYR B 35 3.54 11.77 -51.78
C TYR B 35 2.52 12.73 -52.46
N GLN B 36 1.72 12.18 -53.37
CA GLN B 36 0.61 12.91 -53.97
C GLN B 36 -0.67 12.31 -53.48
N LEU B 37 -1.59 13.14 -53.00
CA LEU B 37 -2.88 12.68 -52.49
C LEU B 37 -4.05 13.04 -53.40
N ASN B 38 -4.80 12.02 -53.77
CA ASN B 38 -5.92 12.08 -54.63
C ASN B 38 -7.18 11.73 -53.85
N GLY B 39 -8.10 12.68 -53.72
CA GLY B 39 -9.38 12.43 -53.05
C GLY B 39 -9.51 12.99 -51.63
N GLY B 40 -8.53 13.77 -51.19
CA GLY B 40 -8.58 14.48 -49.92
C GLY B 40 -9.87 15.22 -49.63
N GLU B 41 -10.44 15.85 -50.65
CA GLU B 41 -11.64 16.67 -50.58
C GLU B 41 -12.95 15.92 -50.84
N GLU B 42 -12.87 14.69 -51.29
CA GLU B 42 -14.01 13.88 -51.67
C GLU B 42 -14.32 12.75 -50.67
N ALA B 43 -13.29 12.29 -49.98
CA ALA B 43 -13.39 11.09 -49.15
C ALA B 43 -13.90 11.47 -47.77
N ASN B 44 -14.42 10.48 -47.05
CA ASN B 44 -14.78 10.62 -45.61
C ASN B 44 -13.74 11.43 -44.91
N PRO B 45 -14.10 12.64 -44.47
CA PRO B 45 -13.15 13.48 -43.72
C PRO B 45 -12.58 12.76 -42.48
N HIS B 46 -13.33 11.87 -41.85
CA HIS B 46 -12.79 11.12 -40.70
C HIS B 46 -11.64 10.21 -41.15
N ALA B 47 -11.72 9.64 -42.35
CA ALA B 47 -10.62 8.84 -42.88
C ALA B 47 -9.45 9.72 -43.33
N VAL B 48 -9.77 10.85 -43.93
CA VAL B 48 -8.71 11.73 -44.45
C VAL B 48 -7.81 12.17 -43.31
N LYS B 49 -8.41 12.50 -42.17
CA LYS B 49 -7.67 12.93 -40.97
C LYS B 49 -6.73 11.83 -40.43
N VAL B 50 -7.22 10.61 -40.29
CA VAL B 50 -6.32 9.49 -39.95
C VAL B 50 -5.13 9.45 -40.92
N LEU B 51 -5.42 9.44 -42.22
CA LEU B 51 -4.36 9.41 -43.22
C LEU B 51 -3.29 10.47 -42.95
N LYS B 52 -3.71 11.70 -42.75
CA LYS B 52 -2.74 12.79 -42.69
C LYS B 52 -1.94 12.76 -41.38
N GLU B 53 -2.55 12.26 -40.31
CA GLU B 53 -1.85 11.97 -39.05
C GLU B 53 -0.78 10.95 -39.32
N LEU B 54 -1.11 9.90 -40.08
CA LEU B 54 -0.15 8.88 -40.44
C LEU B 54 0.98 9.34 -41.36
N LEU B 55 0.72 10.32 -42.22
CA LEU B 55 1.73 10.79 -43.16
C LEU B 55 2.63 11.87 -42.56
N SER B 56 3.74 11.39 -42.02
CA SER B 56 4.93 12.19 -41.85
C SER B 56 5.54 12.41 -43.26
N GLY B 57 5.71 13.66 -43.66
CA GLY B 57 6.25 13.98 -44.96
C GLY B 57 5.46 15.05 -45.67
N LYS B 58 6.00 15.54 -46.77
CA LYS B 58 5.42 16.65 -47.56
C LYS B 58 4.49 16.15 -48.66
N GLN B 59 3.43 16.91 -48.94
CA GLN B 59 2.57 16.63 -50.07
C GLN B 59 3.12 17.32 -51.27
N SER B 60 3.20 16.60 -52.38
CA SER B 60 3.55 17.18 -53.65
C SER B 60 2.51 16.80 -54.68
N SER B 61 2.21 17.77 -55.53
CA SER B 61 1.54 17.53 -56.78
C SER B 61 2.47 16.75 -57.70
N LYS B 62 3.74 17.15 -57.74
CA LYS B 62 4.65 16.67 -58.77
C LYS B 62 5.17 15.29 -58.43
N LYS B 63 6.01 15.19 -57.40
CA LYS B 63 6.79 13.98 -57.17
C LYS B 63 6.07 12.99 -56.28
N GLY B 64 6.67 11.80 -56.21
CA GLY B 64 6.36 10.89 -55.14
C GLY B 64 5.12 10.08 -55.38
N MET B 65 4.99 9.09 -54.52
CA MET B 65 3.99 8.05 -54.67
C MET B 65 2.57 8.62 -54.63
N LEU B 66 1.68 8.05 -55.44
CA LEU B 66 0.29 8.45 -55.47
C LEU B 66 -0.45 7.68 -54.41
N ILE B 67 -1.28 8.39 -53.67
CA ILE B 67 -2.14 7.79 -52.72
C ILE B 67 -3.53 8.20 -53.08
N SER B 68 -4.42 7.24 -53.27
CA SER B 68 -5.80 7.52 -53.61
C SER B 68 -6.76 7.15 -52.50
N ILE B 69 -7.66 8.05 -52.11
CA ILE B 69 -8.60 7.79 -51.05
C ILE B 69 -9.97 8.25 -51.47
N GLY B 70 -11.00 7.40 -51.28
CA GLY B 70 -12.34 7.83 -51.55
C GLY B 70 -13.33 6.71 -51.39
N GLU B 71 -14.60 7.03 -51.56
CA GLU B 71 -15.67 6.05 -51.62
C GLU B 71 -16.05 5.74 -53.06
N LYS B 72 -16.65 4.57 -53.29
N LYS B 72 -16.68 4.58 -53.28
CA LYS B 72 -17.22 4.25 -54.56
CA LYS B 72 -17.27 4.22 -54.56
C LYS B 72 -18.07 5.45 -55.04
C LYS B 72 -18.21 5.32 -55.09
N GLY B 73 -17.95 5.79 -56.31
CA GLY B 73 -18.63 6.95 -56.83
C GLY B 73 -17.74 8.18 -56.85
N ASP B 74 -16.71 8.27 -56.02
CA ASP B 74 -15.76 9.38 -56.07
C ASP B 74 -14.80 9.19 -57.25
N LYS B 75 -14.44 10.29 -57.87
CA LYS B 75 -13.58 10.22 -59.06
C LYS B 75 -12.19 9.76 -58.62
N SER B 76 -11.86 10.00 -57.35
CA SER B 76 -10.56 9.63 -56.85
C SER B 76 -10.30 8.13 -56.95
N VAL B 77 -11.34 7.27 -56.89
CA VAL B 77 -11.15 5.83 -56.88
C VAL B 77 -11.92 5.12 -57.95
N ARG B 78 -12.42 5.89 -58.90
CA ARG B 78 -13.03 5.38 -60.13
C ARG B 78 -12.26 4.20 -60.73
N LYS B 79 -10.97 4.43 -60.93
CA LYS B 79 -10.10 3.41 -61.45
C LYS B 79 -10.20 2.04 -60.75
N TYR B 80 -10.41 2.06 -59.43
CA TYR B 80 -10.38 0.83 -58.62
C TYR B 80 -11.75 0.35 -58.24
N SER B 81 -12.78 0.91 -58.87
CA SER B 81 -14.12 0.82 -58.34
C SER B 81 -14.71 -0.59 -58.43
N ARG B 82 -14.25 -1.43 -59.35
CA ARG B 82 -14.71 -2.82 -59.44
C ARG B 82 -13.93 -3.74 -58.48
N GLN B 83 -12.85 -3.24 -57.88
CA GLN B 83 -12.15 -3.96 -56.76
C GLN B 83 -12.85 -3.78 -55.44
N ILE B 84 -13.76 -2.80 -55.31
CA ILE B 84 -14.38 -2.49 -54.05
C ILE B 84 -15.49 -3.47 -53.74
N PRO B 85 -15.42 -4.20 -52.61
CA PRO B 85 -16.51 -5.11 -52.32
C PRO B 85 -17.86 -4.40 -52.27
N ASP B 86 -18.89 -5.09 -52.73
CA ASP B 86 -20.22 -4.51 -52.76
C ASP B 86 -21.00 -4.89 -51.48
N HIS B 87 -20.51 -4.44 -50.34
CA HIS B 87 -21.08 -4.70 -49.01
C HIS B 87 -20.94 -3.40 -48.26
N LYS B 88 -21.91 -3.13 -47.40
CA LYS B 88 -21.75 -1.98 -46.49
C LYS B 88 -20.47 -2.14 -45.64
N GLU B 89 -19.74 -1.05 -45.45
CA GLU B 89 -18.51 -0.99 -44.69
C GLU B 89 -17.37 -1.79 -45.31
N GLY B 90 -17.51 -2.16 -46.57
CA GLY B 90 -16.48 -2.89 -47.28
C GLY B 90 -15.47 -1.88 -47.79
N TYR B 91 -14.30 -2.34 -48.14
CA TYR B 91 -13.28 -1.50 -48.73
C TYR B 91 -12.27 -2.36 -49.50
N TYR B 92 -11.51 -1.67 -50.33
CA TYR B 92 -10.43 -2.25 -51.04
C TYR B 92 -9.19 -1.50 -50.61
N LEU B 93 -8.11 -2.22 -50.40
CA LEU B 93 -6.86 -1.58 -50.01
C LEU B 93 -5.75 -2.22 -50.80
N SER B 94 -4.82 -1.40 -51.29
CA SER B 94 -3.73 -1.90 -52.09
C SER B 94 -2.49 -1.07 -51.76
N VAL B 95 -1.37 -1.74 -51.64
CA VAL B 95 -0.07 -1.09 -51.52
C VAL B 95 0.85 -1.75 -52.50
N ASN B 96 1.54 -0.94 -53.29
CA ASN B 96 2.66 -1.41 -54.09
C ASN B 96 3.67 -0.30 -54.34
N GLU B 97 4.68 -0.58 -55.18
CA GLU B 97 5.73 0.40 -55.49
C GLU B 97 5.19 1.72 -56.06
N LYS B 98 4.09 1.63 -56.80
CA LYS B 98 3.58 2.73 -57.61
C LYS B 98 2.63 3.64 -56.86
N GLU B 99 1.75 3.04 -56.05
CA GLU B 99 0.66 3.76 -55.44
C GLU B 99 -0.03 3.04 -54.28
N ILE B 100 -0.81 3.81 -53.54
CA ILE B 100 -1.58 3.28 -52.45
C ILE B 100 -3.05 3.61 -52.69
N VAL B 101 -3.92 2.61 -52.53
CA VAL B 101 -5.34 2.75 -52.77
C VAL B 101 -6.09 2.38 -51.50
N LEU B 102 -6.97 3.30 -51.07
CA LEU B 102 -7.77 3.20 -49.87
C LEU B 102 -9.16 3.61 -50.27
N ALA B 103 -9.98 2.63 -50.59
CA ALA B 103 -11.26 2.86 -51.25
C ALA B 103 -12.42 2.10 -50.60
N GLY B 104 -13.32 2.83 -49.97
CA GLY B 104 -14.49 2.22 -49.35
C GLY B 104 -15.65 2.06 -50.28
N ASN B 105 -16.52 1.08 -49.98
CA ASN B 105 -17.79 1.06 -50.60
C ASN B 105 -18.68 2.21 -50.16
N ASP B 106 -18.47 2.70 -48.94
CA ASP B 106 -19.21 3.84 -48.41
C ASP B 106 -18.20 4.50 -47.48
N GLU B 107 -18.60 5.59 -46.87
CA GLU B 107 -17.71 6.36 -46.08
C GLU B 107 -17.16 5.58 -44.89
N ARG B 108 -17.97 4.73 -44.28
CA ARG B 108 -17.49 3.95 -43.17
C ARG B 108 -16.43 2.91 -43.65
N GLY B 109 -16.62 2.34 -44.85
CA GLY B 109 -15.62 1.46 -45.46
C GLY B 109 -14.28 2.21 -45.66
N THR B 110 -14.34 3.48 -45.99
CA THR B 110 -13.07 4.20 -46.20
C THR B 110 -12.31 4.33 -44.87
N TYR B 111 -13.00 4.73 -43.82
CA TYR B 111 -12.43 4.77 -42.46
C TYR B 111 -11.81 3.43 -42.04
N TYR B 112 -12.51 2.34 -42.35
CA TYR B 112 -12.05 1.02 -42.04
C TYR B 112 -10.83 0.63 -42.83
N ALA B 113 -10.76 1.06 -44.09
CA ALA B 113 -9.54 0.88 -44.86
C ALA B 113 -8.35 1.54 -44.18
N LEU B 114 -8.58 2.75 -43.70
CA LEU B 114 -7.53 3.46 -42.95
C LEU B 114 -7.09 2.75 -41.63
N GLN B 115 -7.99 2.04 -40.95
CA GLN B 115 -7.62 1.38 -39.71
C GLN B 115 -6.81 0.12 -40.02
N THR B 116 -7.12 -0.54 -41.14
CA THR B 116 -6.24 -1.60 -41.65
C THR B 116 -4.88 -1.00 -42.03
N PHE B 117 -4.90 0.13 -42.72
CA PHE B 117 -3.69 0.70 -43.26
C PHE B 117 -2.74 1.06 -42.12
N ALA B 118 -3.26 1.67 -41.06
CA ALA B 118 -2.49 2.05 -39.87
C ALA B 118 -1.70 0.87 -39.29
N GLN B 119 -2.29 -0.33 -39.29
CA GLN B 119 -1.67 -1.56 -38.78
C GLN B 119 -0.60 -2.12 -39.70
N LEU B 120 -0.65 -1.82 -41.01
CA LEU B 120 0.37 -2.25 -41.94
C LEU B 120 1.63 -1.43 -41.75
N LEU B 121 1.45 -0.17 -41.36
CA LEU B 121 2.52 0.80 -41.28
C LEU B 121 3.40 0.47 -40.11
N LYS B 122 4.65 0.14 -40.39
CA LYS B 122 5.56 -0.48 -39.43
C LYS B 122 6.98 0.09 -39.60
N ASP B 123 7.50 0.81 -38.62
CA ASP B 123 8.87 1.35 -38.68
C ASP B 123 9.17 2.11 -40.01
N GLY B 124 8.19 2.92 -40.41
CA GLY B 124 8.24 3.69 -41.65
C GLY B 124 8.10 2.90 -42.93
N LYS B 125 7.67 1.64 -42.87
CA LYS B 125 7.59 0.75 -44.03
C LYS B 125 6.23 0.06 -44.16
N LEU B 126 5.88 -0.38 -45.38
CA LEU B 126 4.63 -1.09 -45.66
C LEU B 126 4.90 -2.36 -46.42
N PRO B 127 4.12 -3.42 -46.17
CA PRO B 127 4.20 -4.56 -47.05
C PRO B 127 3.43 -4.28 -48.32
N GLU B 128 3.88 -4.88 -49.40
CA GLU B 128 3.14 -4.89 -50.64
C GLU B 128 1.96 -5.87 -50.50
N VAL B 129 0.75 -5.34 -50.56
CA VAL B 129 -0.42 -6.10 -50.20
C VAL B 129 -1.60 -5.67 -51.03
N GLU B 130 -2.55 -6.58 -51.18
CA GLU B 130 -3.83 -6.26 -51.73
C GLU B 130 -4.88 -6.88 -50.82
N ILE B 131 -5.90 -6.09 -50.46
CA ILE B 131 -6.97 -6.51 -49.55
C ILE B 131 -8.35 -6.13 -50.03
N LYS B 132 -9.27 -7.08 -49.97
CA LYS B 132 -10.67 -6.86 -50.10
C LYS B 132 -11.40 -7.30 -48.78
N ASP B 133 -12.15 -6.39 -48.16
CA ASP B 133 -12.61 -6.62 -46.81
C ASP B 133 -14.00 -6.04 -46.59
N TYR B 134 -14.69 -6.66 -45.64
CA TYR B 134 -16.04 -6.30 -45.25
C TYR B 134 -16.42 -7.12 -44.02
N PRO B 135 -17.42 -6.67 -43.24
CA PRO B 135 -17.75 -7.39 -42.06
C PRO B 135 -18.73 -8.51 -42.41
N SER B 136 -18.66 -9.63 -41.72
CA SER B 136 -19.61 -10.74 -41.83
C SER B 136 -20.86 -10.55 -40.96
N VAL B 137 -20.76 -9.76 -39.91
CA VAL B 137 -21.92 -9.38 -39.07
C VAL B 137 -22.17 -7.90 -39.15
N ARG B 138 -23.41 -7.49 -39.28
CA ARG B 138 -23.74 -6.08 -39.60
C ARG B 138 -23.52 -5.11 -38.43
N TYR B 139 -23.92 -5.52 -37.25
CA TYR B 139 -23.72 -4.70 -36.03
C TYR B 139 -22.77 -5.40 -35.07
N ARG B 140 -21.74 -4.67 -34.64
CA ARG B 140 -20.68 -5.23 -33.86
C ARG B 140 -20.23 -4.21 -32.85
N GLY B 141 -20.29 -4.57 -31.58
CA GLY B 141 -19.83 -3.62 -30.60
C GLY B 141 -20.02 -4.03 -29.16
N VAL B 142 -20.36 -3.01 -28.37
CA VAL B 142 -20.39 -3.10 -26.93
C VAL B 142 -21.72 -2.57 -26.42
N VAL B 143 -22.35 -3.30 -25.49
CA VAL B 143 -23.46 -2.77 -24.71
C VAL B 143 -22.99 -2.48 -23.28
N GLU B 144 -23.08 -1.23 -22.83
CA GLU B 144 -22.74 -0.88 -21.44
C GLU B 144 -23.99 -1.18 -20.68
N GLY B 145 -24.10 -2.43 -20.25
CA GLY B 145 -25.34 -2.99 -19.77
C GLY B 145 -25.21 -3.70 -18.44
N PHE B 146 -24.13 -3.42 -17.71
CA PHE B 146 -23.78 -4.16 -16.49
C PHE B 146 -24.34 -3.41 -15.29
N TYR B 147 -24.43 -4.13 -14.17
CA TYR B 147 -24.67 -3.53 -12.85
C TYR B 147 -23.37 -3.15 -12.24
N GLY B 148 -23.33 -2.05 -11.51
CA GLY B 148 -22.08 -1.62 -10.85
C GLY B 148 -21.85 -0.19 -11.23
N THR B 149 -20.71 0.36 -10.86
CA THR B 149 -20.37 1.75 -11.13
C THR B 149 -20.29 1.93 -12.63
N PRO B 150 -21.11 2.83 -13.18
CA PRO B 150 -21.04 3.06 -14.62
C PRO B 150 -19.64 3.56 -15.02
N TRP B 151 -19.26 3.29 -16.26
CA TRP B 151 -18.00 3.77 -16.76
C TRP B 151 -17.92 5.29 -16.63
N SER B 152 -16.74 5.80 -16.29
CA SER B 152 -16.57 7.25 -16.26
C SER B 152 -16.63 7.79 -17.67
N HIS B 153 -16.83 9.09 -17.75
CA HIS B 153 -16.78 9.81 -19.00
C HIS B 153 -15.49 9.59 -19.81
N GLN B 154 -14.36 9.78 -19.15
CA GLN B 154 -13.06 9.54 -19.76
C GLN B 154 -12.91 8.08 -20.23
N ALA B 155 -13.45 7.11 -19.47
CA ALA B 155 -13.33 5.72 -19.89
C ALA B 155 -14.12 5.53 -21.23
N ARG B 156 -15.30 6.12 -21.32
CA ARG B 156 -16.14 5.98 -22.51
C ARG B 156 -15.53 6.66 -23.70
N LEU B 157 -14.92 7.83 -23.50
CA LEU B 157 -14.19 8.45 -24.57
C LEU B 157 -13.16 7.51 -25.15
N SER B 158 -12.37 6.90 -24.28
CA SER B 158 -11.31 5.99 -24.68
C SER B 158 -11.88 4.76 -25.36
N GLN B 159 -13.05 4.28 -24.90
CA GLN B 159 -13.68 3.16 -25.52
C GLN B 159 -14.05 3.43 -26.99
N LEU B 160 -14.63 4.62 -27.24
CA LEU B 160 -15.17 4.92 -28.51
C LEU B 160 -14.05 4.95 -29.53
N LYS B 161 -12.89 5.45 -29.15
CA LYS B 161 -11.74 5.45 -30.01
C LYS B 161 -11.25 4.06 -30.28
N PHE B 162 -11.21 3.23 -29.25
CA PHE B 162 -10.89 1.84 -29.41
C PHE B 162 -11.82 1.07 -30.38
N TYR B 163 -13.11 1.35 -30.31
CA TYR B 163 -14.11 0.67 -31.16
C TYR B 163 -13.86 0.97 -32.64
N GLY B 164 -13.63 2.25 -32.94
CA GLY B 164 -13.33 2.67 -34.30
C GLY B 164 -12.10 1.92 -34.83
N LYS B 165 -11.11 1.76 -33.97
CA LYS B 165 -9.83 1.14 -34.40
C LYS B 165 -10.03 -0.31 -34.80
N ASN B 166 -10.98 -0.97 -34.15
CA ASN B 166 -11.28 -2.36 -34.34
C ASN B 166 -12.56 -2.62 -35.07
N LYS B 167 -13.08 -1.56 -35.73
CA LYS B 167 -14.23 -1.65 -36.62
C LYS B 167 -15.50 -2.11 -35.93
N MET B 168 -15.67 -1.78 -34.66
CA MET B 168 -16.95 -1.98 -34.02
C MET B 168 -17.76 -0.74 -34.29
N ASN B 169 -18.94 -0.93 -34.86
CA ASN B 169 -19.80 0.16 -35.29
C ASN B 169 -20.97 0.48 -34.30
N THR B 170 -20.99 -0.15 -33.12
CA THR B 170 -22.11 -0.06 -32.20
C THR B 170 -21.69 0.08 -30.75
N TYR B 171 -22.22 1.12 -30.10
CA TYR B 171 -22.06 1.31 -28.66
C TYR B 171 -23.44 1.52 -28.14
N ILE B 172 -23.97 0.57 -27.36
CA ILE B 172 -25.27 0.73 -26.76
C ILE B 172 -25.11 1.22 -25.32
N TYR B 173 -25.46 2.48 -25.08
CA TYR B 173 -25.36 3.10 -23.77
C TYR B 173 -26.50 2.62 -22.95
N GLY B 174 -26.22 1.87 -21.89
CA GLY B 174 -27.30 1.36 -21.01
C GLY B 174 -26.97 0.92 -19.57
N PRO B 175 -26.11 1.68 -18.84
CA PRO B 175 -25.70 1.23 -17.51
C PRO B 175 -26.88 1.09 -16.55
N LYS B 176 -27.01 -0.11 -16.00
CA LYS B 176 -28.15 -0.43 -15.14
C LYS B 176 -28.35 0.55 -13.97
N ASP B 177 -27.26 1.08 -13.41
CA ASP B 177 -27.37 1.96 -12.24
C ASP B 177 -27.37 3.48 -12.64
N ASP B 178 -27.59 3.80 -13.92
CA ASP B 178 -27.80 5.19 -14.31
C ASP B 178 -29.29 5.49 -14.14
N PRO B 179 -29.62 6.40 -13.19
CA PRO B 179 -31.04 6.63 -12.83
C PRO B 179 -31.90 7.31 -13.91
N TYR B 180 -31.24 8.04 -14.83
CA TYR B 180 -31.83 8.67 -16.02
C TYR B 180 -31.99 7.68 -17.21
N HIS B 181 -31.31 6.53 -17.16
CA HIS B 181 -31.54 5.37 -18.07
C HIS B 181 -32.71 4.49 -17.54
N SER B 182 -32.80 4.33 -16.22
CA SER B 182 -33.63 3.28 -15.64
C SER B 182 -34.60 3.86 -14.60
N ALA B 183 -34.90 3.06 -13.57
CA ALA B 183 -35.78 3.49 -12.46
C ALA B 183 -35.09 4.54 -11.57
N PRO B 184 -35.84 5.52 -11.04
CA PRO B 184 -37.20 5.92 -11.44
C PRO B 184 -37.23 7.12 -12.41
N ASN B 185 -36.05 7.66 -12.72
CA ASN B 185 -35.91 8.94 -13.46
C ASN B 185 -35.71 8.79 -14.98
N TRP B 186 -36.02 7.62 -15.54
CA TRP B 186 -36.10 7.49 -17.02
C TRP B 186 -37.00 8.55 -17.68
N ARG B 187 -37.95 9.11 -16.96
CA ARG B 187 -38.77 10.18 -17.50
C ARG B 187 -38.05 11.51 -17.55
N LEU B 188 -36.93 11.68 -16.84
CA LEU B 188 -36.26 13.01 -16.74
C LEU B 188 -35.10 13.28 -17.73
N PRO B 189 -35.04 14.51 -18.25
CA PRO B 189 -33.83 14.81 -19.01
C PRO B 189 -32.60 14.68 -18.09
N TYR B 190 -31.45 14.33 -18.69
CA TYR B 190 -30.17 14.42 -17.99
C TYR B 190 -29.93 15.90 -17.50
N PRO B 191 -29.36 16.07 -16.28
CA PRO B 191 -28.89 17.38 -15.86
C PRO B 191 -27.86 17.91 -16.82
N ASP B 192 -27.63 19.22 -16.74
CA ASP B 192 -26.80 19.96 -17.71
C ASP B 192 -25.43 19.35 -17.96
N LYS B 193 -24.73 19.03 -16.86
CA LYS B 193 -23.40 18.45 -16.89
C LYS B 193 -23.37 17.10 -17.61
N GLU B 194 -24.27 16.19 -17.22
CA GLU B 194 -24.32 14.90 -17.86
C GLU B 194 -24.72 15.04 -19.36
N ALA B 195 -25.65 15.98 -19.67
CA ALA B 195 -26.14 16.18 -21.00
C ALA B 195 -24.98 16.69 -21.91
N ALA B 196 -24.21 17.69 -21.40
CA ALA B 196 -23.00 18.15 -22.11
C ALA B 196 -22.03 16.95 -22.35
N GLN B 197 -21.83 16.11 -21.34
CA GLN B 197 -20.98 14.96 -21.50
C GLN B 197 -21.52 13.95 -22.57
N LEU B 198 -22.81 13.62 -22.56
CA LEU B 198 -23.39 12.76 -23.59
C LEU B 198 -23.22 13.33 -25.01
N GLN B 199 -23.38 14.62 -25.12
CA GLN B 199 -23.22 15.34 -26.41
C GLN B 199 -21.79 15.15 -26.94
N GLU B 200 -20.80 15.27 -26.06
CA GLU B 200 -19.42 15.03 -26.41
C GLU B 200 -19.25 13.55 -26.83
N LEU B 201 -19.86 12.62 -26.07
CA LEU B 201 -19.76 11.20 -26.39
C LEU B 201 -20.24 10.97 -27.79
N VAL B 202 -21.36 11.58 -28.13
CA VAL B 202 -21.96 11.36 -29.44
C VAL B 202 -21.06 11.93 -30.54
N ALA B 203 -20.56 13.14 -30.37
CA ALA B 203 -19.64 13.68 -31.38
C ALA B 203 -18.42 12.72 -31.57
N VAL B 204 -17.89 12.19 -30.46
CA VAL B 204 -16.74 11.34 -30.55
C VAL B 204 -17.09 10.00 -31.19
N ALA B 205 -18.25 9.45 -30.89
CA ALA B 205 -18.69 8.27 -31.55
C ALA B 205 -18.72 8.55 -33.06
N ASN B 206 -19.33 9.65 -33.48
CA ASN B 206 -19.47 9.96 -34.91
C ASN B 206 -18.13 10.05 -35.62
N GLU B 207 -17.15 10.72 -35.00
CA GLU B 207 -15.76 10.79 -35.53
C GLU B 207 -15.05 9.41 -35.64
N ASN B 208 -15.46 8.43 -34.83
CA ASN B 208 -14.86 7.08 -34.90
C ASN B 208 -15.76 6.07 -35.60
N GLU B 209 -16.80 6.59 -36.25
CA GLU B 209 -17.70 5.81 -37.04
C GLU B 209 -18.48 4.79 -36.21
N VAL B 210 -18.86 5.17 -35.01
CA VAL B 210 -19.62 4.28 -34.11
C VAL B 210 -21.03 4.80 -33.99
N ASP B 211 -22.04 3.95 -34.20
CA ASP B 211 -23.41 4.29 -33.83
C ASP B 211 -23.56 4.35 -32.28
N PHE B 212 -23.79 5.54 -31.72
CA PHE B 212 -24.13 5.72 -30.28
C PHE B 212 -25.60 5.43 -30.12
N VAL B 213 -25.94 4.29 -29.53
CA VAL B 213 -27.35 3.86 -29.41
C VAL B 213 -27.78 4.17 -27.96
N TRP B 214 -28.67 5.17 -27.77
CA TRP B 214 -29.07 5.51 -26.40
C TRP B 214 -30.21 4.56 -26.01
N ALA B 215 -30.03 3.83 -24.91
CA ALA B 215 -31.07 2.88 -24.43
C ALA B 215 -31.85 3.44 -23.23
N ILE B 216 -33.10 3.06 -23.12
CA ILE B 216 -33.94 3.40 -21.99
C ILE B 216 -34.57 2.14 -21.45
N HIS B 217 -34.65 2.05 -20.12
CA HIS B 217 -35.05 0.85 -19.38
C HIS B 217 -36.24 1.28 -18.53
N PRO B 218 -37.40 1.49 -19.17
CA PRO B 218 -38.48 2.16 -18.49
C PRO B 218 -39.43 1.22 -17.77
N GLY B 219 -39.14 -0.08 -17.74
CA GLY B 219 -40.21 -1.07 -17.61
C GLY B 219 -40.73 -1.38 -16.21
N GLN B 220 -39.91 -1.16 -15.18
CA GLN B 220 -40.28 -1.57 -13.82
C GLN B 220 -41.59 -0.85 -13.38
N ASP B 221 -41.68 0.44 -13.71
CA ASP B 221 -42.80 1.29 -13.33
C ASP B 221 -43.48 1.97 -14.53
N ILE B 222 -43.33 1.46 -15.75
CA ILE B 222 -44.07 2.03 -16.90
C ILE B 222 -45.57 1.79 -16.77
N LYS B 223 -46.35 2.71 -17.32
CA LYS B 223 -47.80 2.54 -17.48
C LYS B 223 -48.07 2.50 -18.99
N TRP B 224 -49.08 1.72 -19.41
CA TRP B 224 -49.39 1.58 -20.82
C TRP B 224 -50.43 2.61 -21.25
N ASN B 225 -50.15 3.89 -21.05
CA ASN B 225 -51.13 4.97 -21.35
C ASN B 225 -50.59 6.05 -22.30
N LYS B 226 -51.44 7.02 -22.61
CA LYS B 226 -51.03 8.31 -23.21
C LYS B 226 -49.75 8.85 -22.58
N GLU B 227 -49.82 9.05 -21.26
CA GLU B 227 -48.84 9.85 -20.50
C GLU B 227 -47.40 9.34 -20.57
N ASP B 228 -47.20 8.04 -20.36
CA ASP B 228 -45.85 7.50 -20.24
C ASP B 228 -45.25 7.24 -21.62
N ARG B 229 -46.11 6.93 -22.59
CA ARG B 229 -45.68 6.88 -24.00
C ARG B 229 -45.14 8.24 -24.47
N ASP B 230 -45.81 9.31 -24.09
CA ASP B 230 -45.40 10.67 -24.46
C ASP B 230 -44.11 11.04 -23.76
N LEU B 231 -44.00 10.74 -22.46
CA LEU B 231 -42.77 11.00 -21.68
C LEU B 231 -41.54 10.26 -22.21
N LEU B 232 -41.72 9.00 -22.61
CA LEU B 232 -40.63 8.26 -23.29
C LEU B 232 -40.23 8.92 -24.62
N LEU B 233 -41.22 9.28 -25.47
CA LEU B 233 -40.89 9.99 -26.72
C LEU B 233 -40.25 11.38 -26.51
N ALA B 234 -40.72 12.09 -25.46
CA ALA B 234 -40.12 13.34 -25.00
C ALA B 234 -38.70 13.12 -24.48
N LYS B 235 -38.46 12.02 -23.78
CA LYS B 235 -37.10 11.69 -23.38
C LYS B 235 -36.24 11.34 -24.60
N PHE B 236 -36.76 10.55 -25.53
CA PHE B 236 -36.03 10.30 -26.83
C PHE B 236 -35.76 11.57 -27.64
N GLU B 237 -36.76 12.43 -27.75
CA GLU B 237 -36.56 13.79 -28.37
C GLU B 237 -35.41 14.62 -27.76
N LYS B 238 -35.29 14.63 -26.42
CA LYS B 238 -34.14 15.30 -25.73
C LYS B 238 -32.83 14.65 -26.12
N MET B 239 -32.82 13.33 -26.19
CA MET B 239 -31.58 12.62 -26.60
C MET B 239 -31.17 12.97 -28.06
N TYR B 240 -32.16 12.98 -28.95
CA TYR B 240 -31.91 13.42 -30.35
C TYR B 240 -31.29 14.87 -30.42
N GLN B 241 -31.84 15.75 -29.57
CA GLN B 241 -31.31 17.13 -29.45
C GLN B 241 -29.83 17.13 -29.06
N LEU B 242 -29.43 16.21 -28.23
CA LEU B 242 -28.00 16.00 -27.92
C LEU B 242 -27.12 15.32 -29.01
N GLY B 243 -27.68 14.98 -30.19
CA GLY B 243 -26.96 14.26 -31.27
C GLY B 243 -27.31 12.75 -31.43
N VAL B 244 -28.09 12.16 -30.53
CA VAL B 244 -28.32 10.72 -30.61
C VAL B 244 -29.17 10.38 -31.87
N ARG B 245 -28.71 9.42 -32.67
CA ARG B 245 -29.40 8.95 -33.91
C ARG B 245 -29.68 7.46 -33.94
N SER B 246 -29.58 6.78 -32.81
CA SER B 246 -29.94 5.35 -32.74
C SER B 246 -30.47 5.16 -31.32
N PHE B 247 -31.45 4.28 -31.21
CA PHE B 247 -32.26 4.21 -30.02
C PHE B 247 -32.55 2.75 -29.61
N ALA B 248 -32.61 2.54 -28.30
CA ALA B 248 -33.10 1.27 -27.79
C ALA B 248 -34.05 1.41 -26.61
N VAL B 249 -34.92 0.38 -26.52
CA VAL B 249 -35.80 0.19 -25.37
C VAL B 249 -35.59 -1.21 -24.81
N PHE B 250 -35.17 -1.26 -23.53
CA PHE B 250 -34.91 -2.51 -22.79
C PHE B 250 -36.03 -2.86 -21.81
N PHE B 251 -36.43 -4.14 -21.82
CA PHE B 251 -37.40 -4.73 -20.86
C PHE B 251 -36.79 -5.92 -20.11
N ASP B 252 -35.48 -5.89 -19.87
CA ASP B 252 -34.84 -6.98 -19.15
C ASP B 252 -34.86 -6.79 -17.60
N ASP B 253 -34.91 -7.94 -16.88
CA ASP B 253 -34.90 -8.02 -15.41
C ASP B 253 -35.98 -7.17 -14.77
N ILE B 254 -37.18 -7.18 -15.37
CA ILE B 254 -38.35 -6.44 -14.87
C ILE B 254 -39.49 -7.43 -14.58
N SER B 255 -40.20 -7.20 -13.47
CA SER B 255 -41.51 -7.79 -13.27
C SER B 255 -42.61 -6.74 -13.44
N GLY B 256 -43.84 -7.21 -13.43
CA GLY B 256 -45.00 -6.36 -13.47
C GLY B 256 -45.52 -6.27 -14.88
N GLU B 257 -46.40 -5.30 -15.09
CA GLU B 257 -47.15 -5.21 -16.32
C GLU B 257 -46.28 -4.69 -17.49
N GLY B 258 -45.08 -4.18 -17.18
CA GLY B 258 -44.05 -3.85 -18.19
C GLY B 258 -43.52 -5.02 -19.02
N THR B 259 -43.85 -6.25 -18.60
CA THR B 259 -43.54 -7.51 -19.31
C THR B 259 -44.56 -7.94 -20.40
N ASN B 260 -45.58 -7.12 -20.63
CA ASN B 260 -46.64 -7.47 -21.56
C ASN B 260 -46.16 -7.54 -23.02
N PRO B 261 -46.20 -8.73 -23.66
CA PRO B 261 -45.61 -8.90 -25.00
C PRO B 261 -46.13 -7.98 -26.15
N GLN B 262 -47.43 -7.79 -26.36
CA GLN B 262 -47.85 -6.94 -27.51
C GLN B 262 -47.80 -5.42 -27.26
N LYS B 263 -48.16 -4.97 -26.05
CA LYS B 263 -47.93 -3.57 -25.62
C LYS B 263 -46.46 -3.12 -25.77
N GLN B 264 -45.54 -4.05 -25.51
CA GLN B 264 -44.15 -3.90 -25.86
C GLN B 264 -43.94 -3.72 -27.36
N ALA B 265 -44.55 -4.57 -28.19
CA ALA B 265 -44.40 -4.44 -29.64
C ALA B 265 -45.05 -3.16 -30.15
N GLU B 266 -46.28 -2.88 -29.70
CA GLU B 266 -47.00 -1.65 -30.08
C GLU B 266 -46.17 -0.40 -29.81
N LEU B 267 -45.62 -0.33 -28.60
CA LEU B 267 -44.83 0.81 -28.17
C LEU B 267 -43.61 0.99 -29.09
N LEU B 268 -42.89 -0.10 -29.35
CA LEU B 268 -41.76 -0.07 -30.30
C LEU B 268 -42.16 0.30 -31.74
N ASN B 269 -43.30 -0.21 -32.22
CA ASN B 269 -43.84 0.22 -33.53
C ASN B 269 -44.27 1.70 -33.55
N TYR B 270 -44.85 2.15 -32.44
CA TYR B 270 -45.22 3.56 -32.29
C TYR B 270 -43.95 4.43 -32.36
N ILE B 271 -42.90 4.00 -31.65
CA ILE B 271 -41.61 4.67 -31.70
C ILE B 271 -41.05 4.56 -33.12
N ASP B 272 -41.17 3.38 -33.73
CA ASP B 272 -40.79 3.21 -35.15
C ASP B 272 -41.46 4.24 -36.06
N GLU B 273 -42.78 4.28 -36.00
CA GLU B 273 -43.57 5.02 -36.99
C GLU B 273 -43.59 6.56 -36.82
N LYS B 274 -43.72 7.03 -35.58
CA LYS B 274 -43.87 8.48 -35.26
C LYS B 274 -42.56 9.20 -34.88
N PHE B 275 -41.48 8.45 -34.66
CA PHE B 275 -40.18 9.02 -34.24
C PHE B 275 -39.10 8.54 -35.20
N ALA B 276 -38.83 7.24 -35.26
CA ALA B 276 -37.78 6.73 -36.12
C ALA B 276 -38.02 6.93 -37.64
N GLN B 277 -39.27 6.99 -38.13
CA GLN B 277 -39.54 7.35 -39.56
C GLN B 277 -39.67 8.85 -39.83
N VAL B 278 -39.99 9.61 -38.79
CA VAL B 278 -40.35 11.02 -38.92
C VAL B 278 -39.06 11.85 -39.03
N LYS B 279 -38.01 11.41 -38.34
CA LYS B 279 -36.68 12.04 -38.43
C LYS B 279 -35.98 11.57 -39.72
N PRO B 280 -35.11 12.45 -40.30
CA PRO B 280 -34.39 12.07 -41.56
C PRO B 280 -33.27 11.01 -41.42
N ASP B 281 -32.75 10.77 -40.19
CA ASP B 281 -31.38 10.27 -39.98
C ASP B 281 -31.19 9.36 -38.69
N ILE B 282 -32.24 8.61 -38.31
CA ILE B 282 -32.23 7.58 -37.25
C ILE B 282 -31.81 6.23 -37.84
N ASN B 283 -30.75 5.60 -37.28
CA ASN B 283 -30.20 4.32 -37.80
C ASN B 283 -30.79 3.10 -37.06
N GLN B 284 -30.22 2.67 -35.94
CA GLN B 284 -30.70 1.46 -35.29
C GLN B 284 -31.86 1.80 -34.39
N LEU B 285 -32.85 0.93 -34.44
CA LEU B 285 -33.87 0.84 -33.44
C LEU B 285 -33.88 -0.61 -32.93
N VAL B 286 -33.56 -0.75 -31.64
CA VAL B 286 -33.31 -2.06 -31.03
C VAL B 286 -34.11 -2.26 -29.75
N MET B 287 -34.66 -3.44 -29.53
CA MET B 287 -35.27 -3.78 -28.21
C MET B 287 -34.65 -5.00 -27.55
N CYS B 288 -34.57 -4.97 -26.22
CA CYS B 288 -34.24 -6.14 -25.41
C CYS B 288 -35.52 -6.73 -24.82
N PRO B 289 -35.86 -7.97 -25.23
CA PRO B 289 -37.09 -8.59 -24.73
C PRO B 289 -36.97 -8.98 -23.25
N THR B 290 -38.10 -9.13 -22.57
CA THR B 290 -38.12 -9.61 -21.19
C THR B 290 -37.65 -11.07 -21.09
N GLU B 291 -38.19 -11.93 -21.96
CA GLU B 291 -37.60 -13.27 -22.25
C GLU B 291 -36.45 -13.13 -23.23
N TYR B 292 -35.23 -13.09 -22.71
CA TYR B 292 -34.04 -12.76 -23.49
C TYR B 292 -33.01 -13.89 -23.58
N ASN B 293 -33.39 -15.07 -23.09
CA ASN B 293 -32.58 -16.31 -23.26
C ASN B 293 -33.53 -17.53 -23.17
N LYS B 294 -33.05 -18.66 -23.66
CA LYS B 294 -33.91 -19.83 -23.84
C LYS B 294 -34.51 -20.29 -22.50
N SER B 295 -33.66 -20.60 -21.52
CA SER B 295 -34.08 -20.87 -20.12
C SER B 295 -35.25 -20.08 -19.58
N TRP B 296 -35.17 -18.75 -19.66
CA TRP B 296 -36.18 -17.90 -19.05
C TRP B 296 -37.38 -17.71 -19.94
N SER B 297 -37.41 -18.29 -21.15
CA SER B 297 -38.61 -18.12 -21.96
C SER B 297 -39.65 -19.15 -21.54
N ASN B 298 -40.90 -18.84 -21.85
CA ASN B 298 -42.02 -19.66 -21.49
C ASN B 298 -42.06 -20.83 -22.50
N PRO B 299 -42.01 -22.09 -22.01
CA PRO B 299 -42.05 -23.23 -22.96
C PRO B 299 -43.32 -23.27 -23.78
N ASN B 300 -44.44 -22.96 -23.14
CA ASN B 300 -45.75 -22.96 -23.74
C ASN B 300 -46.02 -21.51 -24.23
N GLY B 301 -46.54 -20.64 -23.36
CA GLY B 301 -46.84 -19.22 -23.65
C GLY B 301 -45.92 -18.50 -24.61
N ASN B 302 -46.50 -17.57 -25.37
CA ASN B 302 -46.01 -17.18 -26.71
C ASN B 302 -45.36 -15.80 -26.78
N TYR B 303 -44.54 -15.47 -25.81
CA TYR B 303 -43.96 -14.14 -25.74
C TYR B 303 -43.13 -13.90 -26.99
N LEU B 304 -42.29 -14.88 -27.35
CA LEU B 304 -41.31 -14.70 -28.42
C LEU B 304 -41.92 -14.73 -29.83
N THR B 305 -42.92 -15.58 -30.06
CA THR B 305 -43.62 -15.57 -31.36
C THR B 305 -44.49 -14.33 -31.52
N THR B 306 -44.98 -13.77 -30.39
CA THR B 306 -45.71 -12.46 -30.38
C THR B 306 -44.81 -11.30 -30.86
N LEU B 307 -43.65 -11.11 -30.22
CA LEU B 307 -42.64 -10.15 -30.69
C LEU B 307 -42.34 -10.44 -32.14
N GLY B 308 -42.08 -11.72 -32.41
CA GLY B 308 -41.68 -12.17 -33.73
C GLY B 308 -42.60 -11.74 -34.83
N ASP B 309 -43.91 -11.92 -34.59
CA ASP B 309 -44.94 -11.63 -35.59
C ASP B 309 -45.38 -10.17 -35.49
N LYS B 310 -45.45 -9.60 -34.28
CA LYS B 310 -45.98 -8.23 -34.10
C LYS B 310 -44.97 -7.03 -34.04
N LEU B 311 -43.66 -7.25 -34.21
CA LEU B 311 -42.69 -6.16 -34.21
C LEU B 311 -42.30 -5.83 -35.66
N ASN B 312 -42.37 -4.55 -36.02
CA ASN B 312 -42.02 -4.12 -37.37
C ASN B 312 -40.66 -4.75 -37.75
N PRO B 313 -40.56 -5.34 -38.97
CA PRO B 313 -39.37 -6.19 -39.20
C PRO B 313 -38.00 -5.48 -39.19
N SER B 314 -37.94 -4.16 -39.30
CA SER B 314 -36.65 -3.50 -39.21
C SER B 314 -36.15 -3.31 -37.70
N ILE B 315 -36.99 -3.62 -36.72
CA ILE B 315 -36.64 -3.46 -35.33
C ILE B 315 -35.88 -4.75 -34.98
N GLN B 316 -34.75 -4.59 -34.29
CA GLN B 316 -33.92 -5.72 -33.89
C GLN B 316 -34.33 -6.23 -32.54
N ILE B 317 -34.11 -7.52 -32.32
CA ILE B 317 -34.40 -8.14 -31.03
C ILE B 317 -33.19 -8.82 -30.40
N MET B 318 -32.88 -8.40 -29.19
CA MET B 318 -31.71 -8.90 -28.49
C MET B 318 -31.92 -10.26 -27.80
N TRP B 319 -30.80 -10.93 -27.56
CA TRP B 319 -30.79 -12.32 -27.10
C TRP B 319 -29.41 -12.68 -26.54
N THR B 320 -29.39 -13.28 -25.35
CA THR B 320 -28.13 -13.63 -24.68
C THR B 320 -27.72 -15.09 -24.86
N GLY B 321 -28.58 -15.91 -25.49
CA GLY B 321 -28.22 -17.28 -25.81
C GLY B 321 -29.17 -18.24 -25.13
N ASP B 322 -28.64 -19.41 -24.78
CA ASP B 322 -29.47 -20.46 -24.14
C ASP B 322 -29.72 -20.10 -22.66
N ARG B 323 -28.87 -19.28 -22.09
CA ARG B 323 -28.94 -18.94 -20.67
C ARG B 323 -28.50 -17.49 -20.49
N VAL B 324 -28.60 -16.99 -19.27
CA VAL B 324 -28.20 -15.62 -19.01
C VAL B 324 -26.75 -15.40 -19.48
N ILE B 325 -25.89 -16.35 -19.15
CA ILE B 325 -24.48 -16.34 -19.50
C ILE B 325 -24.22 -17.53 -20.38
N SER B 326 -24.15 -17.32 -21.69
CA SER B 326 -23.88 -18.46 -22.53
C SER B 326 -23.22 -18.10 -23.78
N ASP B 327 -22.54 -19.07 -24.33
CA ASP B 327 -21.91 -18.93 -25.60
C ASP B 327 -22.93 -19.24 -26.69
N ILE B 328 -22.69 -18.77 -27.90
CA ILE B 328 -23.74 -18.82 -28.93
C ILE B 328 -23.42 -20.00 -29.84
N THR B 329 -24.34 -20.96 -29.96
CA THR B 329 -24.14 -22.14 -30.78
C THR B 329 -25.07 -22.08 -31.99
N ARG B 330 -24.81 -22.90 -32.97
CA ARG B 330 -25.73 -23.02 -34.13
C ARG B 330 -27.14 -23.43 -33.73
N ASP B 331 -27.26 -24.41 -32.85
CA ASP B 331 -28.59 -24.86 -32.39
C ASP B 331 -29.29 -23.80 -31.54
N GLY B 332 -28.50 -23.08 -30.71
CA GLY B 332 -29.00 -21.95 -29.96
C GLY B 332 -29.55 -20.85 -30.86
N ILE B 333 -28.75 -20.41 -31.81
CA ILE B 333 -29.20 -19.35 -32.74
C ILE B 333 -30.37 -19.77 -33.66
N SER B 334 -30.43 -21.02 -34.13
CA SER B 334 -31.68 -21.48 -34.85
C SER B 334 -32.90 -21.45 -33.97
N TRP B 335 -32.71 -21.80 -32.71
CA TRP B 335 -33.84 -21.93 -31.83
C TRP B 335 -34.53 -20.56 -31.72
N ILE B 336 -33.76 -19.51 -31.46
CA ILE B 336 -34.34 -18.18 -31.34
C ILE B 336 -34.83 -17.63 -32.69
N ASN B 337 -34.05 -17.80 -33.77
CA ASN B 337 -34.40 -17.16 -35.06
C ASN B 337 -35.78 -17.62 -35.63
N GLU B 338 -36.07 -18.91 -35.45
CA GLU B 338 -37.39 -19.48 -35.86
C GLU B 338 -38.57 -18.84 -35.16
N ARG B 339 -38.36 -18.27 -34.00
CA ARG B 339 -39.44 -17.72 -33.19
C ARG B 339 -39.55 -16.21 -33.30
N ILE B 340 -38.41 -15.51 -33.44
CA ILE B 340 -38.42 -14.06 -33.60
C ILE B 340 -38.50 -13.60 -35.07
N LYS B 341 -38.38 -14.52 -36.01
CA LYS B 341 -38.65 -14.28 -37.44
C LYS B 341 -37.59 -13.39 -38.10
N ARG B 342 -36.39 -13.38 -37.52
CA ARG B 342 -35.29 -12.55 -37.97
C ARG B 342 -34.01 -12.98 -37.26
N PRO B 343 -32.84 -12.58 -37.77
CA PRO B 343 -31.60 -12.93 -37.10
C PRO B 343 -31.49 -12.18 -35.79
N ALA B 344 -31.13 -12.91 -34.74
CA ALA B 344 -31.07 -12.37 -33.40
C ALA B 344 -29.92 -11.36 -33.34
N TYR B 345 -30.11 -10.33 -32.55
CA TYR B 345 -29.06 -9.38 -32.23
C TYR B 345 -28.45 -9.85 -30.90
N ILE B 346 -27.34 -10.57 -30.96
CA ILE B 346 -26.74 -11.15 -29.76
C ILE B 346 -26.24 -10.11 -28.76
N TRP B 347 -26.64 -10.34 -27.49
CA TRP B 347 -26.07 -9.67 -26.31
C TRP B 347 -25.30 -10.74 -25.59
N TRP B 348 -23.98 -10.69 -25.71
CA TRP B 348 -23.11 -11.72 -25.17
C TRP B 348 -22.61 -11.31 -23.80
N ASN B 349 -22.96 -12.07 -22.77
CA ASN B 349 -22.66 -11.66 -21.38
C ASN B 349 -21.33 -12.15 -20.94
N PHE B 350 -20.29 -11.64 -21.62
CA PHE B 350 -18.94 -11.85 -21.22
C PHE B 350 -18.19 -10.62 -21.81
N PRO B 351 -17.28 -10.00 -21.09
CA PRO B 351 -16.69 -10.45 -19.82
C PRO B 351 -17.35 -9.86 -18.57
N VAL B 352 -18.61 -9.45 -18.66
CA VAL B 352 -19.30 -8.86 -17.56
C VAL B 352 -19.11 -9.73 -16.31
N SER B 353 -18.80 -9.07 -15.20
CA SER B 353 -18.41 -9.75 -13.98
C SER B 353 -19.22 -9.22 -12.81
N ASP B 354 -20.40 -8.62 -13.07
CA ASP B 354 -21.24 -8.04 -12.01
C ASP B 354 -21.90 -9.05 -11.03
N TYR B 355 -21.74 -10.35 -11.30
CA TYR B 355 -22.19 -11.44 -10.43
C TYR B 355 -20.97 -12.23 -9.87
N VAL B 356 -19.75 -11.82 -10.22
CA VAL B 356 -18.52 -12.41 -9.67
C VAL B 356 -17.53 -11.25 -9.51
N ARG B 357 -17.98 -10.22 -8.82
CA ARG B 357 -17.23 -8.95 -8.75
C ARG B 357 -15.87 -8.99 -8.08
N ASP B 358 -15.57 -10.14 -7.45
CA ASP B 358 -14.26 -10.40 -6.87
C ASP B 358 -13.25 -11.06 -7.82
N HIS B 359 -13.69 -11.42 -9.04
CA HIS B 359 -12.84 -11.86 -10.14
C HIS B 359 -12.74 -10.82 -11.28
N LEU B 360 -11.54 -10.71 -11.84
CA LEU B 360 -11.33 -10.10 -13.14
C LEU B 360 -11.39 -11.17 -14.20
N LEU B 361 -12.07 -10.92 -15.32
CA LEU B 361 -12.19 -11.93 -16.40
C LEU B 361 -11.38 -11.51 -17.63
N LEU B 362 -10.11 -11.92 -17.66
CA LEU B 362 -9.14 -11.37 -18.61
C LEU B 362 -8.67 -12.37 -19.65
N GLY B 363 -9.35 -13.53 -19.73
CA GLY B 363 -8.92 -14.55 -20.64
C GLY B 363 -9.46 -14.30 -22.06
N PRO B 364 -9.07 -15.15 -23.00
CA PRO B 364 -9.56 -15.14 -24.39
C PRO B 364 -11.09 -15.28 -24.52
N VAL B 365 -11.58 -14.82 -25.65
CA VAL B 365 -12.95 -14.93 -26.05
C VAL B 365 -13.08 -16.21 -26.86
N TYR B 366 -13.98 -17.08 -26.47
CA TYR B 366 -14.08 -18.35 -27.21
C TYR B 366 -15.42 -18.93 -26.90
N GLY B 367 -15.77 -19.96 -27.64
CA GLY B 367 -16.99 -20.75 -27.33
C GLY B 367 -18.12 -20.45 -28.29
N ASN B 368 -18.00 -19.41 -29.12
CA ASN B 368 -19.09 -18.97 -30.00
C ASN B 368 -18.84 -19.54 -31.39
N ASP B 369 -19.87 -20.13 -31.96
CA ASP B 369 -19.73 -20.82 -33.21
C ASP B 369 -19.26 -19.81 -34.30
N THR B 370 -18.22 -20.21 -35.04
CA THR B 370 -17.61 -19.38 -36.05
C THR B 370 -18.24 -19.47 -37.41
N THR B 371 -19.32 -20.25 -37.59
CA THR B 371 -19.97 -20.44 -38.90
C THR B 371 -21.32 -19.72 -39.02
N ILE B 372 -21.78 -19.01 -38.01
CA ILE B 372 -23.18 -18.57 -37.95
C ILE B 372 -23.38 -17.10 -38.19
N ALA B 373 -22.40 -16.44 -38.80
CA ALA B 373 -22.48 -15.00 -39.08
C ALA B 373 -23.82 -14.57 -39.68
N LYS B 374 -24.30 -15.36 -40.62
CA LYS B 374 -25.57 -15.04 -41.29
C LYS B 374 -26.81 -15.14 -40.39
N GLU B 375 -26.66 -15.83 -39.26
CA GLU B 375 -27.80 -16.09 -38.37
C GLU B 375 -27.95 -15.00 -37.31
N MET B 376 -27.01 -14.05 -37.25
CA MET B 376 -27.05 -12.93 -36.32
C MET B 376 -27.01 -11.57 -37.00
N SER B 377 -27.95 -10.68 -36.68
CA SER B 377 -27.90 -9.27 -37.11
C SER B 377 -26.83 -8.50 -36.43
N GLY B 378 -26.59 -8.84 -35.15
CA GLY B 378 -25.70 -8.06 -34.33
C GLY B 378 -25.00 -8.97 -33.35
N PHE B 379 -23.89 -8.49 -32.82
CA PHE B 379 -23.14 -9.18 -31.77
C PHE B 379 -22.48 -8.11 -30.96
N VAL B 380 -22.98 -7.91 -29.75
CA VAL B 380 -22.36 -7.03 -28.79
C VAL B 380 -22.00 -7.77 -27.48
N THR B 381 -20.91 -7.31 -26.89
CA THR B 381 -20.40 -7.81 -25.64
C THR B 381 -20.81 -6.85 -24.48
N ASN B 382 -21.34 -7.43 -23.40
CA ASN B 382 -21.54 -6.77 -22.13
C ASN B 382 -20.29 -6.97 -21.29
N PRO B 383 -19.53 -5.91 -21.04
CA PRO B 383 -18.24 -5.99 -20.43
C PRO B 383 -18.27 -5.75 -18.89
N MET B 384 -17.06 -5.71 -18.29
CA MET B 384 -16.92 -5.52 -16.85
C MET B 384 -17.09 -4.02 -16.61
N GLU B 385 -17.38 -3.67 -15.38
CA GLU B 385 -17.33 -2.28 -15.03
C GLU B 385 -15.89 -1.73 -15.10
N HIS B 386 -14.89 -2.61 -15.18
CA HIS B 386 -13.51 -2.25 -15.48
C HIS B 386 -13.33 -2.08 -17.01
N ALA B 387 -13.35 -0.83 -17.46
CA ALA B 387 -13.41 -0.49 -18.87
C ALA B 387 -12.15 -0.90 -19.60
N GLU B 388 -10.99 -0.52 -19.07
CA GLU B 388 -9.76 -0.78 -19.80
C GLU B 388 -9.48 -2.29 -19.82
N SER B 389 -9.66 -2.95 -18.70
CA SER B 389 -9.49 -4.42 -18.64
C SER B 389 -10.39 -5.20 -19.57
N SER B 390 -11.56 -4.62 -19.81
CA SER B 390 -12.56 -5.18 -20.74
C SER B 390 -12.08 -5.12 -22.20
N LYS B 391 -11.06 -4.30 -22.49
CA LYS B 391 -10.54 -4.17 -23.83
C LYS B 391 -9.96 -5.44 -24.43
N ILE B 392 -9.49 -6.36 -23.59
CA ILE B 392 -8.96 -7.60 -24.13
C ILE B 392 -10.08 -8.36 -24.79
N ALA B 393 -11.18 -8.46 -24.07
CA ALA B 393 -12.33 -9.19 -24.64
C ALA B 393 -13.04 -8.40 -25.80
N ILE B 394 -13.10 -7.06 -25.68
CA ILE B 394 -13.73 -6.23 -26.66
C ILE B 394 -12.96 -6.32 -28.02
N TYR B 395 -11.65 -6.19 -27.99
CA TYR B 395 -10.81 -6.37 -29.15
C TYR B 395 -11.05 -7.76 -29.82
N SER B 396 -11.24 -8.77 -28.99
CA SER B 396 -11.43 -10.13 -29.46
C SER B 396 -12.82 -10.32 -30.06
N VAL B 397 -13.83 -9.69 -29.45
CA VAL B 397 -15.21 -9.75 -30.00
C VAL B 397 -15.32 -9.03 -31.33
N ALA B 398 -14.58 -7.93 -31.52
CA ALA B 398 -14.49 -7.19 -32.76
C ALA B 398 -13.90 -8.01 -33.86
N SER B 399 -12.80 -8.70 -33.56
CA SER B 399 -12.18 -9.63 -34.46
C SER B 399 -13.16 -10.77 -34.83
N TYR B 400 -13.76 -11.39 -33.83
CA TYR B 400 -14.77 -12.42 -34.08
C TYR B 400 -15.96 -11.97 -34.97
N ALA B 401 -16.65 -10.90 -34.60
CA ALA B 401 -17.81 -10.43 -35.31
C ALA B 401 -17.56 -9.96 -36.76
N TRP B 402 -16.37 -9.37 -36.98
CA TRP B 402 -15.94 -8.97 -38.29
C TRP B 402 -15.61 -10.16 -39.21
N ASN B 403 -14.83 -11.12 -38.70
CA ASN B 403 -14.39 -12.24 -39.50
C ASN B 403 -14.44 -13.52 -38.70
N PRO B 404 -15.64 -14.07 -38.52
CA PRO B 404 -15.76 -15.21 -37.60
C PRO B 404 -15.09 -16.45 -38.15
N ALA B 405 -15.19 -16.66 -39.47
CA ALA B 405 -14.55 -17.80 -40.14
C ALA B 405 -13.06 -17.89 -39.91
N LYS B 406 -12.35 -16.78 -39.80
CA LYS B 406 -10.92 -16.79 -39.50
C LYS B 406 -10.60 -16.54 -38.02
N TYR B 407 -11.58 -16.64 -37.14
CA TYR B 407 -11.37 -16.22 -35.75
C TYR B 407 -10.43 -17.19 -35.03
N ASP B 408 -9.32 -16.64 -34.56
CA ASP B 408 -8.26 -17.32 -33.88
C ASP B 408 -8.18 -16.82 -32.41
N THR B 409 -8.72 -17.60 -31.48
CA THR B 409 -8.90 -17.17 -30.10
C THR B 409 -7.63 -16.66 -29.44
N TRP B 410 -6.62 -17.53 -29.44
CA TRP B 410 -5.41 -17.28 -28.71
C TRP B 410 -4.59 -16.23 -29.39
N GLN B 411 -4.43 -16.25 -30.70
CA GLN B 411 -3.65 -15.19 -31.33
C GLN B 411 -4.32 -13.82 -31.08
N THR B 412 -5.64 -13.77 -31.13
CA THR B 412 -6.35 -12.52 -31.00
C THR B 412 -6.24 -12.02 -29.57
N TRP B 413 -6.34 -12.95 -28.63
CA TRP B 413 -6.07 -12.60 -27.19
C TRP B 413 -4.71 -11.99 -27.03
N LYS B 414 -3.67 -12.61 -27.57
CA LYS B 414 -2.33 -12.02 -27.52
C LYS B 414 -2.23 -10.68 -28.22
N ASP B 415 -2.80 -10.57 -29.40
CA ASP B 415 -2.77 -9.31 -30.14
C ASP B 415 -3.45 -8.21 -29.31
N ALA B 416 -4.61 -8.51 -28.72
CA ALA B 416 -5.30 -7.52 -27.85
C ALA B 416 -4.37 -6.97 -26.76
N ILE B 417 -3.71 -7.91 -26.06
CA ILE B 417 -2.80 -7.57 -24.95
C ILE B 417 -1.64 -6.71 -25.46
N ARG B 418 -1.05 -7.11 -26.58
CA ARG B 418 0.05 -6.37 -27.22
C ARG B 418 -0.38 -4.94 -27.62
N THR B 419 -1.64 -4.78 -27.98
CA THR B 419 -2.18 -3.49 -28.38
C THR B 419 -2.50 -2.60 -27.20
N ILE B 420 -3.10 -3.18 -26.20
CA ILE B 420 -3.46 -2.46 -25.01
C ILE B 420 -2.24 -2.05 -24.15
N LEU B 421 -1.20 -2.87 -24.09
CA LEU B 421 -0.08 -2.57 -23.20
C LEU B 421 1.23 -2.99 -23.81
N PRO B 422 1.63 -2.33 -24.91
CA PRO B 422 2.80 -2.90 -25.61
C PRO B 422 4.09 -2.84 -24.78
N SER B 423 4.20 -1.95 -23.80
CA SER B 423 5.44 -1.83 -23.02
C SER B 423 5.53 -2.95 -22.00
N ALA B 424 4.48 -3.73 -21.78
CA ALA B 424 4.54 -4.84 -20.84
C ALA B 424 3.57 -5.93 -21.20
N ALA B 425 3.65 -6.36 -22.45
CA ALA B 425 2.70 -7.28 -23.02
C ALA B 425 2.84 -8.65 -22.40
N GLU B 426 4.07 -9.12 -22.28
CA GLU B 426 4.30 -10.44 -21.68
C GLU B 426 3.87 -10.50 -20.20
N GLU B 427 4.06 -9.40 -19.49
CA GLU B 427 3.63 -9.31 -18.10
C GLU B 427 2.12 -9.33 -17.99
N LEU B 428 1.43 -8.64 -18.92
CA LEU B 428 -0.01 -8.66 -18.89
C LEU B 428 -0.55 -10.01 -19.34
N GLU B 429 0.07 -10.68 -20.31
CA GLU B 429 -0.29 -12.06 -20.64
C GLU B 429 -0.19 -12.97 -19.43
N CYS B 430 0.96 -12.90 -18.77
CA CYS B 430 1.14 -13.70 -17.54
C CYS B 430 -0.01 -13.44 -16.53
N PHE B 431 -0.30 -12.18 -16.27
CA PHE B 431 -1.39 -11.88 -15.32
C PHE B 431 -2.73 -12.38 -15.83
N ALA B 432 -3.02 -12.11 -17.11
CA ALA B 432 -4.35 -12.35 -17.65
C ALA B 432 -4.62 -13.83 -17.74
N MET B 433 -3.59 -14.59 -17.99
CA MET B 433 -3.80 -16.00 -18.14
C MET B 433 -4.15 -16.75 -16.85
N HIS B 434 -3.76 -16.17 -15.73
CA HIS B 434 -4.16 -16.72 -14.41
C HIS B 434 -5.32 -15.96 -13.76
N ASN B 435 -5.98 -15.10 -14.54
CA ASN B 435 -7.14 -14.33 -14.08
C ASN B 435 -8.26 -14.40 -15.12
N SER B 436 -8.79 -15.60 -15.34
CA SER B 436 -9.77 -15.81 -16.41
C SER B 436 -11.00 -16.57 -16.05
N ASP B 437 -10.92 -17.43 -15.04
CA ASP B 437 -12.07 -18.19 -14.56
C ASP B 437 -12.94 -17.35 -13.65
N LEU B 438 -14.22 -17.71 -13.56
CA LEU B 438 -15.13 -16.91 -12.77
C LEU B 438 -15.17 -17.43 -11.33
N GLY B 439 -14.64 -18.62 -11.10
CA GLY B 439 -14.96 -19.35 -9.85
C GLY B 439 -16.43 -19.78 -9.88
N PRO B 440 -16.88 -20.60 -8.89
CA PRO B 440 -18.31 -21.02 -8.83
C PRO B 440 -19.25 -19.82 -8.72
N ASN B 441 -20.41 -19.93 -9.30
CA ASN B 441 -21.34 -18.80 -9.41
C ASN B 441 -22.68 -19.36 -9.73
N GLY B 442 -23.72 -18.59 -9.51
CA GLY B 442 -25.11 -19.12 -9.65
C GLY B 442 -25.55 -19.28 -11.12
N HIS B 443 -24.79 -18.78 -12.11
CA HIS B 443 -25.07 -19.08 -13.53
C HIS B 443 -24.32 -20.29 -14.06
N GLY B 444 -23.42 -20.87 -13.29
CA GLY B 444 -22.74 -22.06 -13.77
C GLY B 444 -21.70 -21.86 -14.85
N TYR B 445 -21.36 -20.62 -15.18
CA TYR B 445 -20.45 -20.34 -16.29
C TYR B 445 -19.04 -20.22 -15.78
N ARG B 446 -18.15 -20.88 -16.50
CA ARG B 446 -16.77 -21.04 -16.15
C ARG B 446 -15.94 -20.79 -17.40
N ARG B 447 -14.68 -20.41 -17.19
CA ARG B 447 -13.71 -20.32 -18.24
C ARG B 447 -12.46 -21.06 -17.77
N GLU B 448 -11.63 -21.45 -18.73
CA GLU B 448 -10.33 -22.03 -18.43
C GLU B 448 -9.35 -20.98 -17.95
N GLU B 449 -8.28 -21.48 -17.31
CA GLU B 449 -7.31 -20.65 -16.62
C GLU B 449 -6.07 -21.46 -16.40
N SER B 450 -4.88 -20.88 -16.60
CA SER B 450 -3.59 -21.51 -16.25
C SER B 450 -3.36 -22.86 -16.91
N MET B 451 -3.76 -22.91 -18.18
CA MET B 451 -3.75 -24.16 -18.93
C MET B 451 -2.35 -24.66 -19.21
N ASP B 452 -1.44 -23.75 -19.52
CA ASP B 452 -0.08 -24.13 -19.82
C ASP B 452 0.62 -24.85 -18.63
N ILE B 453 0.35 -24.46 -17.38
CA ILE B 453 1.00 -25.11 -16.23
C ILE B 453 0.19 -26.24 -15.56
N GLN B 454 -1.08 -26.37 -15.92
CA GLN B 454 -1.97 -27.36 -15.30
C GLN B 454 -1.46 -28.82 -15.37
N PRO B 455 -0.89 -29.24 -16.51
CA PRO B 455 -0.27 -30.56 -16.56
C PRO B 455 0.81 -30.79 -15.49
N ALA B 456 1.76 -29.87 -15.40
CA ALA B 456 2.87 -29.95 -14.45
C ALA B 456 2.34 -29.87 -13.05
N ALA B 457 1.37 -28.99 -12.83
CA ALA B 457 0.72 -28.90 -11.53
C ALA B 457 0.03 -30.18 -11.11
N GLU B 458 -0.76 -30.77 -12.00
CA GLU B 458 -1.47 -32.00 -11.62
C GLU B 458 -0.51 -33.20 -11.38
N ARG B 459 0.57 -33.30 -12.15
CA ARG B 459 1.57 -34.37 -11.94
C ARG B 459 2.36 -34.18 -10.65
N PHE B 460 2.71 -32.92 -10.36
CA PHE B 460 3.45 -32.61 -9.16
C PHE B 460 2.62 -32.96 -7.93
N LEU B 461 1.34 -32.57 -7.95
CA LEU B 461 0.41 -32.86 -6.86
C LEU B 461 0.26 -34.34 -6.60
N LYS B 462 0.01 -35.13 -7.64
CA LYS B 462 -0.28 -36.56 -7.48
C LYS B 462 0.94 -37.33 -6.92
N ALA B 463 2.10 -37.11 -7.55
CA ALA B 463 3.38 -37.61 -7.05
C ALA B 463 3.58 -37.27 -5.58
N PHE B 464 3.44 -35.98 -5.27
CA PHE B 464 3.67 -35.47 -3.94
C PHE B 464 2.71 -36.10 -2.93
N LYS B 465 1.42 -36.15 -3.25
CA LYS B 465 0.41 -36.71 -2.31
C LYS B 465 0.67 -38.18 -2.00
N GLU B 466 1.06 -38.97 -3.01
CA GLU B 466 1.48 -40.37 -2.81
C GLU B 466 2.93 -40.44 -2.32
N GLY B 467 3.56 -41.60 -2.38
CA GLY B 467 4.96 -41.69 -2.03
C GLY B 467 5.89 -40.90 -2.94
N LYS B 468 5.48 -40.70 -4.19
CA LYS B 468 6.42 -40.64 -5.30
C LYS B 468 7.25 -39.37 -5.42
N ASN B 469 8.45 -39.56 -5.99
CA ASN B 469 9.28 -38.47 -6.49
C ASN B 469 8.58 -37.71 -7.61
N TYR B 470 8.48 -36.39 -7.42
CA TYR B 470 7.97 -35.52 -8.49
C TYR B 470 9.06 -35.35 -9.56
N ASP B 471 8.65 -34.98 -10.76
CA ASP B 471 9.58 -34.69 -11.83
C ASP B 471 10.25 -33.30 -11.60
N LYS B 472 11.58 -33.27 -11.68
CA LYS B 472 12.37 -32.04 -11.57
C LYS B 472 11.92 -30.92 -12.54
N ALA B 473 11.62 -31.26 -13.80
CA ALA B 473 11.12 -30.27 -14.77
C ALA B 473 9.82 -29.61 -14.31
N ASP B 474 8.93 -30.37 -13.65
CA ASP B 474 7.62 -29.84 -13.19
C ASP B 474 7.76 -28.85 -12.03
N PHE B 475 8.60 -29.25 -11.06
CA PHE B 475 9.02 -28.38 -9.97
C PHE B 475 9.60 -27.09 -10.49
N GLU B 476 10.49 -27.21 -11.47
CA GLU B 476 11.11 -26.05 -12.11
C GLU B 476 10.10 -25.21 -12.89
N THR B 477 9.03 -25.85 -13.39
CA THR B 477 7.95 -25.16 -14.09
C THR B 477 7.14 -24.33 -13.09
N LEU B 478 6.94 -24.90 -11.90
CA LEU B 478 6.17 -24.19 -10.90
C LEU B 478 6.97 -22.99 -10.39
N GLN B 479 8.23 -23.25 -10.17
CA GLN B 479 9.19 -22.27 -9.75
C GLN B 479 9.28 -21.11 -10.74
N TYR B 480 9.48 -21.44 -12.01
CA TYR B 480 9.56 -20.43 -13.11
C TYR B 480 8.30 -19.55 -13.14
N THR B 481 7.14 -20.19 -13.00
CA THR B 481 5.87 -19.52 -13.04
C THR B 481 5.72 -18.49 -11.88
N PHE B 482 6.01 -18.93 -10.64
CA PHE B 482 5.86 -18.08 -9.53
C PHE B 482 6.85 -16.93 -9.73
N GLU B 483 8.05 -17.21 -10.19
CA GLU B 483 9.00 -16.13 -10.41
C GLU B 483 8.44 -15.13 -11.45
N ARG B 484 7.87 -15.67 -12.52
CA ARG B 484 7.36 -14.86 -13.60
C ARG B 484 6.17 -14.03 -13.14
N MET B 485 5.28 -14.66 -12.36
CA MET B 485 4.19 -13.96 -11.76
C MET B 485 4.65 -12.75 -10.93
N LYS B 486 5.74 -12.88 -10.14
CA LYS B 486 6.21 -11.78 -9.31
C LYS B 486 6.75 -10.68 -10.19
N GLU B 487 7.51 -11.06 -11.19
CA GLU B 487 8.03 -10.08 -12.14
C GLU B 487 6.92 -9.24 -12.78
N SER B 488 5.82 -9.92 -13.12
CA SER B 488 4.75 -9.31 -13.86
C SER B 488 3.99 -8.38 -12.95
N ALA B 489 3.79 -8.80 -11.69
CA ALA B 489 3.05 -7.98 -10.73
C ALA B 489 3.73 -6.69 -10.54
N ASP B 490 5.02 -6.75 -10.32
CA ASP B 490 5.79 -5.57 -10.00
C ASP B 490 5.93 -4.65 -11.17
N ILE B 491 6.12 -5.20 -12.35
CA ILE B 491 6.17 -4.39 -13.56
C ILE B 491 4.81 -3.74 -13.85
N LEU B 492 3.73 -4.51 -13.78
CA LEU B 492 2.43 -3.98 -14.02
C LEU B 492 2.06 -2.86 -13.03
N LEU B 493 2.34 -3.05 -11.72
CA LEU B 493 1.94 -2.04 -10.76
C LEU B 493 2.53 -0.67 -11.08
N MET B 494 3.72 -0.63 -11.69
CA MET B 494 4.43 0.64 -11.95
C MET B 494 4.32 1.15 -13.37
N ASN B 495 3.54 0.49 -14.20
CA ASN B 495 3.48 0.81 -15.62
C ASN B 495 2.65 2.06 -15.76
N THR B 496 3.13 2.99 -16.59
CA THR B 496 2.46 4.24 -16.82
C THR B 496 2.00 4.43 -18.26
N GLU B 497 2.07 3.41 -19.10
CA GLU B 497 1.52 3.55 -20.45
C GLU B 497 -0.02 3.59 -20.39
N ASN B 498 -0.64 2.75 -19.60
CA ASN B 498 -2.06 2.79 -19.44
C ASN B 498 -2.38 2.85 -17.94
N LYS B 499 -2.30 4.06 -17.40
CA LYS B 499 -2.59 4.27 -15.98
C LYS B 499 -3.99 3.80 -15.60
N PRO B 500 -5.02 4.12 -16.39
CA PRO B 500 -6.36 3.64 -15.91
C PRO B 500 -6.51 2.14 -15.80
N LEU B 501 -5.95 1.40 -16.75
CA LEU B 501 -5.90 -0.05 -16.62
C LEU B 501 -5.28 -0.47 -15.29
N ILE B 502 -4.19 0.15 -14.92
CA ILE B 502 -3.44 -0.24 -13.76
C ILE B 502 -4.24 0.13 -12.52
N VAL B 503 -4.94 1.28 -12.49
CA VAL B 503 -5.82 1.59 -11.35
C VAL B 503 -6.92 0.50 -11.23
N GLU B 504 -7.50 0.06 -12.34
CA GLU B 504 -8.53 -0.99 -12.25
C GLU B 504 -8.04 -2.31 -11.62
N ILE B 505 -6.88 -2.77 -12.08
CA ILE B 505 -6.43 -4.09 -11.71
C ILE B 505 -5.55 -4.14 -10.43
N THR B 506 -5.08 -3.00 -9.94
CA THR B 506 -4.10 -2.97 -8.85
C THR B 506 -4.44 -3.91 -7.66
N PRO B 507 -5.67 -3.89 -7.15
CA PRO B 507 -5.94 -4.77 -6.01
C PRO B 507 -5.65 -6.26 -6.29
N TRP B 508 -5.95 -6.68 -7.50
CA TRP B 508 -5.70 -8.05 -7.95
C TRP B 508 -4.24 -8.28 -8.24
N VAL B 509 -3.53 -7.26 -8.66
CA VAL B 509 -2.12 -7.38 -8.89
C VAL B 509 -1.37 -7.65 -7.54
N HIS B 510 -1.75 -6.96 -6.48
CA HIS B 510 -1.12 -7.19 -5.18
C HIS B 510 -1.40 -8.58 -4.73
N GLN B 511 -2.63 -9.04 -4.90
CA GLN B 511 -3.01 -10.34 -4.43
C GLN B 511 -2.31 -11.45 -5.22
N PHE B 512 -2.11 -11.19 -6.51
CA PHE B 512 -1.42 -12.07 -7.40
C PHE B 512 0.04 -12.18 -7.02
N LYS B 513 0.69 -11.05 -6.72
CA LYS B 513 2.05 -11.10 -6.25
C LYS B 513 2.15 -11.94 -4.94
N LEU B 514 1.22 -11.72 -4.02
CA LEU B 514 1.23 -12.48 -2.78
C LEU B 514 1.13 -13.96 -3.07
N THR B 515 0.24 -14.31 -4.01
CA THR B 515 -0.02 -15.71 -4.38
C THR B 515 1.31 -16.34 -4.86
N ALA B 516 2.03 -15.61 -5.72
CA ALA B 516 3.32 -16.08 -6.25
C ALA B 516 4.39 -16.23 -5.16
N GLU B 517 4.44 -15.28 -4.25
CA GLU B 517 5.42 -15.36 -3.14
C GLU B 517 5.09 -16.56 -2.28
N MET B 518 3.81 -16.74 -1.98
CA MET B 518 3.38 -17.89 -1.19
C MET B 518 3.83 -19.21 -1.87
N GLY B 519 3.62 -19.30 -3.18
CA GLY B 519 4.07 -20.40 -3.99
C GLY B 519 5.56 -20.70 -3.91
N GLU B 520 6.41 -19.68 -4.09
CA GLU B 520 7.85 -19.83 -3.96
C GLU B 520 8.28 -20.38 -2.59
N GLU B 521 7.70 -19.85 -1.51
CA GLU B 521 8.01 -20.28 -0.15
C GLU B 521 7.49 -21.68 0.07
N VAL B 522 6.30 -22.00 -0.45
CA VAL B 522 5.82 -23.39 -0.33
C VAL B 522 6.75 -24.39 -1.09
N LEU B 523 7.24 -24.04 -2.26
CA LEU B 523 8.21 -24.92 -2.94
C LEU B 523 9.54 -25.06 -2.19
N LYS B 524 9.92 -24.02 -1.46
CA LYS B 524 11.07 -24.10 -0.58
C LYS B 524 10.82 -25.04 0.58
N MET B 525 9.58 -25.06 1.10
CA MET B 525 9.18 -26.04 2.11
C MET B 525 9.33 -27.46 1.62
N VAL B 526 8.94 -27.69 0.38
CA VAL B 526 8.99 -29.02 -0.21
C VAL B 526 10.44 -29.48 -0.36
N GLU B 527 11.29 -28.58 -0.83
CA GLU B 527 12.74 -28.79 -0.93
C GLU B 527 13.49 -28.82 0.40
N GLY B 528 13.07 -28.00 1.36
CA GLY B 528 13.82 -27.78 2.59
C GLY B 528 14.00 -29.07 3.34
N ARG B 529 15.26 -29.49 3.54
CA ARG B 529 15.59 -30.67 4.36
C ARG B 529 16.39 -30.21 5.58
N ASN B 530 15.82 -29.28 6.31
CA ASN B 530 16.47 -28.66 7.41
C ASN B 530 15.36 -28.04 8.21
N GLU B 531 15.19 -28.52 9.42
CA GLU B 531 14.00 -28.23 10.20
C GLU B 531 13.81 -26.72 10.44
N SER B 532 14.87 -26.02 10.84
CA SER B 532 14.74 -24.58 11.15
C SER B 532 14.54 -23.70 9.86
N TYR B 533 15.03 -24.15 8.71
CA TYR B 533 14.65 -23.54 7.42
C TYR B 533 13.16 -23.75 7.14
N PHE B 534 12.71 -25.00 7.27
CA PHE B 534 11.31 -25.33 7.04
C PHE B 534 10.43 -24.41 7.87
N LEU B 535 10.73 -24.33 9.18
CA LEU B 535 10.03 -23.46 10.11
C LEU B 535 10.03 -21.98 9.72
N ARG B 536 11.16 -21.46 9.25
CA ARG B 536 11.23 -20.10 8.71
C ARG B 536 10.29 -19.90 7.50
N LYS B 537 10.31 -20.85 6.57
CA LYS B 537 9.42 -20.82 5.39
C LYS B 537 7.95 -20.92 5.80
N TYR B 538 7.66 -21.81 6.75
CA TYR B 538 6.32 -22.01 7.29
C TYR B 538 5.75 -20.72 7.88
N ASN B 539 6.57 -19.99 8.64
CA ASN B 539 6.09 -18.76 9.30
C ASN B 539 5.86 -17.64 8.30
N HIS B 540 6.74 -17.59 7.30
CA HIS B 540 6.62 -16.70 6.18
C HIS B 540 5.32 -16.96 5.45
N VAL B 541 5.03 -18.24 5.19
CA VAL B 541 3.78 -18.60 4.51
C VAL B 541 2.57 -18.14 5.33
N LYS B 542 2.63 -18.33 6.63
CA LYS B 542 1.55 -17.86 7.52
C LYS B 542 1.31 -16.37 7.42
N ALA B 543 2.38 -15.58 7.43
CA ALA B 543 2.28 -14.14 7.25
C ALA B 543 1.68 -13.77 5.90
N LEU B 544 2.08 -14.45 4.86
CA LEU B 544 1.53 -14.19 3.52
C LEU B 544 0.02 -14.53 3.45
N GLN B 545 -0.40 -15.62 4.08
CA GLN B 545 -1.84 -15.95 4.16
C GLN B 545 -2.58 -14.79 4.80
N GLN B 546 -2.02 -14.25 5.88
CA GLN B 546 -2.65 -13.15 6.58
C GLN B 546 -2.80 -11.93 5.69
N GLN B 547 -1.72 -11.61 4.96
CA GLN B 547 -1.73 -10.45 4.10
C GLN B 547 -2.83 -10.59 3.04
N MET B 548 -2.95 -11.78 2.48
CA MET B 548 -4.00 -12.07 1.47
C MET B 548 -5.37 -11.90 2.05
N PHE B 549 -5.55 -12.34 3.30
CA PHE B 549 -6.78 -12.14 4.05
C PHE B 549 -7.08 -10.65 4.13
N TYR B 550 -6.09 -9.84 4.51
CA TYR B 550 -6.34 -8.40 4.66
C TYR B 550 -6.67 -7.69 3.32
N ILE B 551 -6.03 -8.06 2.23
CA ILE B 551 -6.45 -7.51 0.92
C ILE B 551 -7.87 -7.96 0.60
N ASP B 552 -8.16 -9.23 0.83
CA ASP B 552 -9.53 -9.71 0.62
C ASP B 552 -10.56 -8.97 1.41
N GLN B 553 -10.25 -8.55 2.64
CA GLN B 553 -11.23 -7.89 3.52
C GLN B 553 -11.28 -6.39 3.37
N THR B 554 -10.27 -5.77 2.78
CA THR B 554 -10.23 -4.31 2.69
C THR B 554 -10.27 -3.74 1.28
N SER B 555 -9.96 -4.49 0.23
CA SER B 555 -10.14 -4.05 -1.15
C SER B 555 -11.45 -4.50 -1.79
N ASN B 556 -11.96 -3.65 -2.67
CA ASN B 556 -13.15 -3.89 -3.47
C ASN B 556 -14.32 -4.42 -2.63
N GLN B 557 -14.68 -3.69 -1.59
CA GLN B 557 -15.66 -4.21 -0.62
C GLN B 557 -17.04 -3.81 -1.06
N ASN B 558 -17.50 -4.42 -2.12
CA ASN B 558 -18.81 -4.12 -2.69
C ASN B 558 -19.81 -5.01 -1.93
N PRO B 559 -21.13 -4.73 -2.05
CA PRO B 559 -22.12 -5.49 -1.27
C PRO B 559 -22.42 -6.91 -1.75
N TYR B 560 -21.91 -7.34 -2.90
CA TYR B 560 -22.39 -8.57 -3.51
C TYR B 560 -21.33 -9.67 -3.51
N GLN B 561 -20.14 -9.36 -4.00
CA GLN B 561 -19.04 -10.30 -3.92
C GLN B 561 -17.81 -9.47 -3.55
N PRO B 562 -17.67 -9.15 -2.25
CA PRO B 562 -16.53 -8.34 -1.79
C PRO B 562 -15.22 -9.10 -1.94
N GLY B 563 -14.14 -8.34 -2.11
CA GLY B 563 -12.81 -8.93 -2.13
C GLY B 563 -12.12 -9.09 -3.48
N VAL B 564 -11.04 -9.85 -3.44
CA VAL B 564 -10.11 -9.92 -4.51
C VAL B 564 -9.58 -11.33 -4.55
N LYS B 565 -10.06 -12.09 -5.54
CA LYS B 565 -9.56 -13.42 -5.82
C LYS B 565 -8.76 -13.45 -7.09
N THR B 566 -7.75 -14.29 -7.15
CA THR B 566 -6.90 -14.34 -8.32
C THR B 566 -6.28 -15.69 -8.41
N ALA B 567 -5.96 -16.12 -9.62
CA ALA B 567 -5.37 -17.45 -9.86
C ALA B 567 -6.10 -18.58 -9.13
N THR B 568 -7.41 -18.54 -9.18
CA THR B 568 -8.25 -19.47 -8.38
C THR B 568 -8.40 -20.85 -8.90
N ARG B 569 -8.40 -21.06 -10.21
CA ARG B 569 -8.78 -22.38 -10.73
C ARG B 569 -7.72 -23.47 -10.46
N VAL B 570 -6.45 -23.12 -10.68
CA VAL B 570 -5.34 -24.07 -10.60
C VAL B 570 -4.26 -23.63 -9.53
N ILE B 571 -3.85 -22.36 -9.52
CA ILE B 571 -2.62 -22.05 -8.81
C ILE B 571 -2.80 -22.03 -7.30
N LYS B 572 -3.84 -21.33 -6.83
CA LYS B 572 -4.15 -21.25 -5.42
C LYS B 572 -4.47 -22.62 -4.83
N PRO B 573 -5.33 -23.44 -5.51
CA PRO B 573 -5.55 -24.83 -5.05
C PRO B 573 -4.25 -25.66 -4.89
N LEU B 574 -3.38 -25.61 -5.90
CA LEU B 574 -2.09 -26.29 -5.85
C LEU B 574 -1.24 -25.81 -4.66
N ILE B 575 -1.16 -24.49 -4.45
CA ILE B 575 -0.36 -23.94 -3.38
C ILE B 575 -0.93 -24.40 -2.00
N ASP B 576 -2.25 -24.31 -1.85
CA ASP B 576 -2.93 -24.68 -0.64
C ASP B 576 -2.80 -26.17 -0.32
N ARG B 577 -2.95 -27.02 -1.32
CA ARG B 577 -2.88 -28.45 -1.10
C ARG B 577 -1.45 -28.90 -0.89
N THR B 578 -0.48 -28.27 -1.52
CA THR B 578 0.92 -28.55 -1.32
C THR B 578 1.40 -28.12 0.10
N PHE B 579 0.91 -26.98 0.60
CA PHE B 579 1.19 -26.49 1.95
C PHE B 579 0.68 -27.45 2.99
N ALA B 580 -0.61 -27.77 2.88
CA ALA B 580 -1.25 -28.70 3.81
C ALA B 580 -0.52 -30.04 3.92
N THR B 581 -0.12 -30.54 2.77
CA THR B 581 0.42 -31.85 2.64
C THR B 581 1.81 -31.84 3.24
N VAL B 582 2.64 -30.83 2.91
CA VAL B 582 4.02 -30.80 3.44
C VAL B 582 4.07 -30.50 4.96
N VAL B 583 3.05 -29.80 5.46
CA VAL B 583 2.88 -29.49 6.88
C VAL B 583 2.48 -30.78 7.63
N LYS B 584 1.58 -31.54 7.00
CA LYS B 584 1.21 -32.85 7.53
C LYS B 584 2.44 -33.77 7.61
N PHE B 585 3.19 -33.91 6.50
CA PHE B 585 4.46 -34.69 6.50
C PHE B 585 5.44 -34.25 7.56
N PHE B 586 5.61 -32.94 7.73
CA PHE B 586 6.51 -32.40 8.75
C PHE B 586 6.01 -32.75 10.16
N ASN B 587 4.69 -32.66 10.38
CA ASN B 587 4.13 -32.98 11.68
C ASN B 587 4.33 -34.43 12.12
N GLN B 588 4.17 -35.36 11.18
CA GLN B 588 4.51 -36.76 11.39
C GLN B 588 5.99 -36.91 11.71
N LYS B 589 6.84 -36.36 10.84
CA LYS B 589 8.28 -36.55 10.93
C LYS B 589 8.89 -36.10 12.25
N PHE B 590 8.44 -34.96 12.76
CA PHE B 590 8.96 -34.35 14.00
C PHE B 590 7.98 -34.32 15.18
N ASN B 591 6.85 -35.03 15.07
CA ASN B 591 5.78 -34.99 16.08
C ASN B 591 5.40 -33.55 16.50
N ALA B 592 5.38 -32.63 15.53
CA ALA B 592 4.96 -31.24 15.77
C ALA B 592 3.47 -31.10 15.54
N HIS B 593 2.97 -29.89 15.82
CA HIS B 593 1.54 -29.55 15.72
C HIS B 593 1.32 -28.24 14.95
N LEU B 594 2.17 -27.99 13.95
CA LEU B 594 2.01 -26.86 13.00
C LEU B 594 0.64 -26.86 12.38
N ASP B 595 0.13 -25.66 12.15
CA ASP B 595 -1.22 -25.46 11.65
C ASP B 595 -1.17 -25.60 10.14
N ALA B 596 -2.00 -26.50 9.61
CA ALA B 596 -2.10 -26.79 8.17
C ALA B 596 -3.21 -26.02 7.43
N THR B 597 -4.04 -25.31 8.17
CA THR B 597 -5.03 -24.37 7.64
C THR B 597 -4.42 -23.43 6.58
N THR B 598 -5.15 -23.25 5.49
CA THR B 598 -4.62 -22.46 4.37
C THR B 598 -5.20 -21.04 4.35
N ASP B 599 -6.46 -20.87 4.77
CA ASP B 599 -7.03 -19.51 4.94
C ASP B 599 -6.90 -18.99 6.37
N TYR B 600 -6.29 -17.83 6.49
CA TYR B 600 -6.11 -17.18 7.77
C TYR B 600 -7.43 -16.73 8.35
N MET B 601 -7.54 -16.89 9.67
CA MET B 601 -8.71 -16.54 10.44
C MET B 601 -8.24 -15.86 11.73
N PRO B 602 -8.56 -14.57 11.94
CA PRO B 602 -8.04 -13.90 13.14
C PRO B 602 -8.82 -14.20 14.44
N HIS B 603 -10.00 -14.80 14.35
CA HIS B 603 -10.84 -15.15 15.49
C HIS B 603 -10.74 -16.67 15.75
N LYS B 604 -11.07 -17.13 16.97
CA LYS B 604 -10.93 -18.59 17.26
C LYS B 604 -12.22 -19.37 17.64
N MET B 605 -12.16 -20.69 17.37
CA MET B 605 -13.16 -21.72 17.70
C MET B 605 -14.57 -21.43 17.19
N LEU B 615 -15.31 -27.18 11.91
CA LEU B 615 -15.91 -26.25 10.97
C LEU B 615 -15.24 -24.88 11.12
N PRO B 616 -14.34 -24.50 10.16
CA PRO B 616 -13.60 -23.24 10.33
C PRO B 616 -14.50 -21.98 10.26
N LEU B 617 -14.12 -20.95 10.99
CA LEU B 617 -14.83 -19.68 10.89
C LEU B 617 -14.51 -19.01 9.55
N GLN B 618 -15.48 -18.24 9.07
CA GLN B 618 -15.38 -17.40 7.92
C GLN B 618 -15.68 -15.97 8.40
N VAL B 619 -14.93 -14.99 7.87
CA VAL B 619 -15.27 -13.58 8.04
C VAL B 619 -15.73 -13.04 6.68
N LYS B 620 -16.93 -12.47 6.64
CA LYS B 620 -17.49 -11.93 5.41
C LYS B 620 -18.07 -10.60 5.78
N ALA B 621 -17.43 -9.52 5.34
CA ALA B 621 -17.87 -8.15 5.62
C ALA B 621 -17.94 -7.95 7.14
N ASN B 622 -19.09 -7.50 7.67
CA ASN B 622 -19.28 -7.34 9.11
C ASN B 622 -19.89 -8.61 9.81
N ARG B 623 -19.70 -9.80 9.21
CA ARG B 623 -20.26 -11.05 9.74
C ARG B 623 -19.17 -12.09 10.01
N VAL B 624 -19.30 -12.80 11.14
CA VAL B 624 -18.36 -13.83 11.55
C VAL B 624 -19.18 -15.05 11.84
N LEU B 625 -18.90 -16.14 11.15
CA LEU B 625 -19.83 -17.27 11.10
C LEU B 625 -19.10 -18.59 11.13
N ILE B 626 -19.87 -19.63 11.42
CA ILE B 626 -19.38 -21.00 11.34
C ILE B 626 -19.89 -21.59 10.04
N SER B 627 -19.00 -22.29 9.33
CA SER B 627 -19.34 -23.02 8.07
C SER B 627 -20.47 -24.05 8.29
N PRO B 628 -21.64 -23.86 7.65
CA PRO B 628 -22.73 -24.85 7.81
C PRO B 628 -22.46 -26.18 7.11
N VAL B 641 -19.54 -24.86 22.46
CA VAL B 641 -18.99 -24.10 21.32
C VAL B 641 -18.77 -22.60 21.61
N GLU B 642 -17.50 -22.19 21.74
CA GLU B 642 -17.12 -20.78 21.96
C GLU B 642 -16.59 -20.09 20.67
N ILE B 643 -16.67 -18.75 20.64
CA ILE B 643 -16.00 -17.89 19.62
C ILE B 643 -15.33 -16.72 20.33
N GLU B 644 -14.02 -16.63 20.21
CA GLU B 644 -13.25 -15.47 20.63
C GLU B 644 -12.85 -14.63 19.41
N LEU B 645 -13.45 -13.46 19.30
CA LEU B 645 -13.02 -12.45 18.36
C LEU B 645 -11.64 -11.92 18.79
N ASP B 646 -10.95 -11.22 17.89
CA ASP B 646 -9.61 -10.72 18.13
C ASP B 646 -9.64 -9.33 18.81
N ALA B 647 -10.84 -8.82 19.05
CA ALA B 647 -11.03 -7.53 19.71
C ALA B 647 -12.50 -7.42 20.16
N ILE B 648 -12.80 -6.40 20.95
CA ILE B 648 -14.17 -6.05 21.35
C ILE B 648 -14.79 -5.25 20.19
N TYR B 649 -15.94 -5.68 19.69
CA TYR B 649 -16.69 -4.92 18.68
C TYR B 649 -18.09 -4.73 19.20
N PRO B 650 -18.79 -3.66 18.74
CA PRO B 650 -20.23 -3.64 19.03
C PRO B 650 -20.95 -4.75 18.23
N GLY B 651 -21.65 -5.63 18.94
CA GLY B 651 -22.43 -6.72 18.35
C GLY B 651 -23.78 -6.21 17.88
N GLU B 652 -24.22 -6.65 16.71
CA GLU B 652 -25.50 -6.20 16.11
C GLU B 652 -26.60 -7.29 16.16
N ASN B 653 -26.29 -8.53 15.73
CA ASN B 653 -27.20 -9.68 15.95
C ASN B 653 -26.54 -11.08 15.76
N ILE B 654 -27.19 -12.12 16.30
CA ILE B 654 -26.86 -13.55 16.07
C ILE B 654 -27.97 -14.16 15.21
N GLN B 655 -27.61 -15.09 14.31
CA GLN B 655 -28.60 -15.93 13.60
C GLN B 655 -28.14 -17.40 13.55
N ILE B 656 -28.91 -18.30 14.18
CA ILE B 656 -28.52 -19.71 14.36
C ILE B 656 -29.55 -20.63 13.68
N ASN B 657 -29.18 -21.88 13.36
CA ASN B 657 -30.16 -22.92 12.93
C ASN B 657 -29.68 -24.37 13.17
N PHE B 658 -30.62 -25.23 13.60
CA PHE B 658 -30.35 -26.64 13.97
C PHE B 658 -29.12 -26.75 14.88
N ARG B 668 -27.63 -22.37 26.12
CA ARG B 668 -27.95 -20.94 26.26
C ARG B 668 -26.88 -20.01 25.64
N LEU B 669 -27.33 -19.14 24.73
CA LEU B 669 -26.47 -18.13 24.10
C LEU B 669 -26.03 -17.08 25.13
N GLU B 670 -24.72 -16.85 25.18
CA GLU B 670 -24.12 -15.89 26.09
C GLU B 670 -23.00 -15.07 25.45
N ILE B 671 -22.81 -13.86 26.00
CA ILE B 671 -21.98 -12.80 25.44
C ILE B 671 -21.04 -12.24 26.53
N SER B 672 -19.85 -11.78 26.13
CA SER B 672 -18.83 -11.31 27.09
C SER B 672 -17.71 -10.54 26.41
N THR B 673 -17.22 -9.48 27.05
CA THR B 673 -16.02 -8.75 26.56
C THR B 673 -14.69 -9.27 27.18
N ASP B 674 -14.79 -10.25 28.09
CA ASP B 674 -13.63 -10.92 28.69
C ASP B 674 -13.89 -12.44 28.88
N GLY B 675 -12.92 -13.14 29.48
CA GLY B 675 -13.11 -14.53 29.95
C GLY B 675 -14.38 -14.85 30.75
N LYS B 676 -14.58 -14.20 31.90
CA LYS B 676 -15.57 -14.65 32.93
C LYS B 676 -16.90 -13.83 33.06
N GLU B 677 -16.87 -12.52 32.84
CA GLU B 677 -18.12 -11.69 32.83
C GLU B 677 -19.04 -12.03 31.62
N TRP B 678 -20.06 -12.86 31.85
CA TRP B 678 -21.03 -13.26 30.81
C TRP B 678 -22.38 -12.60 31.00
N LYS B 679 -23.15 -12.54 29.92
CA LYS B 679 -24.55 -12.06 29.90
C LYS B 679 -25.37 -13.05 29.08
N THR B 680 -26.68 -13.14 29.34
CA THR B 680 -27.60 -14.00 28.54
C THR B 680 -28.40 -13.16 27.53
N VAL B 681 -28.53 -13.71 26.31
CA VAL B 681 -29.37 -13.13 25.25
C VAL B 681 -30.47 -14.15 24.94
N ASP B 682 -31.72 -13.69 24.94
CA ASP B 682 -32.85 -14.54 24.57
C ASP B 682 -32.97 -14.56 23.05
N LEU B 683 -33.29 -15.75 22.51
CA LEU B 683 -33.53 -15.95 21.06
C LEU B 683 -35.03 -15.82 20.70
N LYS B 684 -35.36 -14.94 19.75
CA LYS B 684 -36.70 -14.91 19.14
C LYS B 684 -36.78 -16.13 18.20
N GLN B 685 -37.79 -16.99 18.42
CA GLN B 685 -37.91 -18.26 17.70
C GLN B 685 -38.67 -18.13 16.37
N LYS B 686 -38.28 -18.96 15.42
CA LYS B 686 -39.03 -19.22 14.19
C LYS B 686 -39.28 -20.73 14.15
N LEU B 690 -35.02 -18.03 14.73
CA LEU B 690 -33.82 -18.60 15.33
C LEU B 690 -32.67 -17.52 15.44
N SER B 691 -32.99 -16.40 16.11
CA SER B 691 -32.16 -15.17 16.08
C SER B 691 -32.37 -14.19 17.26
N ALA B 692 -31.47 -13.21 17.34
CA ALA B 692 -31.46 -12.23 18.44
C ALA B 692 -30.65 -10.98 18.11
N GLY B 693 -31.30 -9.82 18.11
CA GLY B 693 -30.62 -8.51 18.01
C GLY B 693 -29.89 -8.20 19.30
N LEU B 694 -28.74 -7.55 19.20
CA LEU B 694 -27.85 -7.28 20.36
C LEU B 694 -27.66 -5.79 20.65
N GLN B 695 -28.41 -4.94 19.95
CA GLN B 695 -28.25 -3.47 19.97
C GLN B 695 -26.85 -3.11 19.43
N LYS B 696 -26.02 -2.40 20.19
CA LYS B 696 -24.60 -2.29 19.90
C LYS B 696 -23.81 -2.77 21.14
N ALA B 697 -24.33 -3.82 21.78
CA ALA B 697 -23.75 -4.33 23.04
C ALA B 697 -22.33 -4.81 22.76
N PRO B 698 -21.36 -4.39 23.60
CA PRO B 698 -19.97 -4.87 23.42
C PRO B 698 -19.82 -6.41 23.41
N VAL B 699 -19.14 -6.94 22.38
CA VAL B 699 -18.91 -8.39 22.19
C VAL B 699 -17.46 -8.69 21.82
N LYS B 700 -16.80 -9.52 22.63
CA LYS B 700 -15.53 -10.21 22.28
C LYS B 700 -15.60 -11.76 22.36
N PHE B 701 -16.52 -12.32 23.15
CA PHE B 701 -16.68 -13.77 23.31
C PHE B 701 -18.15 -14.11 23.06
N VAL B 702 -18.40 -15.26 22.43
CA VAL B 702 -19.75 -15.79 22.21
C VAL B 702 -19.73 -17.30 22.48
N ARG B 703 -20.82 -17.88 23.03
CA ARG B 703 -20.86 -19.33 23.33
C ARG B 703 -22.25 -20.02 23.32
N PHE B 704 -22.25 -21.35 23.13
CA PHE B 704 -23.46 -22.21 23.16
C PHE B 704 -24.41 -21.79 22.03
N LEU B 716 -26.13 -28.14 11.64
CA LEU B 716 -25.80 -26.72 11.71
C LEU B 716 -26.01 -26.03 10.35
N ARG B 717 -27.19 -25.42 10.17
CA ARG B 717 -27.53 -24.66 8.94
C ARG B 717 -26.97 -23.21 9.00
N GLN B 718 -26.77 -22.69 10.22
CA GLN B 718 -26.37 -21.29 10.41
C GLN B 718 -25.83 -21.01 11.83
N PHE B 719 -24.77 -20.19 11.90
CA PHE B 719 -24.31 -19.61 13.15
C PHE B 719 -23.51 -18.34 12.81
N VAL B 720 -24.22 -17.21 12.80
CA VAL B 720 -23.72 -15.96 12.24
C VAL B 720 -23.84 -14.87 13.28
N LEU B 721 -22.70 -14.23 13.59
CA LEU B 721 -22.65 -13.02 14.41
C LEU B 721 -22.44 -11.87 13.46
N THR B 722 -23.33 -10.88 13.48
CA THR B 722 -23.09 -9.60 12.78
C THR B 722 -22.58 -8.57 13.79
N ILE B 723 -21.47 -7.94 13.46
CA ILE B 723 -20.86 -6.88 14.28
C ILE B 723 -20.86 -5.58 13.48
N GLU B 724 -20.65 -4.48 14.19
CA GLU B 724 -20.51 -3.18 13.56
C GLU B 724 -19.09 -2.98 13.03
N LYS B 725 -18.98 -2.51 11.77
CA LYS B 725 -17.78 -1.83 11.26
C LYS B 725 -17.36 -0.67 12.19
#